data_7RGB
#
_entry.id   7RGB
#
_cell.length_a   76.372
_cell.length_b   72.186
_cell.length_c   139.626
_cell.angle_alpha   90.000
_cell.angle_beta   98.440
_cell.angle_gamma   90.000
#
_symmetry.space_group_name_H-M   'P 1 21 1'
#
loop_
_entity.id
_entity.type
_entity.pdbx_description
1 polymer 'Aminotran_1_2 domain-containing protein'
2 non-polymer 2-[BIS-(2-HYDROXY-ETHYL)-AMINO]-2-HYDROXYMETHYL-PROPANE-1,3-DIOL
3 non-polymer 1,2-ETHANEDIOL
4 non-polymer '(2Z,4E)-5-carbamimidamido-2-iminopent-4-enoic acid'
5 water water
#
_entity_poly.entity_id   1
_entity_poly.type   'polypeptide(L)'
_entity_poly.pdbx_seq_one_letter_code
;MNTDRYDSLTEVEVEGLSYLYNFADGHAYHDINEHYVDIINNLQRYWQEGKDHSIPDMEKAFKNQFAELIDSSTLHSTNH
FSVCPTASNSIDIVAAWLHKENKRTALIEPAFDNLYLLLKRRGVDISAFDELALKNEHQLAQIVSSGDIDALFLVNPNNP
TGLEMTESEFVYLVEQCKAHNITILLDRTFRIYGKTNFDDYQILEQSGIDYVVIEDTG(LLP)TWPTQDLKISLMVYSEA
ISSTMRLLYEEIFLCSSNFALALLKQFVAVTAKFGVDATIKNEVRRRSETINDALAGTGLKVFDNDEKCQLPLCWIDISA
TGYDDVSFAARLKEHDIAVLPGRFFYWNSKSQHTQFIRVSLMKPDAEFYEGIGKLKEAVTRILEKLEHHHHHH
;
_entity_poly.pdbx_strand_id   A,B,C,D
#
# COMPACT_ATOMS: atom_id res chain seq x y z
N TYR A 6 -2.53 -9.55 -8.40
CA TYR A 6 -2.78 -10.93 -8.02
C TYR A 6 -3.41 -11.04 -6.64
N ASP A 7 -4.42 -11.89 -6.51
CA ASP A 7 -5.06 -12.10 -5.21
C ASP A 7 -4.17 -12.93 -4.28
N SER A 8 -3.55 -13.99 -4.81
CA SER A 8 -2.87 -14.95 -3.98
C SER A 8 -1.78 -15.65 -4.80
N LEU A 9 -0.89 -16.34 -4.08
CA LEU A 9 0.06 -17.22 -4.75
C LEU A 9 -0.66 -18.30 -5.55
N THR A 10 -1.77 -18.82 -5.01
CA THR A 10 -2.51 -19.87 -5.68
C THR A 10 -3.06 -19.41 -7.03
N GLU A 11 -3.43 -18.14 -7.15
CA GLU A 11 -3.88 -17.64 -8.45
C GLU A 11 -2.75 -17.64 -9.46
N VAL A 12 -1.54 -17.23 -9.05
CA VAL A 12 -0.37 -17.36 -9.90
C VAL A 12 -0.11 -18.83 -10.21
N GLU A 13 -0.40 -19.72 -9.26
CA GLU A 13 -0.16 -21.15 -9.46
C GLU A 13 -1.14 -21.73 -10.47
N VAL A 14 -2.43 -21.39 -10.33
CA VAL A 14 -3.43 -21.87 -11.29
C VAL A 14 -3.14 -21.30 -12.68
N GLU A 15 -2.63 -20.07 -12.73
CA GLU A 15 -2.21 -19.50 -14.01
C GLU A 15 -1.05 -20.31 -14.59
N GLY A 16 -0.10 -20.70 -13.74
CA GLY A 16 1.06 -21.45 -14.20
C GLY A 16 0.76 -22.84 -14.69
N LEU A 17 -0.40 -23.40 -14.33
CA LEU A 17 -0.75 -24.74 -14.77
C LEU A 17 -0.96 -24.82 -16.28
N SER A 18 -1.05 -23.68 -16.98
CA SER A 18 -1.28 -23.65 -18.41
C SER A 18 -0.03 -23.28 -19.19
N TYR A 19 1.14 -23.29 -18.56
CA TYR A 19 2.40 -22.91 -19.18
C TYR A 19 3.27 -24.13 -19.47
N LEU A 20 4.14 -24.00 -20.46
CA LEU A 20 4.96 -25.13 -20.88
C LEU A 20 5.94 -25.54 -19.79
N TYR A 21 6.55 -24.57 -19.12
CA TYR A 21 7.53 -24.80 -18.06
C TYR A 21 6.98 -24.18 -16.78
N ASN A 22 6.30 -24.99 -15.98
CA ASN A 22 5.64 -24.52 -14.77
C ASN A 22 6.52 -24.79 -13.56
N PHE A 23 7.08 -23.73 -13.00
CA PHE A 23 7.85 -23.80 -11.75
C PHE A 23 7.15 -23.06 -10.61
N ALA A 24 5.85 -22.85 -10.71
CA ALA A 24 5.11 -22.06 -9.72
C ALA A 24 4.83 -22.86 -8.46
N ASP A 25 3.78 -23.69 -8.48
CA ASP A 25 3.44 -24.48 -7.30
C ASP A 25 4.55 -25.48 -6.99
N GLY A 26 4.69 -25.79 -5.71
CA GLY A 26 5.70 -26.68 -5.21
C GLY A 26 5.27 -28.12 -5.01
N HIS A 27 4.07 -28.48 -5.44
CA HIS A 27 3.58 -29.85 -5.26
C HIS A 27 4.54 -30.85 -5.90
N ALA A 28 4.57 -32.06 -5.35
CA ALA A 28 5.49 -33.09 -5.79
C ALA A 28 4.95 -33.72 -7.08
N TYR A 29 5.59 -33.43 -8.20
CA TYR A 29 5.12 -33.92 -9.49
C TYR A 29 6.26 -34.48 -10.35
N HIS A 30 7.36 -34.91 -9.74
CA HIS A 30 8.45 -35.48 -10.51
C HIS A 30 8.17 -36.95 -10.84
N ASP A 31 8.99 -37.50 -11.73
CA ASP A 31 8.80 -38.87 -12.17
C ASP A 31 9.08 -39.86 -11.04
N ILE A 32 8.41 -41.00 -11.11
CA ILE A 32 8.62 -42.07 -10.15
C ILE A 32 10.01 -42.66 -10.36
N ASN A 33 10.81 -42.66 -9.30
CA ASN A 33 12.21 -43.14 -9.37
C ASN A 33 12.24 -44.66 -9.39
N GLU A 34 13.44 -45.22 -9.51
CA GLU A 34 13.63 -46.68 -9.61
C GLU A 34 13.04 -47.39 -8.40
N HIS A 35 13.21 -46.82 -7.21
CA HIS A 35 12.68 -47.38 -5.95
C HIS A 35 11.16 -47.42 -5.85
N TYR A 36 10.42 -46.46 -6.39
CA TYR A 36 8.95 -46.46 -6.18
C TYR A 36 8.20 -47.13 -7.34
N VAL A 37 8.90 -47.57 -8.37
CA VAL A 37 8.25 -48.15 -9.54
C VAL A 37 7.38 -49.34 -9.16
N ASP A 38 7.85 -50.16 -8.21
CA ASP A 38 7.11 -51.35 -7.84
C ASP A 38 5.77 -51.01 -7.19
N ILE A 39 5.65 -49.84 -6.58
CA ILE A 39 4.39 -49.43 -5.99
C ILE A 39 3.34 -49.22 -7.08
N ILE A 40 3.71 -48.52 -8.14
CA ILE A 40 2.76 -48.28 -9.24
C ILE A 40 2.55 -49.55 -10.05
N ASN A 41 3.58 -50.38 -10.17
CA ASN A 41 3.42 -51.66 -10.86
C ASN A 41 2.42 -52.56 -10.15
N ASN A 42 2.19 -52.36 -8.85
CA ASN A 42 1.30 -53.18 -8.07
C ASN A 42 0.27 -52.32 -7.34
N LEU A 43 -0.40 -51.43 -8.10
CA LEU A 43 -1.42 -50.58 -7.50
C LEU A 43 -2.59 -51.39 -6.98
N GLN A 44 -2.83 -52.58 -7.54
CA GLN A 44 -3.96 -53.40 -7.12
C GLN A 44 -3.78 -53.93 -5.71
N ARG A 45 -2.54 -54.23 -5.30
CA ARG A 45 -2.32 -54.73 -3.95
C ARG A 45 -2.72 -53.69 -2.91
N TYR A 46 -2.46 -52.42 -3.20
CA TYR A 46 -2.82 -51.37 -2.25
C TYR A 46 -4.29 -50.98 -2.36
N TRP A 47 -4.91 -51.20 -3.52
CA TRP A 47 -6.37 -51.13 -3.60
C TRP A 47 -7.01 -52.22 -2.75
N GLN A 48 -6.46 -53.44 -2.82
CA GLN A 48 -7.00 -54.55 -2.04
C GLN A 48 -6.67 -54.43 -0.56
N GLU A 49 -5.52 -53.81 -0.23
CA GLU A 49 -5.16 -53.64 1.17
C GLU A 49 -6.11 -52.68 1.87
N GLY A 50 -6.45 -51.57 1.21
CA GLY A 50 -7.44 -50.66 1.79
C GLY A 50 -8.82 -51.27 1.89
N LYS A 51 -9.14 -52.19 0.98
CA LYS A 51 -10.44 -52.86 1.04
C LYS A 51 -10.50 -53.89 2.17
N ASP A 52 -9.37 -54.51 2.50
CA ASP A 52 -9.34 -55.59 3.48
C ASP A 52 -9.13 -55.11 4.91
N HIS A 53 -8.80 -53.84 5.11
CA HIS A 53 -8.60 -53.29 6.43
C HIS A 53 -9.62 -52.21 6.71
N SER A 54 -10.04 -52.12 7.97
CA SER A 54 -11.01 -51.10 8.37
C SER A 54 -10.40 -49.71 8.23
N ILE A 55 -11.28 -48.71 8.30
CA ILE A 55 -10.84 -47.31 8.23
C ILE A 55 -10.07 -46.94 9.49
N PRO A 56 -10.54 -47.28 10.70
CA PRO A 56 -9.70 -47.01 11.89
C PRO A 56 -8.34 -47.66 11.84
N ASP A 57 -8.25 -48.91 11.34
CA ASP A 57 -6.97 -49.62 11.36
C ASP A 57 -6.00 -49.03 10.33
N MET A 58 -6.48 -48.71 9.14
CA MET A 58 -5.59 -48.13 8.12
C MET A 58 -5.06 -46.77 8.55
N GLU A 59 -5.83 -46.02 9.35
CA GLU A 59 -5.35 -44.74 9.84
C GLU A 59 -4.16 -44.90 10.78
N LYS A 60 -4.22 -45.89 11.66
CA LYS A 60 -3.09 -46.13 12.56
C LYS A 60 -1.92 -46.76 11.81
N ALA A 61 -2.21 -47.64 10.85
CA ALA A 61 -1.14 -48.24 10.06
C ALA A 61 -0.30 -47.18 9.37
N PHE A 62 -0.94 -46.18 8.76
CA PHE A 62 -0.16 -45.12 8.11
C PHE A 62 0.54 -44.24 9.14
N LYS A 63 -0.11 -43.95 10.26
CA LYS A 63 0.48 -43.07 11.25
C LYS A 63 1.73 -43.70 11.86
N ASN A 64 1.65 -44.98 12.22
CA ASN A 64 2.78 -45.66 12.84
C ASN A 64 3.87 -45.96 11.81
N GLN A 65 3.50 -46.16 10.55
CA GLN A 65 4.51 -46.28 9.50
C GLN A 65 5.30 -44.99 9.37
N PHE A 66 4.60 -43.85 9.41
CA PHE A 66 5.29 -42.56 9.39
C PHE A 66 6.08 -42.33 10.66
N ALA A 67 5.57 -42.80 11.80
CA ALA A 67 6.30 -42.67 13.06
C ALA A 67 7.60 -43.48 13.04
N GLU A 68 7.58 -44.63 12.37
CA GLU A 68 8.82 -45.39 12.21
C GLU A 68 9.81 -44.66 11.32
N LEU A 69 9.28 -44.01 10.29
CA LEU A 69 10.12 -43.26 9.35
C LEU A 69 10.79 -42.11 10.08
N ILE A 70 10.06 -41.40 10.93
CA ILE A 70 10.67 -40.24 11.62
C ILE A 70 11.21 -40.67 12.97
N ASP A 71 11.13 -41.95 13.29
CA ASP A 71 11.68 -42.43 14.58
C ASP A 71 11.13 -41.64 15.75
N SER A 72 9.80 -41.55 15.86
CA SER A 72 9.18 -40.90 17.03
C SER A 72 8.26 -41.90 17.73
N SER A 73 8.63 -42.31 18.93
CA SER A 73 7.81 -43.20 19.75
C SER A 73 6.56 -42.46 20.23
N THR A 74 6.67 -41.17 20.50
CA THR A 74 5.51 -40.42 21.00
C THR A 74 4.39 -40.45 19.97
N LEU A 75 4.72 -40.24 18.70
CA LEU A 75 3.70 -40.28 17.63
C LEU A 75 3.15 -41.70 17.50
N HIS A 76 4.01 -42.69 17.63
CA HIS A 76 3.55 -44.07 17.47
C HIS A 76 2.52 -44.44 18.53
N SER A 77 2.65 -43.91 19.74
CA SER A 77 1.77 -44.32 20.84
C SER A 77 0.55 -43.41 21.01
N THR A 78 0.52 -42.24 20.38
CA THR A 78 -0.63 -41.38 20.52
C THR A 78 -1.74 -41.78 19.57
N ASN A 79 -2.98 -41.60 20.02
CA ASN A 79 -4.16 -41.82 19.17
C ASN A 79 -5.03 -40.58 19.07
N HIS A 80 -4.47 -39.41 19.37
CA HIS A 80 -5.16 -38.13 19.22
C HIS A 80 -4.76 -37.53 17.88
N PHE A 81 -5.43 -37.96 16.82
CA PHE A 81 -5.09 -37.47 15.49
C PHE A 81 -6.26 -37.69 14.54
N SER A 82 -6.22 -36.96 13.43
CA SER A 82 -7.18 -37.10 12.35
C SER A 82 -6.42 -37.12 11.03
N VAL A 83 -7.05 -37.68 9.99
CA VAL A 83 -6.46 -37.80 8.68
C VAL A 83 -7.30 -37.00 7.70
N CYS A 84 -6.71 -35.94 7.11
CA CYS A 84 -7.37 -35.11 6.11
C CYS A 84 -6.80 -35.40 4.72
N PRO A 85 -7.60 -35.22 3.67
CA PRO A 85 -7.06 -35.42 2.30
C PRO A 85 -5.97 -34.43 1.91
N THR A 86 -5.99 -33.21 2.45
CA THR A 86 -4.96 -32.22 2.15
C THR A 86 -4.47 -31.57 3.45
N ALA A 87 -3.24 -31.09 3.42
CA ALA A 87 -2.69 -30.39 4.59
C ALA A 87 -3.38 -29.05 4.79
N SER A 88 -3.85 -28.41 3.72
CA SER A 88 -4.60 -27.18 3.87
C SER A 88 -5.93 -27.41 4.58
N ASN A 89 -6.55 -28.57 4.34
CA ASN A 89 -7.75 -28.94 5.09
C ASN A 89 -7.48 -28.99 6.59
N SER A 90 -6.27 -29.38 6.97
CA SER A 90 -5.91 -29.40 8.39
C SER A 90 -5.64 -28.00 8.91
N ILE A 91 -5.00 -27.14 8.11
CA ILE A 91 -4.79 -25.77 8.56
C ILE A 91 -6.13 -25.07 8.75
N ASP A 92 -7.10 -25.38 7.89
CA ASP A 92 -8.41 -24.74 7.98
C ASP A 92 -9.14 -25.13 9.26
N ILE A 93 -9.10 -26.41 9.62
CA ILE A 93 -9.72 -26.86 10.86
C ILE A 93 -8.99 -26.26 12.07
N VAL A 94 -7.67 -26.17 12.00
CA VAL A 94 -6.90 -25.49 13.04
C VAL A 94 -7.28 -24.02 13.08
N ALA A 95 -7.56 -23.42 11.92
CA ALA A 95 -8.02 -22.04 11.88
C ALA A 95 -9.36 -21.89 12.59
N ALA A 96 -10.28 -22.83 12.35
CA ALA A 96 -11.58 -22.80 13.01
C ALA A 96 -11.44 -23.01 14.52
N TRP A 97 -10.48 -23.83 14.95
CA TRP A 97 -10.27 -24.06 16.38
C TRP A 97 -9.72 -22.80 17.05
N LEU A 98 -8.77 -22.13 16.40
CA LEU A 98 -8.19 -20.91 16.97
C LEU A 98 -9.26 -19.84 17.15
N HIS A 99 -10.19 -19.75 16.20
CA HIS A 99 -11.27 -18.77 16.32
C HIS A 99 -12.30 -19.21 17.36
N LYS A 100 -12.62 -20.50 17.39
CA LYS A 100 -13.60 -20.99 18.35
C LYS A 100 -13.13 -20.80 19.79
N GLU A 101 -11.84 -21.01 20.04
CA GLU A 101 -11.29 -20.87 21.39
C GLU A 101 -10.79 -19.47 21.67
N ASN A 102 -10.96 -18.53 20.74
CA ASN A 102 -10.55 -17.14 20.92
C ASN A 102 -9.07 -17.03 21.28
N LYS A 103 -8.22 -17.47 20.35
CA LYS A 103 -6.78 -17.43 20.52
C LYS A 103 -6.19 -16.40 19.56
N ARG A 104 -5.49 -15.42 20.12
CA ARG A 104 -4.78 -14.44 19.31
C ARG A 104 -3.49 -15.08 18.80
N THR A 105 -3.48 -15.41 17.51
CA THR A 105 -2.42 -16.22 16.93
C THR A 105 -1.38 -15.34 16.25
N ALA A 106 -0.11 -15.52 16.61
CA ALA A 106 1.00 -14.94 15.88
C ALA A 106 1.43 -15.92 14.79
N LEU A 107 1.31 -15.48 13.54
CA LEU A 107 1.66 -16.31 12.39
C LEU A 107 3.06 -15.98 11.90
N ILE A 108 3.81 -17.03 11.56
CA ILE A 108 5.18 -16.84 11.10
C ILE A 108 5.19 -16.06 9.78
N GLU A 109 6.23 -15.23 9.60
CA GLU A 109 6.45 -14.46 8.39
C GLU A 109 7.94 -14.54 8.08
N PRO A 110 8.33 -14.98 6.88
CA PRO A 110 7.40 -15.31 5.78
C PRO A 110 6.77 -16.69 5.91
N ALA A 111 5.67 -16.89 5.20
CA ALA A 111 5.00 -18.17 5.13
C ALA A 111 4.17 -18.20 3.87
N PHE A 112 3.73 -19.38 3.48
CA PHE A 112 2.86 -19.52 2.30
C PHE A 112 1.56 -18.79 2.59
N ASP A 113 1.16 -17.95 1.66
CA ASP A 113 0.08 -16.96 1.86
C ASP A 113 -1.23 -17.62 2.26
N ASN A 114 -1.52 -18.80 1.78
CA ASN A 114 -2.80 -19.47 2.09
C ASN A 114 -3.00 -19.72 3.59
N LEU A 115 -1.95 -19.93 4.37
CA LEU A 115 -2.11 -20.14 5.82
C LEU A 115 -2.73 -18.88 6.42
N TYR A 116 -2.18 -17.74 6.03
CA TYR A 116 -2.68 -16.43 6.48
C TYR A 116 -4.09 -16.22 5.96
N LEU A 117 -4.33 -16.56 4.70
CA LEU A 117 -5.68 -16.36 4.13
C LEU A 117 -6.70 -17.23 4.86
N LEU A 118 -6.37 -18.46 5.15
CA LEU A 118 -7.29 -19.37 5.88
C LEU A 118 -7.51 -18.88 7.31
N LEU A 119 -6.45 -18.38 7.94
CA LEU A 119 -6.55 -17.88 9.32
C LEU A 119 -7.47 -16.66 9.34
N LYS A 120 -7.37 -15.82 8.31
CA LYS A 120 -8.18 -14.61 8.25
C LYS A 120 -9.63 -14.94 7.86
N ARG A 121 -9.82 -15.89 6.95
CA ARG A 121 -11.17 -16.24 6.53
C ARG A 121 -11.99 -16.79 7.69
N ARG A 122 -11.35 -17.46 8.64
CA ARG A 122 -12.03 -18.02 9.78
C ARG A 122 -12.13 -17.05 10.96
N GLY A 123 -11.68 -15.81 10.79
CA GLY A 123 -11.87 -14.80 11.82
C GLY A 123 -10.91 -14.86 12.99
N VAL A 124 -9.63 -15.13 12.74
CA VAL A 124 -8.62 -15.23 13.78
C VAL A 124 -7.87 -13.91 13.86
N ASP A 125 -7.58 -13.47 15.09
CA ASP A 125 -6.80 -12.27 15.33
C ASP A 125 -5.33 -12.59 15.07
N ILE A 126 -4.86 -12.27 13.87
CA ILE A 126 -3.54 -12.67 13.40
C ILE A 126 -2.52 -11.59 13.72
N SER A 127 -1.34 -12.02 14.17
CA SER A 127 -0.20 -11.14 14.40
C SER A 127 0.98 -11.63 13.57
N ALA A 128 1.76 -10.69 13.05
CA ALA A 128 2.94 -11.05 12.29
C ALA A 128 4.08 -11.43 13.24
N PHE A 129 4.82 -12.47 12.86
CA PHE A 129 5.86 -13.04 13.72
C PHE A 129 7.08 -13.33 12.88
N ASP A 130 8.21 -12.70 13.21
CA ASP A 130 9.42 -12.85 12.43
C ASP A 130 9.95 -14.27 12.52
N GLU A 131 10.33 -14.82 11.36
CA GLU A 131 10.81 -16.20 11.31
C GLU A 131 12.14 -16.38 12.03
N LEU A 132 12.99 -15.34 12.03
CA LEU A 132 14.31 -15.45 12.64
C LEU A 132 14.26 -15.31 14.16
N ALA A 133 13.08 -15.06 14.74
CA ALA A 133 12.95 -15.10 16.18
C ALA A 133 13.09 -16.52 16.72
N LEU A 134 12.88 -17.53 15.88
CA LEU A 134 13.11 -18.92 16.29
C LEU A 134 14.58 -19.22 16.51
N LYS A 135 15.47 -18.38 15.98
CA LYS A 135 16.91 -18.54 16.17
C LYS A 135 17.53 -17.35 16.90
N ASN A 136 16.72 -16.58 17.60
CA ASN A 136 17.21 -15.50 18.46
C ASN A 136 16.40 -15.57 19.76
N GLU A 137 17.05 -16.01 20.83
CA GLU A 137 16.33 -16.25 22.09
C GLU A 137 15.68 -14.98 22.62
N HIS A 138 16.39 -13.85 22.52
CA HIS A 138 15.83 -12.60 23.04
C HIS A 138 14.62 -12.15 22.24
N GLN A 139 14.66 -12.31 20.91
CA GLN A 139 13.53 -11.87 20.09
C GLN A 139 12.28 -12.70 20.39
N LEU A 140 12.42 -14.01 20.57
CA LEU A 140 11.28 -14.86 20.87
C LEU A 140 10.71 -14.56 22.25
N ALA A 141 11.57 -14.16 23.20
CA ALA A 141 11.11 -13.92 24.56
C ALA A 141 10.18 -12.72 24.63
N GLN A 142 10.50 -11.65 23.90
CA GLN A 142 9.67 -10.44 23.96
C GLN A 142 8.28 -10.69 23.39
N ILE A 143 8.19 -11.43 22.28
CA ILE A 143 6.89 -11.72 21.68
C ILE A 143 6.09 -12.65 22.58
N VAL A 144 6.74 -13.68 23.14
CA VAL A 144 6.04 -14.63 23.98
C VAL A 144 5.59 -13.99 25.29
N SER A 145 6.38 -13.05 25.79
CA SER A 145 6.04 -12.37 27.07
C SER A 145 5.20 -11.12 26.82
N SER A 146 4.99 -10.72 25.56
CA SER A 146 4.21 -9.49 25.29
C SER A 146 2.78 -9.60 25.82
N GLY A 147 2.18 -10.78 25.74
CA GLY A 147 0.80 -10.95 26.23
C GLY A 147 -0.22 -10.53 25.22
N ASP A 148 0.21 -10.25 23.98
CA ASP A 148 -0.71 -9.90 22.89
C ASP A 148 -1.09 -11.18 22.15
N ILE A 149 -0.51 -12.32 22.50
CA ILE A 149 -0.83 -13.55 21.74
C ILE A 149 -1.10 -14.74 22.67
N ASP A 150 -1.94 -15.65 22.20
CA ASP A 150 -2.21 -16.86 22.95
C ASP A 150 -1.81 -18.12 22.19
N ALA A 151 -1.46 -18.02 20.92
CA ALA A 151 -1.07 -19.16 20.11
C ALA A 151 0.04 -18.73 19.16
N LEU A 152 0.87 -19.69 18.75
CA LEU A 152 2.00 -19.46 17.87
C LEU A 152 1.94 -20.46 16.72
N PHE A 153 1.78 -19.95 15.50
CA PHE A 153 1.65 -20.77 14.30
C PHE A 153 2.97 -20.72 13.54
N LEU A 154 3.58 -21.90 13.32
CA LEU A 154 4.91 -21.99 12.74
C LEU A 154 4.91 -22.97 11.58
N VAL A 155 5.91 -22.80 10.70
CA VAL A 155 6.21 -23.74 9.64
C VAL A 155 7.67 -24.14 9.80
N ASN A 156 7.93 -25.42 10.04
CA ASN A 156 9.29 -25.89 10.26
C ASN A 156 9.53 -27.17 9.49
N PRO A 157 10.45 -27.18 8.51
CA PRO A 157 11.22 -26.01 8.07
C PRO A 157 10.39 -25.03 7.25
N ASN A 158 10.76 -23.75 7.28
CA ASN A 158 9.90 -22.70 6.75
C ASN A 158 9.92 -22.66 5.23
N ASN A 159 8.79 -22.25 4.67
CA ASN A 159 8.58 -22.09 3.24
C ASN A 159 8.54 -20.59 2.93
N PRO A 160 9.42 -20.06 2.06
CA PRO A 160 10.42 -20.75 1.24
C PRO A 160 11.86 -20.52 1.67
N THR A 161 12.06 -20.00 2.88
CA THR A 161 13.41 -19.66 3.31
C THR A 161 14.23 -20.88 3.69
N GLY A 162 13.60 -22.02 3.96
CA GLY A 162 14.33 -23.18 4.41
C GLY A 162 14.85 -23.09 5.83
N LEU A 163 14.42 -22.09 6.60
CA LEU A 163 14.82 -21.98 7.99
C LEU A 163 14.32 -23.18 8.78
N GLU A 164 15.22 -23.78 9.57
CA GLU A 164 14.93 -24.99 10.31
C GLU A 164 15.42 -24.83 11.75
N MET A 165 14.54 -25.09 12.70
CA MET A 165 14.91 -24.98 14.10
C MET A 165 15.78 -26.17 14.52
N THR A 166 16.88 -25.87 15.20
CA THR A 166 17.66 -26.93 15.81
C THR A 166 16.94 -27.46 17.05
N GLU A 167 17.44 -28.58 17.57
CA GLU A 167 16.81 -29.18 18.75
C GLU A 167 16.86 -28.24 19.94
N SER A 168 18.00 -27.57 20.15
CA SER A 168 18.09 -26.63 21.25
C SER A 168 17.20 -25.41 21.04
N GLU A 169 16.98 -25.01 19.79
CA GLU A 169 16.08 -23.91 19.51
C GLU A 169 14.62 -24.33 19.60
N PHE A 170 14.32 -25.59 19.28
CA PHE A 170 12.95 -26.09 19.43
C PHE A 170 12.59 -26.25 20.90
N VAL A 171 13.52 -26.79 21.70
CA VAL A 171 13.26 -26.96 23.13
C VAL A 171 13.08 -25.61 23.81
N TYR A 172 13.85 -24.61 23.40
CA TYR A 172 13.73 -23.27 23.99
C TYR A 172 12.37 -22.68 23.66
N LEU A 173 11.93 -22.87 22.43
CA LEU A 173 10.62 -22.34 21.97
C LEU A 173 9.48 -22.99 22.75
N VAL A 174 9.51 -24.30 22.93
CA VAL A 174 8.40 -25.01 23.62
C VAL A 174 8.38 -24.58 25.09
N GLU A 175 9.54 -24.48 25.71
CA GLU A 175 9.58 -24.11 27.13
C GLU A 175 9.04 -22.70 27.34
N GLN A 176 9.31 -21.78 26.40
CA GLN A 176 8.80 -20.43 26.55
C GLN A 176 7.29 -20.37 26.36
N CYS A 177 6.77 -21.18 25.42
CA CYS A 177 5.33 -21.22 25.19
C CYS A 177 4.59 -21.82 26.38
N LYS A 178 5.17 -22.84 27.00
CA LYS A 178 4.56 -23.43 28.19
C LYS A 178 4.50 -22.43 29.33
N ALA A 179 5.54 -21.60 29.48
CA ALA A 179 5.58 -20.63 30.56
C ALA A 179 4.50 -19.58 30.41
N HIS A 180 4.03 -19.34 29.18
CA HIS A 180 3.02 -18.32 28.92
C HIS A 180 1.73 -18.93 28.38
N ASN A 181 1.55 -20.24 28.53
CA ASN A 181 0.33 -20.94 28.11
C ASN A 181 0.01 -20.70 26.64
N ILE A 182 1.03 -20.78 25.81
CA ILE A 182 0.88 -20.56 24.38
C ILE A 182 0.68 -21.90 23.68
N THR A 183 -0.31 -21.97 22.81
CA THR A 183 -0.53 -23.15 21.99
C THR A 183 0.34 -23.06 20.74
N ILE A 184 1.01 -24.15 20.39
CA ILE A 184 1.90 -24.18 19.24
C ILE A 184 1.22 -24.92 18.09
N LEU A 185 1.15 -24.28 16.94
CA LEU A 185 0.68 -24.89 15.71
C LEU A 185 1.89 -25.12 14.83
N LEU A 186 2.14 -26.36 14.45
CA LEU A 186 3.40 -26.78 13.84
C LEU A 186 3.14 -27.36 12.45
N ASP A 187 3.38 -26.56 11.42
CA ASP A 187 3.30 -27.05 10.04
C ASP A 187 4.62 -27.72 9.67
N ARG A 188 4.62 -29.05 9.62
CA ARG A 188 5.80 -29.83 9.29
C ARG A 188 5.70 -30.43 7.89
N THR A 189 5.19 -29.64 6.95
CA THR A 189 4.96 -30.13 5.59
C THR A 189 6.27 -30.61 4.96
N PHE A 190 7.36 -29.87 5.15
CA PHE A 190 8.65 -30.19 4.57
C PHE A 190 9.58 -30.91 5.54
N ARG A 191 9.01 -31.68 6.48
CA ARG A 191 9.81 -32.29 7.54
C ARG A 191 10.93 -33.17 6.99
N ILE A 192 10.62 -33.98 5.98
CA ILE A 192 11.61 -34.95 5.48
C ILE A 192 12.80 -34.23 4.86
N TYR A 193 12.60 -33.04 4.29
CA TYR A 193 13.70 -32.29 3.69
C TYR A 193 14.61 -31.65 4.74
N GLY A 194 14.18 -31.59 6.01
CA GLY A 194 15.00 -30.96 7.02
C GLY A 194 16.24 -31.77 7.36
N LYS A 195 17.25 -31.07 7.85
CA LYS A 195 18.52 -31.71 8.22
C LYS A 195 18.54 -32.18 9.66
N THR A 196 17.66 -31.69 10.51
CA THR A 196 17.61 -32.11 11.91
C THR A 196 17.00 -33.51 12.03
N ASN A 197 17.21 -34.13 13.19
CA ASN A 197 16.70 -35.49 13.43
C ASN A 197 16.52 -35.68 14.94
N PHE A 198 15.45 -35.09 15.47
CA PHE A 198 15.08 -35.24 16.87
C PHE A 198 13.58 -35.41 16.98
N ASP A 199 13.16 -36.03 18.08
CA ASP A 199 11.75 -36.31 18.34
C ASP A 199 11.08 -35.03 18.81
N ASP A 200 10.44 -34.31 17.88
CA ASP A 200 9.72 -33.10 18.25
C ASP A 200 8.41 -33.41 18.95
N TYR A 201 7.82 -34.59 18.69
CA TYR A 201 6.60 -34.97 19.39
C TYR A 201 6.86 -35.21 20.87
N GLN A 202 7.98 -35.83 21.21
CA GLN A 202 8.30 -36.06 22.61
C GLN A 202 8.49 -34.74 23.36
N ILE A 203 9.17 -33.78 22.72
CA ILE A 203 9.37 -32.48 23.36
C ILE A 203 8.05 -31.75 23.52
N LEU A 204 7.08 -32.00 22.64
CA LEU A 204 5.78 -31.33 22.73
C LEU A 204 4.92 -31.97 23.82
N GLU A 205 4.84 -33.30 23.86
CA GLU A 205 3.96 -33.96 24.81
C GLU A 205 4.51 -33.88 26.23
N GLN A 206 5.83 -34.02 26.40
CA GLN A 206 6.44 -33.90 27.72
C GLN A 206 6.27 -32.50 28.30
N SER A 207 6.11 -31.48 27.46
CA SER A 207 5.84 -30.14 27.95
C SER A 207 4.43 -30.00 28.50
N GLY A 208 3.50 -30.86 28.10
CA GLY A 208 2.13 -30.74 28.50
C GLY A 208 1.34 -29.66 27.81
N ILE A 209 1.97 -28.85 26.97
CA ILE A 209 1.26 -27.76 26.30
C ILE A 209 0.27 -28.31 25.31
N ASP A 210 -0.65 -27.46 24.88
CA ASP A 210 -1.55 -27.78 23.79
C ASP A 210 -0.87 -27.42 22.47
N TYR A 211 -1.01 -28.32 21.50
CA TYR A 211 -0.34 -28.16 20.22
C TYR A 211 -1.16 -28.85 19.13
N VAL A 212 -0.87 -28.47 17.88
CA VAL A 212 -1.30 -29.23 16.72
C VAL A 212 -0.13 -29.31 15.77
N VAL A 213 0.19 -30.52 15.32
CA VAL A 213 1.24 -30.76 14.33
C VAL A 213 0.58 -31.26 13.06
N ILE A 214 0.93 -30.66 11.93
CA ILE A 214 0.38 -31.00 10.63
C ILE A 214 1.49 -31.62 9.78
N GLU A 215 1.22 -32.82 9.27
CA GLU A 215 2.11 -33.49 8.34
C GLU A 215 1.49 -33.47 6.95
N ASP A 216 2.28 -33.84 5.95
CA ASP A 216 1.80 -33.79 4.58
C ASP A 216 2.71 -34.61 3.68
N THR A 217 2.10 -35.29 2.70
CA THR A 217 2.83 -36.05 1.70
C THR A 217 3.00 -35.32 0.38
N GLY A 218 2.25 -34.24 0.16
CA GLY A 218 2.20 -33.58 -1.14
C GLY A 218 3.44 -32.86 -1.61
N THR A 220 6.47 -34.13 -0.99
CA THR A 220 7.53 -35.11 -0.83
C THR A 220 7.42 -36.26 -1.82
N TRP A 221 6.28 -36.96 -1.80
CA TRP A 221 6.08 -38.12 -2.67
C TRP A 221 5.12 -37.80 -3.79
N PRO A 222 5.51 -38.07 -5.04
CA PRO A 222 4.68 -37.62 -6.18
C PRO A 222 3.53 -38.57 -6.48
N THR A 223 2.36 -38.32 -5.87
CA THR A 223 1.19 -39.16 -6.04
C THR A 223 0.05 -38.43 -6.74
N GLN A 224 0.39 -37.50 -7.65
CA GLN A 224 -0.60 -36.78 -8.45
C GLN A 224 -1.65 -36.09 -7.59
N ASP A 225 -1.21 -35.46 -6.50
CA ASP A 225 -2.06 -34.72 -5.57
C ASP A 225 -3.07 -35.62 -4.86
N LEU A 226 -2.85 -36.93 -4.90
CA LEU A 226 -3.55 -37.86 -4.03
C LEU A 226 -2.75 -37.91 -2.74
N LYS A 227 -3.21 -37.17 -1.73
CA LYS A 227 -2.40 -36.89 -0.56
C LYS A 227 -3.05 -37.40 0.72
N ILE A 228 -2.22 -37.45 1.77
CA ILE A 228 -2.66 -37.75 3.12
C ILE A 228 -1.97 -36.75 4.04
N SER A 229 -2.72 -36.21 5.01
CA SER A 229 -2.18 -35.20 5.91
C SER A 229 -2.51 -35.59 7.35
N LEU A 230 -1.49 -35.93 8.12
CA LEU A 230 -1.70 -36.23 9.53
C LEU A 230 -1.94 -34.94 10.29
N MET A 231 -2.94 -34.98 11.17
CA MET A 231 -3.26 -33.85 12.08
C MET A 231 -3.16 -34.41 13.50
N VAL A 232 -2.10 -34.07 14.20
CA VAL A 232 -1.85 -34.61 15.53
C VAL A 232 -1.96 -33.48 16.54
N TYR A 233 -2.57 -33.77 17.69
CA TYR A 233 -2.88 -32.73 18.66
C TYR A 233 -2.83 -33.31 20.07
N SER A 234 -2.70 -32.41 21.05
CA SER A 234 -2.63 -32.82 22.44
C SER A 234 -3.98 -33.31 22.95
N GLU A 235 -3.93 -34.06 24.05
CA GLU A 235 -5.14 -34.68 24.58
C GLU A 235 -6.15 -33.64 25.05
N ALA A 236 -5.67 -32.53 25.63
CA ALA A 236 -6.56 -31.56 26.24
C ALA A 236 -7.43 -30.82 25.23
N ILE A 237 -7.06 -30.85 23.95
CA ILE A 237 -7.86 -30.23 22.90
C ILE A 237 -8.35 -31.24 21.88
N SER A 238 -8.21 -32.53 22.16
CA SER A 238 -8.45 -33.55 21.14
C SER A 238 -9.92 -33.63 20.74
N SER A 239 -10.83 -33.61 21.73
CA SER A 239 -12.24 -33.83 21.44
C SER A 239 -12.84 -32.67 20.64
N THR A 240 -12.41 -31.45 20.92
CA THR A 240 -12.90 -30.31 20.15
C THR A 240 -12.29 -30.31 18.75
N MET A 241 -11.02 -30.69 18.63
CA MET A 241 -10.41 -30.84 17.31
C MET A 241 -11.13 -31.92 16.50
N ARG A 242 -11.46 -33.04 17.15
CA ARG A 242 -12.20 -34.09 16.46
C ARG A 242 -13.57 -33.60 16.02
N LEU A 243 -14.25 -32.85 16.89
CA LEU A 243 -15.56 -32.30 16.54
C LEU A 243 -15.50 -31.46 15.27
N LEU A 244 -14.53 -30.54 15.20
CA LEU A 244 -14.42 -29.70 14.02
C LEU A 244 -14.03 -30.48 12.78
N TYR A 245 -13.22 -31.53 12.94
CA TYR A 245 -12.84 -32.36 11.80
C TYR A 245 -14.04 -33.13 11.26
N GLU A 246 -14.91 -33.61 12.14
CA GLU A 246 -16.07 -34.40 11.69
C GLU A 246 -17.13 -33.54 11.01
N GLU A 247 -17.13 -32.22 11.23
CA GLU A 247 -18.06 -31.35 10.53
C GLU A 247 -17.81 -31.38 9.03
N ILE A 248 -16.59 -31.68 8.62
CA ILE A 248 -16.23 -31.74 7.21
C ILE A 248 -16.07 -33.18 6.77
N PHE A 249 -15.15 -33.91 7.42
CA PHE A 249 -14.76 -35.23 6.98
C PHE A 249 -15.26 -36.30 7.95
N LEU A 250 -15.72 -37.41 7.38
CA LEU A 250 -15.89 -38.64 8.15
C LEU A 250 -14.61 -39.44 8.18
N CYS A 251 -13.90 -39.48 7.05
CA CYS A 251 -12.65 -40.20 6.90
C CYS A 251 -11.97 -39.71 5.63
N SER A 252 -10.74 -40.17 5.46
CA SER A 252 -10.05 -40.12 4.17
C SER A 252 -9.99 -41.52 3.58
N SER A 253 -9.49 -41.62 2.36
CA SER A 253 -9.62 -42.84 1.57
C SER A 253 -8.61 -43.90 2.00
N ASN A 254 -9.11 -45.10 2.32
CA ASN A 254 -8.23 -46.19 2.69
C ASN A 254 -7.26 -46.54 1.55
N PHE A 255 -7.70 -46.34 0.30
CA PHE A 255 -6.81 -46.57 -0.83
C PHE A 255 -5.62 -45.62 -0.79
N ALA A 256 -5.88 -44.32 -0.59
CA ALA A 256 -4.80 -43.35 -0.47
C ALA A 256 -3.92 -43.68 0.72
N LEU A 257 -4.52 -44.09 1.84
CA LEU A 257 -3.74 -44.45 3.01
C LEU A 257 -2.81 -45.63 2.75
N ALA A 258 -3.27 -46.60 1.95
CA ALA A 258 -2.43 -47.76 1.64
C ALA A 258 -1.32 -47.38 0.66
N LEU A 259 -1.64 -46.58 -0.35
CA LEU A 259 -0.63 -46.17 -1.32
C LEU A 259 0.51 -45.41 -0.65
N LEU A 260 0.18 -44.35 0.09
CA LEU A 260 1.21 -43.52 0.69
C LEU A 260 1.93 -44.24 1.82
N LYS A 261 1.26 -45.20 2.47
CA LYS A 261 1.95 -46.02 3.48
C LYS A 261 3.12 -46.76 2.87
N GLN A 262 2.99 -47.18 1.61
CA GLN A 262 4.09 -47.86 0.93
C GLN A 262 5.19 -46.88 0.56
N PHE A 263 4.80 -45.67 0.09
CA PHE A 263 5.80 -44.67 -0.25
C PHE A 263 6.66 -44.32 0.95
N VAL A 264 6.05 -44.22 2.13
CA VAL A 264 6.79 -43.95 3.35
C VAL A 264 7.64 -45.15 3.75
N ALA A 265 7.06 -46.35 3.64
CA ALA A 265 7.80 -47.56 4.00
C ALA A 265 9.00 -47.78 3.08
N VAL A 266 8.85 -47.46 1.79
CA VAL A 266 9.96 -47.60 0.85
C VAL A 266 11.02 -46.55 1.12
N THR A 267 10.59 -45.33 1.47
CA THR A 267 11.56 -44.29 1.81
C THR A 267 12.38 -44.68 3.04
N ALA A 268 11.73 -45.34 3.99
CA ALA A 268 12.38 -45.79 5.22
C ALA A 268 13.40 -46.89 4.91
N LYS A 269 13.04 -47.80 4.02
CA LYS A 269 13.88 -48.96 3.64
C LYS A 269 15.15 -48.57 2.87
N PHE A 270 15.05 -47.73 1.84
CA PHE A 270 16.27 -47.36 1.06
C PHE A 270 16.87 -46.07 1.59
N GLY A 271 16.17 -45.39 2.49
CA GLY A 271 16.67 -44.12 3.06
C GLY A 271 16.17 -42.88 2.34
N VAL A 272 16.15 -41.74 3.02
CA VAL A 272 15.66 -40.47 2.43
C VAL A 272 16.56 -39.96 1.31
N ASP A 273 17.88 -40.03 1.48
CA ASP A 273 18.78 -39.50 0.43
C ASP A 273 18.57 -40.27 -0.86
N ALA A 274 18.52 -41.57 -0.75
CA ALA A 274 18.39 -42.40 -1.96
C ALA A 274 17.07 -42.11 -2.65
N THR A 275 16.01 -41.90 -1.89
CA THR A 275 14.69 -41.76 -2.48
C THR A 275 14.22 -40.31 -2.61
N ILE A 276 14.76 -39.39 -1.81
CA ILE A 276 14.24 -38.02 -1.79
C ILE A 276 15.35 -37.00 -1.97
N LYS A 277 16.30 -36.98 -1.05
CA LYS A 277 17.21 -35.83 -0.95
C LYS A 277 18.22 -35.79 -2.08
N ASN A 278 18.61 -36.94 -2.62
CA ASN A 278 19.64 -36.95 -3.66
C ASN A 278 19.15 -36.26 -4.93
N GLU A 279 17.94 -36.60 -5.39
CA GLU A 279 17.43 -35.97 -6.60
C GLU A 279 17.16 -34.48 -6.39
N VAL A 280 16.72 -34.10 -5.20
CA VAL A 280 16.53 -32.69 -4.90
C VAL A 280 17.86 -31.94 -5.02
N ARG A 281 18.93 -32.53 -4.48
CA ARG A 281 20.24 -31.86 -4.55
C ARG A 281 20.75 -31.77 -5.98
N ARG A 282 20.46 -32.78 -6.81
CA ARG A 282 20.85 -32.70 -8.20
C ARG A 282 20.11 -31.56 -8.91
N ARG A 283 18.81 -31.42 -8.64
CA ARG A 283 18.04 -30.35 -9.25
C ARG A 283 18.43 -28.98 -8.70
N SER A 284 18.89 -28.94 -7.45
CA SER A 284 19.35 -27.67 -6.87
C SER A 284 20.67 -27.24 -7.51
N GLU A 285 21.55 -28.20 -7.80
CA GLU A 285 22.82 -27.86 -8.43
C GLU A 285 22.62 -27.37 -9.86
N THR A 286 21.58 -27.86 -10.54
CA THR A 286 21.32 -27.43 -11.92
C THR A 286 20.98 -25.95 -11.99
N ILE A 287 20.04 -25.49 -11.15
CA ILE A 287 19.66 -24.09 -11.18
C ILE A 287 20.80 -23.20 -10.71
N ASN A 288 21.57 -23.66 -9.73
CA ASN A 288 22.75 -22.91 -9.29
C ASN A 288 23.75 -22.76 -10.42
N ASP A 289 24.03 -23.86 -11.13
CA ASP A 289 24.97 -23.80 -12.24
C ASP A 289 24.40 -23.04 -13.43
N ALA A 290 23.07 -23.05 -13.59
CA ALA A 290 22.46 -22.29 -14.68
C ALA A 290 22.45 -20.79 -14.38
N LEU A 291 22.19 -20.41 -13.12
CA LEU A 291 22.06 -19.02 -12.74
C LEU A 291 23.32 -18.44 -12.10
N ALA A 292 24.47 -19.06 -12.35
CA ALA A 292 25.74 -18.53 -11.87
C ALA A 292 26.22 -17.43 -12.81
N GLY A 293 26.55 -16.27 -12.25
CA GLY A 293 26.99 -15.15 -13.06
C GLY A 293 25.88 -14.44 -13.78
N THR A 294 24.71 -14.29 -13.16
CA THR A 294 23.58 -13.65 -13.79
C THR A 294 23.10 -12.40 -13.08
N GLY A 295 23.63 -12.10 -11.90
CA GLY A 295 23.01 -11.13 -11.03
C GLY A 295 21.89 -11.69 -10.17
N LEU A 296 21.39 -12.89 -10.49
CA LEU A 296 20.37 -13.54 -9.67
C LEU A 296 21.07 -14.32 -8.56
N LYS A 297 20.85 -13.91 -7.32
CA LYS A 297 21.50 -14.52 -6.16
C LYS A 297 20.57 -15.57 -5.55
N VAL A 298 21.01 -16.81 -5.51
CA VAL A 298 20.23 -17.89 -4.91
C VAL A 298 20.38 -17.83 -3.40
N PHE A 299 19.26 -17.77 -2.70
CA PHE A 299 19.27 -17.70 -1.25
C PHE A 299 19.90 -18.95 -0.65
N ASP A 300 20.90 -18.75 0.21
CA ASP A 300 21.59 -19.86 0.86
C ASP A 300 22.25 -19.35 2.12
N ASN A 301 22.41 -20.24 3.10
CA ASN A 301 23.04 -19.88 4.36
C ASN A 301 24.06 -20.94 4.79
N LYS A 304 20.21 -23.39 7.43
CA LYS A 304 19.15 -23.55 6.45
C LYS A 304 19.25 -24.92 5.77
N CYS A 305 18.10 -25.57 5.57
CA CYS A 305 18.04 -26.84 4.87
C CYS A 305 17.71 -26.61 3.39
N GLN A 306 17.79 -27.68 2.62
CA GLN A 306 17.51 -27.61 1.18
C GLN A 306 16.09 -28.14 0.92
N LEU A 307 15.21 -27.24 0.52
CA LEU A 307 13.84 -27.56 0.16
C LEU A 307 13.75 -27.89 -1.32
N PRO A 308 12.65 -28.54 -1.76
CA PRO A 308 12.42 -28.68 -3.19
C PRO A 308 11.97 -27.37 -3.83
N LEU A 309 12.50 -26.25 -3.35
CA LEU A 309 12.22 -24.92 -3.87
C LEU A 309 13.51 -24.12 -3.90
N CYS A 310 13.52 -23.05 -4.71
CA CYS A 310 14.70 -22.19 -4.86
C CYS A 310 14.29 -20.73 -4.69
N TRP A 311 14.78 -20.09 -3.64
CA TRP A 311 14.52 -18.70 -3.32
C TRP A 311 15.58 -17.82 -3.98
N ILE A 312 15.17 -16.97 -4.91
CA ILE A 312 16.10 -16.28 -5.81
C ILE A 312 15.97 -14.77 -5.62
N ASP A 313 17.10 -14.14 -5.26
CA ASP A 313 17.18 -12.69 -5.20
C ASP A 313 17.51 -12.15 -6.59
N ILE A 314 16.64 -11.29 -7.11
CA ILE A 314 16.81 -10.74 -8.45
C ILE A 314 17.02 -9.23 -8.38
N SER A 315 17.60 -8.76 -7.27
CA SER A 315 17.84 -7.33 -7.10
C SER A 315 18.70 -6.77 -8.24
N ALA A 316 19.75 -7.50 -8.63
CA ALA A 316 20.64 -7.01 -9.67
C ALA A 316 19.95 -6.96 -11.03
N THR A 317 18.86 -7.69 -11.21
CA THR A 317 18.17 -7.69 -12.51
C THR A 317 17.51 -6.36 -12.81
N GLY A 318 17.26 -5.53 -11.80
CA GLY A 318 16.55 -4.28 -11.98
C GLY A 318 15.04 -4.40 -11.94
N TYR A 319 14.48 -5.56 -12.22
CA TYR A 319 13.05 -5.77 -12.17
C TYR A 319 12.61 -6.04 -10.73
N ASP A 320 11.30 -5.91 -10.50
CA ASP A 320 10.71 -6.39 -9.27
C ASP A 320 10.22 -7.82 -9.50
N ASP A 321 9.67 -8.44 -8.44
CA ASP A 321 9.29 -9.84 -8.54
C ASP A 321 8.19 -10.05 -9.59
N VAL A 322 7.17 -9.19 -9.59
CA VAL A 322 6.00 -9.44 -10.43
C VAL A 322 6.33 -9.25 -11.91
N SER A 323 7.00 -8.15 -12.24
CA SER A 323 7.30 -7.86 -13.65
C SER A 323 8.37 -8.79 -14.22
N PHE A 324 9.35 -9.20 -13.40
CA PHE A 324 10.30 -10.20 -13.87
C PHE A 324 9.61 -11.53 -14.13
N ALA A 325 8.62 -11.87 -13.31
CA ALA A 325 7.83 -13.06 -13.57
C ALA A 325 6.98 -12.89 -14.83
N ALA A 326 6.47 -11.67 -15.06
CA ALA A 326 5.72 -11.40 -16.27
C ALA A 326 6.61 -11.52 -17.50
N ARG A 327 7.88 -11.14 -17.37
CA ARG A 327 8.82 -11.30 -18.48
C ARG A 327 9.09 -12.77 -18.75
N LEU A 328 9.25 -13.57 -17.69
CA LEU A 328 9.46 -14.99 -17.86
C LEU A 328 8.25 -15.67 -18.50
N LYS A 329 7.04 -15.19 -18.19
CA LYS A 329 5.84 -15.81 -18.73
C LYS A 329 5.75 -15.67 -20.25
N GLU A 330 6.34 -14.61 -20.81
CA GLU A 330 6.35 -14.45 -22.26
C GLU A 330 7.28 -15.45 -22.94
N HIS A 331 8.23 -16.02 -22.21
CA HIS A 331 9.04 -17.14 -22.69
C HIS A 331 8.54 -18.47 -22.15
N ASP A 332 7.27 -18.54 -21.78
CA ASP A 332 6.59 -19.78 -21.38
C ASP A 332 7.20 -20.40 -20.12
N ILE A 333 7.52 -19.56 -19.15
CA ILE A 333 8.06 -20.00 -17.86
C ILE A 333 7.27 -19.33 -16.76
N ALA A 334 6.69 -20.12 -15.87
CA ALA A 334 5.88 -19.62 -14.77
C ALA A 334 6.64 -19.78 -13.46
N VAL A 335 6.84 -18.67 -12.75
CA VAL A 335 7.47 -18.66 -11.44
C VAL A 335 6.60 -17.86 -10.48
N LEU A 336 6.90 -18.00 -9.18
CA LEU A 336 6.14 -17.32 -8.15
C LEU A 336 6.83 -16.03 -7.75
N PRO A 337 6.17 -14.88 -7.84
CA PRO A 337 6.72 -13.68 -7.20
C PRO A 337 6.70 -13.83 -5.69
N GLY A 338 7.75 -13.36 -5.03
CA GLY A 338 7.97 -13.68 -3.64
C GLY A 338 7.36 -12.77 -2.61
N ARG A 339 6.79 -11.63 -3.02
CA ARG A 339 6.29 -10.67 -2.05
C ARG A 339 5.11 -11.23 -1.25
N PHE A 340 4.34 -12.15 -1.84
CA PHE A 340 3.18 -12.70 -1.13
C PHE A 340 3.57 -13.56 0.06
N PHE A 341 4.79 -14.11 0.08
CA PHE A 341 5.21 -14.90 1.23
C PHE A 341 5.37 -14.02 2.46
N TYR A 342 5.76 -12.77 2.29
CA TYR A 342 5.79 -11.79 3.37
C TYR A 342 4.41 -11.10 3.42
N TRP A 343 3.45 -11.88 3.92
CA TRP A 343 2.04 -11.51 3.81
C TRP A 343 1.68 -10.24 4.58
N ASN A 344 2.50 -9.84 5.55
CA ASN A 344 2.24 -8.64 6.33
C ASN A 344 3.05 -7.44 5.87
N SER A 345 3.96 -7.62 4.92
CA SER A 345 4.86 -6.56 4.48
C SER A 345 5.27 -6.82 3.03
N LYS A 346 4.28 -6.96 2.15
CA LYS A 346 4.55 -7.39 0.78
C LYS A 346 5.40 -6.37 0.02
N SER A 347 5.06 -5.08 0.13
CA SER A 347 5.78 -4.06 -0.62
C SER A 347 7.22 -3.87 -0.14
N GLN A 348 7.61 -4.47 0.98
CA GLN A 348 8.98 -4.36 1.48
C GLN A 348 9.85 -5.54 1.11
N HIS A 349 9.28 -6.48 0.35
CA HIS A 349 9.98 -7.69 -0.14
C HIS A 349 9.63 -8.00 -1.59
N THR A 350 10.01 -7.16 -2.54
CA THR A 350 9.67 -7.44 -3.94
C THR A 350 10.88 -7.97 -4.71
N GLN A 351 12.01 -8.13 -4.02
CA GLN A 351 13.27 -8.56 -4.66
C GLN A 351 13.47 -10.08 -4.57
N PHE A 352 12.48 -10.88 -4.94
CA PHE A 352 12.62 -12.32 -4.75
C PHE A 352 11.61 -13.05 -5.61
N ILE A 353 12.04 -14.15 -6.22
CA ILE A 353 11.16 -15.08 -6.92
C ILE A 353 11.48 -16.49 -6.43
N ARG A 354 10.48 -17.37 -6.53
CA ARG A 354 10.63 -18.75 -6.09
C ARG A 354 10.41 -19.70 -7.26
N VAL A 355 11.29 -20.69 -7.36
CA VAL A 355 11.28 -21.68 -8.43
C VAL A 355 11.23 -23.05 -7.78
N SER A 356 10.12 -23.76 -7.96
CA SER A 356 9.98 -25.10 -7.40
C SER A 356 10.72 -26.12 -8.27
N LEU A 357 11.11 -27.22 -7.65
CA LEU A 357 12.02 -28.16 -8.28
C LEU A 357 11.41 -29.51 -8.62
N MET A 358 10.48 -30.02 -7.80
CA MET A 358 9.95 -31.38 -8.00
C MET A 358 8.87 -31.39 -9.08
N LYS A 359 9.31 -31.11 -10.29
CA LYS A 359 8.50 -31.14 -11.51
C LYS A 359 8.86 -32.36 -12.36
N PRO A 360 8.06 -32.68 -13.37
CA PRO A 360 8.42 -33.78 -14.26
C PRO A 360 9.82 -33.61 -14.82
N ASP A 361 10.58 -34.72 -14.85
CA ASP A 361 12.02 -34.65 -15.07
C ASP A 361 12.36 -34.00 -16.40
N ALA A 362 11.73 -34.48 -17.48
CA ALA A 362 12.03 -33.92 -18.81
C ALA A 362 11.65 -32.46 -18.89
N GLU A 363 10.49 -32.09 -18.33
CA GLU A 363 10.08 -30.69 -18.37
C GLU A 363 10.96 -29.81 -17.49
N PHE A 364 11.53 -30.37 -16.42
CA PHE A 364 12.33 -29.57 -15.51
C PHE A 364 13.68 -29.20 -16.13
N TYR A 365 14.46 -30.21 -16.51
CA TYR A 365 15.81 -29.94 -17.01
C TYR A 365 15.77 -29.14 -18.30
N GLU A 366 14.79 -29.41 -19.16
CA GLU A 366 14.62 -28.57 -20.34
C GLU A 366 14.14 -27.17 -19.95
N GLY A 367 13.21 -27.10 -19.00
CA GLY A 367 12.72 -25.80 -18.55
C GLY A 367 13.81 -24.96 -17.90
N ILE A 368 14.66 -25.60 -17.09
CA ILE A 368 15.77 -24.87 -16.47
C ILE A 368 16.70 -24.32 -17.53
N GLY A 369 17.01 -25.11 -18.55
CA GLY A 369 17.82 -24.61 -19.64
C GLY A 369 17.16 -23.43 -20.34
N LYS A 370 15.85 -23.51 -20.57
CA LYS A 370 15.14 -22.39 -21.15
C LYS A 370 15.13 -21.19 -20.21
N LEU A 371 15.19 -21.44 -18.90
CA LEU A 371 15.21 -20.34 -17.93
C LEU A 371 16.53 -19.57 -18.01
N LYS A 372 17.65 -20.28 -18.16
CA LYS A 372 18.93 -19.61 -18.33
C LYS A 372 18.98 -18.83 -19.64
N GLU A 373 18.39 -19.38 -20.71
CA GLU A 373 18.32 -18.63 -21.96
C GLU A 373 17.37 -17.44 -21.84
N ALA A 374 16.30 -17.59 -21.06
CA ALA A 374 15.39 -16.46 -20.84
C ALA A 374 16.05 -15.38 -20.01
N VAL A 375 16.76 -15.76 -18.94
CA VAL A 375 17.45 -14.78 -18.11
C VAL A 375 18.50 -14.03 -18.92
N THR A 376 19.22 -14.75 -19.79
CA THR A 376 20.27 -14.12 -20.59
C THR A 376 19.70 -13.11 -21.57
N ARG A 377 18.58 -13.46 -22.23
CA ARG A 377 17.98 -12.53 -23.18
C ARG A 377 17.51 -11.25 -22.49
N ILE A 378 17.12 -11.33 -21.23
CA ILE A 378 16.69 -10.15 -20.47
C ILE A 378 17.91 -9.47 -19.88
N LEU A 379 18.82 -9.02 -20.74
CA LEU A 379 20.03 -8.31 -20.31
C LEU A 379 20.64 -7.58 -21.51
N TYR B 6 -24.87 -38.27 21.55
CA TYR B 6 -24.32 -37.94 20.24
C TYR B 6 -24.62 -36.50 19.85
N ASP B 7 -23.64 -35.84 19.25
CA ASP B 7 -23.79 -34.46 18.80
C ASP B 7 -23.99 -34.32 17.31
N SER B 8 -23.69 -35.35 16.53
CA SER B 8 -23.81 -35.27 15.08
C SER B 8 -24.02 -36.67 14.51
N LEU B 9 -24.49 -36.70 13.26
CA LEU B 9 -24.59 -37.97 12.54
C LEU B 9 -23.22 -38.55 12.25
N THR B 10 -22.26 -37.69 11.93
CA THR B 10 -20.91 -38.17 11.65
C THR B 10 -20.30 -38.88 12.86
N GLU B 11 -20.53 -38.34 14.05
CA GLU B 11 -20.03 -38.98 15.26
C GLU B 11 -20.55 -40.41 15.39
N VAL B 12 -21.83 -40.62 15.04
CA VAL B 12 -22.38 -41.97 15.03
C VAL B 12 -21.73 -42.80 13.92
N GLU B 13 -21.41 -42.17 12.80
CA GLU B 13 -20.85 -42.90 11.67
C GLU B 13 -19.43 -43.38 11.98
N VAL B 14 -18.64 -42.58 12.70
CA VAL B 14 -17.28 -43.01 13.05
C VAL B 14 -17.33 -44.18 14.02
N GLU B 15 -18.30 -44.20 14.92
CA GLU B 15 -18.42 -45.32 15.85
C GLU B 15 -18.83 -46.60 15.13
N GLY B 16 -19.68 -46.47 14.11
CA GLY B 16 -20.11 -47.64 13.35
C GLY B 16 -18.99 -48.34 12.62
N LEU B 17 -17.90 -47.64 12.33
CA LEU B 17 -16.76 -48.26 11.66
C LEU B 17 -16.16 -49.39 12.46
N SER B 18 -16.37 -49.43 13.77
CA SER B 18 -15.83 -50.47 14.64
C SER B 18 -16.82 -51.61 14.88
N TYR B 19 -17.90 -51.67 14.11
CA TYR B 19 -18.91 -52.71 14.25
C TYR B 19 -18.79 -53.72 13.12
N LEU B 20 -19.27 -54.93 13.39
CA LEU B 20 -19.20 -56.00 12.40
C LEU B 20 -20.09 -55.71 11.20
N TYR B 21 -21.25 -55.11 11.44
CA TYR B 21 -22.19 -54.75 10.37
C TYR B 21 -22.50 -53.26 10.52
N ASN B 22 -21.87 -52.44 9.68
CA ASN B 22 -22.00 -50.98 9.76
C ASN B 22 -22.96 -50.51 8.68
N PHE B 23 -24.18 -50.16 9.08
CA PHE B 23 -25.18 -49.59 8.20
C PHE B 23 -25.40 -48.10 8.45
N ALA B 24 -24.40 -47.42 9.02
CA ALA B 24 -24.57 -46.02 9.43
C ALA B 24 -24.28 -45.08 8.26
N ASP B 25 -23.01 -44.95 7.89
CA ASP B 25 -22.64 -44.01 6.83
C ASP B 25 -23.07 -44.55 5.48
N GLY B 26 -23.58 -43.66 4.64
CA GLY B 26 -24.10 -43.98 3.33
C GLY B 26 -23.09 -43.95 2.20
N HIS B 27 -21.80 -43.85 2.51
CA HIS B 27 -20.78 -43.83 1.47
C HIS B 27 -20.77 -45.15 0.72
N ALA B 28 -20.69 -45.07 -0.62
CA ALA B 28 -20.70 -46.25 -1.47
C ALA B 28 -19.49 -47.13 -1.20
N TYR B 29 -19.70 -48.30 -0.60
CA TYR B 29 -18.60 -49.21 -0.29
C TYR B 29 -18.88 -50.64 -0.76
N HIS B 30 -19.83 -50.82 -1.68
CA HIS B 30 -20.12 -52.14 -2.20
C HIS B 30 -18.98 -52.62 -3.10
N ASP B 31 -19.01 -53.91 -3.43
CA ASP B 31 -17.95 -54.51 -4.22
C ASP B 31 -18.02 -54.06 -5.68
N ILE B 32 -16.90 -54.25 -6.36
CA ILE B 32 -16.80 -53.86 -7.78
C ILE B 32 -17.55 -54.91 -8.62
N ASN B 33 -18.59 -54.49 -9.32
CA ASN B 33 -19.34 -55.41 -10.17
C ASN B 33 -18.57 -55.69 -11.46
N GLU B 34 -19.16 -56.52 -12.31
CA GLU B 34 -18.51 -56.92 -13.58
C GLU B 34 -18.28 -55.68 -14.45
N HIS B 35 -19.17 -54.72 -14.34
CA HIS B 35 -19.02 -53.50 -15.18
C HIS B 35 -17.73 -52.73 -14.89
N TYR B 36 -17.30 -52.67 -13.63
CA TYR B 36 -16.13 -51.81 -13.34
C TYR B 36 -14.84 -52.58 -13.07
N VAL B 37 -14.82 -53.90 -13.13
CA VAL B 37 -13.59 -54.66 -12.74
C VAL B 37 -12.39 -54.34 -13.63
N ASP B 38 -12.63 -54.08 -14.90
CA ASP B 38 -11.49 -53.73 -15.78
C ASP B 38 -10.88 -52.45 -15.24
N ILE B 39 -11.66 -51.59 -14.60
CA ILE B 39 -11.05 -50.33 -14.13
C ILE B 39 -9.96 -50.65 -13.12
N ILE B 40 -10.23 -51.53 -12.18
CA ILE B 40 -9.23 -51.91 -11.17
C ILE B 40 -8.09 -52.71 -11.81
N ASN B 41 -8.42 -53.56 -12.76
CA ASN B 41 -7.38 -54.41 -13.38
C ASN B 41 -6.36 -53.51 -14.08
N ASN B 42 -6.77 -52.30 -14.45
CA ASN B 42 -5.86 -51.40 -15.15
C ASN B 42 -5.79 -50.05 -14.42
N LEU B 43 -5.58 -50.10 -13.11
CA LEU B 43 -5.38 -48.87 -12.36
C LEU B 43 -4.18 -48.08 -12.88
N GLN B 44 -3.26 -48.81 -13.47
CA GLN B 44 -2.04 -48.23 -14.06
C GLN B 44 -2.44 -47.37 -15.24
N ARG B 45 -3.45 -47.78 -16.00
CA ARG B 45 -3.84 -46.98 -17.16
C ARG B 45 -4.34 -45.63 -16.71
N TYR B 46 -5.13 -45.58 -15.65
CA TYR B 46 -5.65 -44.29 -15.14
C TYR B 46 -4.52 -43.47 -14.51
N TRP B 47 -3.64 -44.14 -13.80
CA TRP B 47 -2.48 -43.45 -13.24
C TRP B 47 -1.67 -42.77 -14.33
N GLN B 48 -1.44 -43.48 -15.44
CA GLN B 48 -0.71 -42.89 -16.56
C GLN B 48 -1.51 -41.82 -17.25
N GLU B 49 -2.84 -41.97 -17.33
CA GLU B 49 -3.66 -40.95 -17.98
C GLU B 49 -3.60 -39.64 -17.21
N GLY B 50 -3.70 -39.70 -15.87
CA GLY B 50 -3.61 -38.49 -15.08
C GLY B 50 -2.26 -37.80 -15.22
N LYS B 51 -1.20 -38.58 -15.37
CA LYS B 51 0.15 -38.01 -15.50
C LYS B 51 0.39 -37.41 -16.87
N ASP B 52 -0.30 -37.90 -17.90
CA ASP B 52 -0.05 -37.48 -19.27
C ASP B 52 -0.89 -36.28 -19.70
N HIS B 53 -1.60 -35.65 -18.77
CA HIS B 53 -2.45 -34.52 -19.11
C HIS B 53 -2.36 -33.45 -18.03
N SER B 54 -2.41 -32.20 -18.46
CA SER B 54 -2.36 -31.07 -17.53
C SER B 54 -3.56 -31.12 -16.59
N ILE B 55 -3.45 -30.39 -15.48
CA ILE B 55 -4.50 -30.32 -14.48
C ILE B 55 -5.73 -29.62 -15.04
N PRO B 56 -5.61 -28.46 -15.71
CA PRO B 56 -6.82 -27.84 -16.28
C PRO B 56 -7.56 -28.74 -17.27
N ASP B 57 -6.83 -29.44 -18.15
CA ASP B 57 -7.49 -30.32 -19.10
C ASP B 57 -8.19 -31.48 -18.41
N MET B 58 -7.55 -32.07 -17.42
CA MET B 58 -8.15 -33.21 -16.71
C MET B 58 -9.41 -32.76 -15.97
N GLU B 59 -9.43 -31.56 -15.42
CA GLU B 59 -10.65 -31.07 -14.74
C GLU B 59 -11.78 -30.94 -15.75
N LYS B 60 -11.53 -30.34 -16.89
CA LYS B 60 -12.57 -30.17 -17.93
C LYS B 60 -12.98 -31.53 -18.48
N ALA B 61 -12.05 -32.44 -18.67
CA ALA B 61 -12.43 -33.73 -19.26
C ALA B 61 -13.42 -34.46 -18.38
N PHE B 62 -13.20 -34.47 -17.07
CA PHE B 62 -14.13 -35.15 -16.14
C PHE B 62 -15.47 -34.43 -16.16
N LYS B 63 -15.43 -33.12 -16.18
CA LYS B 63 -16.70 -32.36 -16.18
C LYS B 63 -17.48 -32.68 -17.44
N ASN B 64 -16.84 -32.69 -18.60
CA ASN B 64 -17.53 -33.01 -19.88
C ASN B 64 -18.01 -34.46 -19.84
N GLN B 65 -17.20 -35.34 -19.30
CA GLN B 65 -17.63 -36.73 -19.20
C GLN B 65 -18.89 -36.85 -18.35
N PHE B 66 -18.91 -36.18 -17.20
CA PHE B 66 -20.11 -36.17 -16.36
C PHE B 66 -21.28 -35.55 -17.10
N ALA B 67 -21.04 -34.44 -17.80
CA ALA B 67 -22.12 -33.80 -18.55
C ALA B 67 -22.67 -34.71 -19.64
N GLU B 68 -21.83 -35.59 -20.19
CA GLU B 68 -22.32 -36.54 -21.20
C GLU B 68 -23.17 -37.62 -20.55
N LEU B 69 -22.79 -38.03 -19.35
CA LEU B 69 -23.60 -39.05 -18.63
C LEU B 69 -24.95 -38.48 -18.28
N ILE B 70 -25.02 -37.24 -17.85
CA ILE B 70 -26.34 -36.66 -17.44
C ILE B 70 -26.96 -35.90 -18.61
N ASP B 71 -26.31 -35.93 -19.77
CA ASP B 71 -26.86 -35.31 -20.99
C ASP B 71 -27.23 -33.86 -20.75
N SER B 72 -26.26 -33.03 -20.36
CA SER B 72 -26.50 -31.60 -20.14
C SER B 72 -25.47 -30.83 -20.96
N SER B 73 -25.95 -30.12 -22.00
CA SER B 73 -25.06 -29.32 -22.82
C SER B 73 -24.63 -28.04 -22.11
N THR B 74 -25.44 -27.55 -21.18
CA THR B 74 -25.07 -26.32 -20.47
C THR B 74 -23.91 -26.54 -19.51
N LEU B 75 -23.88 -27.69 -18.84
CA LEU B 75 -22.70 -28.02 -18.04
C LEU B 75 -21.49 -28.27 -18.93
N HIS B 76 -21.71 -28.85 -20.12
CA HIS B 76 -20.61 -29.10 -21.04
C HIS B 76 -19.97 -27.80 -21.52
N SER B 77 -20.77 -26.73 -21.63
CA SER B 77 -20.29 -25.47 -22.17
C SER B 77 -19.78 -24.49 -21.12
N THR B 78 -20.17 -24.66 -19.86
CA THR B 78 -19.75 -23.72 -18.83
C THR B 78 -18.31 -24.02 -18.39
N ASN B 79 -17.63 -22.97 -17.95
CA ASN B 79 -16.28 -23.08 -17.42
C ASN B 79 -16.14 -22.54 -16.00
N HIS B 80 -17.23 -22.05 -15.40
CA HIS B 80 -17.19 -21.52 -14.04
C HIS B 80 -17.49 -22.65 -13.06
N PHE B 81 -16.48 -23.47 -12.82
CA PHE B 81 -16.62 -24.62 -11.94
C PHE B 81 -15.27 -24.91 -11.28
N SER B 82 -15.32 -25.68 -10.20
CA SER B 82 -14.11 -26.08 -9.50
C SER B 82 -14.24 -27.53 -9.05
N VAL B 83 -13.11 -28.15 -8.75
CA VAL B 83 -13.04 -29.55 -8.40
C VAL B 83 -12.51 -29.68 -6.98
N CYS B 84 -13.34 -30.21 -6.09
CA CYS B 84 -12.95 -30.44 -4.70
C CYS B 84 -12.79 -31.94 -4.45
N PRO B 85 -11.90 -32.32 -3.55
CA PRO B 85 -11.76 -33.76 -3.22
C PRO B 85 -13.01 -34.37 -2.60
N THR B 86 -13.82 -33.58 -1.88
CA THR B 86 -15.05 -34.09 -1.29
C THR B 86 -16.17 -33.09 -1.51
N ALA B 87 -17.41 -33.59 -1.46
CA ALA B 87 -18.57 -32.73 -1.63
C ALA B 87 -18.76 -31.80 -0.43
N SER B 88 -18.41 -32.26 0.78
CA SER B 88 -18.48 -31.39 1.95
C SER B 88 -17.50 -30.23 1.85
N ASN B 89 -16.34 -30.45 1.23
CA ASN B 89 -15.41 -29.35 0.98
C ASN B 89 -16.08 -28.27 0.13
N SER B 90 -16.93 -28.68 -0.82
CA SER B 90 -17.65 -27.71 -1.63
C SER B 90 -18.76 -27.04 -0.82
N ILE B 91 -19.43 -27.80 0.04
CA ILE B 91 -20.45 -27.22 0.91
C ILE B 91 -19.84 -26.15 1.80
N ASP B 92 -18.64 -26.41 2.33
CA ASP B 92 -18.00 -25.46 3.24
C ASP B 92 -17.60 -24.18 2.50
N ILE B 93 -17.15 -24.30 1.25
CA ILE B 93 -16.80 -23.12 0.47
C ILE B 93 -18.04 -22.28 0.20
N VAL B 94 -19.18 -22.93 -0.04
CA VAL B 94 -20.42 -22.21 -0.26
C VAL B 94 -20.87 -21.50 1.01
N ALA B 95 -20.72 -22.16 2.16
CA ALA B 95 -21.08 -21.51 3.42
C ALA B 95 -20.20 -20.30 3.69
N ALA B 96 -18.92 -20.37 3.32
CA ALA B 96 -18.05 -19.21 3.47
C ALA B 96 -18.49 -18.09 2.53
N TRP B 97 -18.98 -18.44 1.34
CA TRP B 97 -19.48 -17.43 0.42
C TRP B 97 -20.77 -16.78 0.95
N LEU B 98 -21.68 -17.59 1.49
CA LEU B 98 -22.91 -17.05 2.03
C LEU B 98 -22.64 -16.08 3.18
N HIS B 99 -21.62 -16.35 3.98
CA HIS B 99 -21.26 -15.43 5.05
C HIS B 99 -20.62 -14.17 4.51
N LYS B 100 -19.66 -14.33 3.59
CA LYS B 100 -18.94 -13.17 3.06
C LYS B 100 -19.88 -12.19 2.38
N GLU B 101 -20.86 -12.69 1.64
CA GLU B 101 -21.84 -11.84 0.98
C GLU B 101 -23.02 -11.50 1.87
N ASN B 102 -23.01 -11.95 3.13
CA ASN B 102 -24.03 -11.63 4.12
C ASN B 102 -25.43 -11.96 3.59
N LYS B 103 -25.61 -13.22 3.22
CA LYS B 103 -26.86 -13.69 2.64
C LYS B 103 -27.56 -14.60 3.63
N ARG B 104 -28.75 -14.17 4.07
CA ARG B 104 -29.55 -14.95 5.06
C ARG B 104 -29.99 -16.21 4.34
N THR B 105 -29.72 -17.37 4.91
CA THR B 105 -29.96 -18.61 4.15
C THR B 105 -30.92 -19.52 4.87
N ALA B 106 -31.88 -20.04 4.12
CA ALA B 106 -32.82 -21.01 4.67
C ALA B 106 -32.34 -22.35 4.15
N LEU B 107 -32.18 -23.31 5.04
CA LEU B 107 -31.65 -24.61 4.60
C LEU B 107 -32.75 -25.65 4.73
N ILE B 108 -32.83 -26.55 3.77
CA ILE B 108 -33.89 -27.58 3.73
C ILE B 108 -33.85 -28.46 4.98
N GLU B 109 -35.02 -28.77 5.53
CA GLU B 109 -35.14 -29.68 6.69
C GLU B 109 -36.18 -30.71 6.29
N PRO B 110 -35.89 -32.02 6.40
CA PRO B 110 -34.61 -32.49 6.96
C PRO B 110 -33.45 -32.42 5.98
N ALA B 111 -32.24 -32.65 6.50
CA ALA B 111 -31.02 -32.70 5.71
C ALA B 111 -29.93 -33.34 6.56
N PHE B 112 -28.87 -33.77 5.89
CA PHE B 112 -27.71 -34.28 6.62
C PHE B 112 -27.11 -33.16 7.47
N ASP B 113 -26.95 -33.44 8.77
CA ASP B 113 -26.72 -32.36 9.74
C ASP B 113 -25.44 -31.59 9.46
N ASN B 114 -24.44 -32.22 8.85
CA ASN B 114 -23.19 -31.51 8.59
C ASN B 114 -23.40 -30.36 7.62
N LEU B 115 -24.45 -30.40 6.81
CA LEU B 115 -24.83 -29.22 6.03
C LEU B 115 -25.15 -28.05 6.94
N TYR B 116 -26.02 -28.27 7.93
CA TYR B 116 -26.32 -27.23 8.90
C TYR B 116 -25.11 -26.93 9.78
N LEU B 117 -24.31 -27.95 10.12
CA LEU B 117 -23.17 -27.73 11.00
C LEU B 117 -22.12 -26.86 10.33
N LEU B 118 -21.87 -27.07 9.03
CA LEU B 118 -20.88 -26.27 8.33
C LEU B 118 -21.37 -24.84 8.12
N LEU B 119 -22.65 -24.67 7.80
CA LEU B 119 -23.19 -23.33 7.62
C LEU B 119 -23.12 -22.53 8.92
N LYS B 120 -23.40 -23.21 10.02
CA LYS B 120 -23.34 -22.59 11.36
C LYS B 120 -21.91 -22.21 11.68
N ARG B 121 -20.96 -23.10 11.40
CA ARG B 121 -19.55 -22.87 11.72
C ARG B 121 -18.99 -21.69 10.94
N ARG B 122 -19.54 -21.40 9.76
CA ARG B 122 -19.12 -20.27 8.95
C ARG B 122 -19.81 -18.97 9.35
N GLY B 123 -20.66 -19.00 10.37
CA GLY B 123 -21.35 -17.79 10.79
C GLY B 123 -22.47 -17.34 9.88
N VAL B 124 -23.17 -18.28 9.24
CA VAL B 124 -24.27 -17.93 8.35
C VAL B 124 -25.55 -17.78 9.16
N ASP B 125 -26.31 -16.73 8.86
CA ASP B 125 -27.64 -16.55 9.45
C ASP B 125 -28.57 -17.61 8.87
N ILE B 126 -28.88 -18.62 9.66
CA ILE B 126 -29.60 -19.80 9.11
C ILE B 126 -31.01 -19.88 9.65
N SER B 127 -31.94 -20.16 8.76
CA SER B 127 -33.35 -20.37 9.11
C SER B 127 -33.78 -21.71 8.53
N ALA B 128 -34.82 -22.31 9.07
CA ALA B 128 -35.22 -23.59 8.48
C ALA B 128 -36.43 -23.35 7.60
N PHE B 129 -36.63 -24.24 6.65
CA PHE B 129 -37.82 -24.25 5.81
C PHE B 129 -38.17 -25.69 5.45
N ASP B 130 -39.47 -25.96 5.37
CA ASP B 130 -39.96 -27.32 5.20
C ASP B 130 -39.52 -27.92 3.87
N GLU B 131 -39.25 -29.22 3.89
CA GLU B 131 -38.79 -29.91 2.69
C GLU B 131 -39.89 -30.00 1.65
N LEU B 132 -41.15 -30.16 2.09
CA LEU B 132 -42.26 -30.32 1.16
C LEU B 132 -42.69 -29.00 0.51
N ALA B 133 -42.11 -27.87 0.92
CA ALA B 133 -42.39 -26.61 0.24
C ALA B 133 -41.95 -26.64 -1.22
N LEU B 134 -41.01 -27.52 -1.58
CA LEU B 134 -40.60 -27.69 -2.96
C LEU B 134 -41.62 -28.45 -3.80
N LYS B 135 -42.78 -28.81 -3.23
CA LYS B 135 -43.86 -29.43 -3.98
C LYS B 135 -45.22 -28.80 -3.68
N ASN B 136 -45.23 -27.65 -3.01
CA ASN B 136 -46.44 -26.86 -2.78
C ASN B 136 -46.16 -25.45 -3.23
N GLU B 137 -46.85 -25.00 -4.29
CA GLU B 137 -46.55 -23.70 -4.88
C GLU B 137 -46.81 -22.57 -3.90
N HIS B 138 -47.94 -22.60 -3.19
CA HIS B 138 -48.25 -21.53 -2.24
C HIS B 138 -47.26 -21.51 -1.09
N GLN B 139 -46.90 -22.68 -0.58
CA GLN B 139 -45.97 -22.75 0.58
C GLN B 139 -44.61 -22.16 0.21
N LEU B 140 -44.09 -22.51 -0.96
CA LEU B 140 -42.79 -21.97 -1.39
C LEU B 140 -42.92 -20.47 -1.63
N ALA B 141 -44.00 -20.05 -2.26
CA ALA B 141 -44.16 -18.62 -2.59
C ALA B 141 -44.20 -17.83 -1.28
N GLN B 142 -44.76 -18.42 -0.24
CA GLN B 142 -44.82 -17.76 1.06
C GLN B 142 -43.43 -17.66 1.69
N ILE B 143 -42.53 -18.58 1.35
CA ILE B 143 -41.19 -18.53 1.92
C ILE B 143 -40.31 -17.54 1.16
N VAL B 144 -40.37 -17.54 -0.17
CA VAL B 144 -39.47 -16.71 -0.96
C VAL B 144 -39.86 -15.24 -0.91
N SER B 145 -41.16 -14.96 -0.77
CA SER B 145 -41.65 -13.58 -0.76
C SER B 145 -41.65 -12.97 0.63
N SER B 146 -41.17 -13.69 1.65
CA SER B 146 -41.25 -13.19 3.02
C SER B 146 -40.32 -12.00 3.25
N GLY B 147 -39.25 -11.90 2.48
CA GLY B 147 -38.25 -10.87 2.71
C GLY B 147 -37.27 -11.19 3.81
N ASP B 148 -37.29 -12.40 4.36
CA ASP B 148 -36.38 -12.78 5.43
C ASP B 148 -35.11 -13.45 4.92
N ILE B 149 -35.12 -14.00 3.71
CA ILE B 149 -34.00 -14.80 3.23
C ILE B 149 -33.43 -14.19 1.95
N ASP B 150 -32.13 -14.41 1.76
CA ASP B 150 -31.44 -14.01 0.55
C ASP B 150 -30.93 -15.18 -0.27
N ALA B 151 -31.02 -16.40 0.28
CA ALA B 151 -30.52 -17.59 -0.40
C ALA B 151 -31.28 -18.81 0.09
N LEU B 152 -31.30 -19.84 -0.76
CA LEU B 152 -32.00 -21.08 -0.46
C LEU B 152 -31.07 -22.25 -0.74
N PHE B 153 -30.95 -23.15 0.23
CA PHE B 153 -30.00 -24.25 0.17
C PHE B 153 -30.78 -25.56 0.22
N LEU B 154 -30.69 -26.34 -0.86
CA LEU B 154 -31.48 -27.55 -1.03
C LEU B 154 -30.58 -28.75 -1.28
N VAL B 155 -31.15 -29.93 -1.01
CA VAL B 155 -30.59 -31.21 -1.43
C VAL B 155 -31.62 -31.88 -2.34
N ASN B 156 -31.21 -32.17 -3.57
CA ASN B 156 -32.14 -32.78 -4.52
C ASN B 156 -31.46 -33.92 -5.26
N PRO B 157 -31.89 -35.18 -5.08
CA PRO B 157 -32.94 -35.56 -4.12
C PRO B 157 -32.47 -35.48 -2.68
N ASN B 158 -33.40 -35.38 -1.75
CA ASN B 158 -33.06 -35.07 -0.36
C ASN B 158 -32.70 -36.33 0.41
N ASN B 159 -31.67 -36.21 1.24
CA ASN B 159 -31.28 -37.26 2.18
C ASN B 159 -32.01 -37.04 3.50
N PRO B 160 -32.75 -38.02 4.02
CA PRO B 160 -33.00 -39.38 3.53
C PRO B 160 -34.42 -39.65 3.03
N THR B 161 -35.23 -38.61 2.84
CA THR B 161 -36.61 -38.82 2.44
C THR B 161 -36.74 -39.22 0.97
N GLY B 162 -35.70 -38.98 0.16
CA GLY B 162 -35.78 -39.32 -1.24
C GLY B 162 -36.69 -38.44 -2.07
N LEU B 163 -37.08 -37.33 -1.48
CA LEU B 163 -37.96 -36.42 -2.21
C LEU B 163 -37.14 -35.87 -3.38
N GLU B 164 -37.69 -35.96 -4.59
CA GLU B 164 -37.03 -35.53 -5.84
C GLU B 164 -37.94 -34.51 -6.50
N MET B 165 -37.41 -33.35 -6.88
CA MET B 165 -38.22 -32.32 -7.55
C MET B 165 -38.53 -32.72 -9.00
N THR B 166 -39.60 -32.14 -9.53
CA THR B 166 -40.03 -32.35 -10.94
C THR B 166 -39.52 -31.20 -11.78
N GLU B 167 -39.53 -31.40 -13.10
CA GLU B 167 -39.13 -30.32 -14.02
C GLU B 167 -40.01 -29.10 -13.73
N SER B 168 -41.29 -29.31 -13.47
CA SER B 168 -42.26 -28.24 -13.17
C SER B 168 -41.87 -27.52 -11.87
N GLU B 169 -41.55 -28.30 -10.84
CA GLU B 169 -41.17 -27.74 -9.52
C GLU B 169 -39.83 -27.01 -9.60
N PHE B 170 -38.88 -27.59 -10.31
CA PHE B 170 -37.57 -26.92 -10.37
C PHE B 170 -37.73 -25.57 -11.05
N VAL B 171 -38.44 -25.52 -12.17
CA VAL B 171 -38.63 -24.23 -12.88
C VAL B 171 -39.45 -23.29 -12.01
N TYR B 172 -40.44 -23.82 -11.29
CA TYR B 172 -41.23 -22.91 -10.42
C TYR B 172 -40.31 -22.33 -9.37
N LEU B 173 -39.49 -23.20 -8.78
CA LEU B 173 -38.53 -22.77 -7.75
C LEU B 173 -37.52 -21.81 -8.34
N VAL B 174 -37.02 -22.08 -9.53
CA VAL B 174 -35.99 -21.15 -10.07
C VAL B 174 -36.57 -19.76 -10.32
N GLU B 175 -37.76 -19.69 -10.94
CA GLU B 175 -38.39 -18.37 -11.20
C GLU B 175 -38.79 -17.71 -9.88
N GLN B 176 -39.26 -18.51 -8.93
CA GLN B 176 -39.69 -17.88 -7.68
C GLN B 176 -38.50 -17.17 -7.03
N CYS B 177 -37.33 -17.81 -6.94
CA CYS B 177 -36.17 -17.11 -6.31
C CYS B 177 -35.74 -15.94 -7.19
N LYS B 178 -35.84 -16.13 -8.50
CA LYS B 178 -35.42 -15.11 -9.46
C LYS B 178 -36.12 -13.78 -9.18
N ALA B 179 -37.38 -13.85 -8.74
CA ALA B 179 -38.14 -12.62 -8.53
C ALA B 179 -37.72 -11.90 -7.26
N HIS B 180 -37.17 -12.62 -6.28
CA HIS B 180 -36.93 -12.05 -4.96
C HIS B 180 -35.45 -11.97 -4.59
N ASN B 181 -34.56 -12.01 -5.58
CA ASN B 181 -33.11 -11.87 -5.35
C ASN B 181 -32.58 -12.93 -4.38
N ILE B 182 -32.83 -14.19 -4.71
CA ILE B 182 -32.46 -15.31 -3.85
C ILE B 182 -31.55 -16.25 -4.63
N THR B 183 -30.38 -16.54 -4.06
CA THR B 183 -29.44 -17.48 -4.64
C THR B 183 -29.80 -18.91 -4.27
N ILE B 184 -29.73 -19.81 -5.25
CA ILE B 184 -30.10 -21.21 -5.05
C ILE B 184 -28.82 -22.04 -4.88
N LEU B 185 -28.70 -22.68 -3.73
CA LEU B 185 -27.63 -23.65 -3.48
C LEU B 185 -28.22 -25.04 -3.60
N LEU B 186 -27.73 -25.82 -4.56
CA LEU B 186 -28.36 -27.07 -4.97
C LEU B 186 -27.39 -28.23 -4.77
N ASP B 187 -27.72 -29.13 -3.85
CA ASP B 187 -26.87 -30.30 -3.54
C ASP B 187 -27.42 -31.49 -4.32
N ARG B 188 -26.79 -31.82 -5.44
CA ARG B 188 -27.18 -32.94 -6.30
C ARG B 188 -26.35 -34.18 -6.01
N THR B 189 -26.02 -34.43 -4.75
CA THR B 189 -25.14 -35.55 -4.40
C THR B 189 -25.74 -36.88 -4.82
N PHE B 190 -27.06 -37.03 -4.71
CA PHE B 190 -27.74 -38.26 -5.08
C PHE B 190 -28.41 -38.16 -6.45
N ARG B 191 -27.81 -37.41 -7.37
CA ARG B 191 -28.44 -37.15 -8.66
C ARG B 191 -28.65 -38.43 -9.46
N ILE B 192 -27.67 -39.35 -9.43
CA ILE B 192 -27.74 -40.54 -10.27
C ILE B 192 -28.92 -41.42 -9.85
N TYR B 193 -29.25 -41.45 -8.56
CA TYR B 193 -30.34 -42.29 -8.09
C TYR B 193 -31.72 -41.72 -8.40
N GLY B 194 -31.81 -40.49 -8.88
CA GLY B 194 -33.09 -39.90 -9.18
C GLY B 194 -33.73 -40.52 -10.42
N LYS B 195 -35.06 -40.55 -10.41
CA LYS B 195 -35.83 -41.09 -11.54
C LYS B 195 -36.04 -40.09 -12.66
N THR B 196 -35.98 -38.80 -12.36
CA THR B 196 -36.13 -37.78 -13.39
C THR B 196 -34.80 -37.56 -14.11
N ASN B 197 -34.89 -36.94 -15.29
CA ASN B 197 -33.71 -36.65 -16.09
C ASN B 197 -33.99 -35.39 -16.92
N PHE B 198 -33.43 -34.27 -16.50
CA PHE B 198 -33.64 -33.00 -17.23
C PHE B 198 -32.45 -32.08 -16.95
N ASP B 199 -32.31 -31.00 -17.69
CA ASP B 199 -31.10 -30.20 -17.45
C ASP B 199 -31.35 -29.13 -16.40
N ASP B 200 -30.96 -29.40 -15.16
CA ASP B 200 -31.09 -28.40 -14.09
C ASP B 200 -30.18 -27.22 -14.44
N TYR B 201 -28.98 -27.51 -14.94
CA TYR B 201 -28.01 -26.44 -15.28
C TYR B 201 -28.61 -25.52 -16.33
N GLN B 202 -29.24 -26.06 -17.36
CA GLN B 202 -29.83 -25.17 -18.39
C GLN B 202 -30.93 -24.33 -17.77
N ILE B 203 -31.78 -24.95 -16.99
CA ILE B 203 -32.88 -24.19 -16.35
C ILE B 203 -32.28 -23.14 -15.46
N LEU B 204 -31.25 -23.48 -14.69
CA LEU B 204 -30.60 -22.46 -13.83
C LEU B 204 -29.90 -21.45 -14.73
N GLU B 205 -29.26 -21.92 -15.79
CA GLU B 205 -28.52 -21.03 -16.72
C GLU B 205 -29.48 -20.05 -17.42
N GLN B 206 -30.64 -20.51 -17.88
CA GLN B 206 -31.57 -19.57 -18.57
C GLN B 206 -32.02 -18.48 -17.58
N SER B 207 -32.29 -18.88 -16.35
CA SER B 207 -32.88 -17.99 -15.34
C SER B 207 -31.99 -16.78 -15.07
N GLY B 208 -30.67 -16.96 -15.04
CA GLY B 208 -29.82 -15.79 -14.74
C GLY B 208 -29.64 -15.52 -13.25
N ILE B 209 -30.25 -16.30 -12.37
CA ILE B 209 -29.99 -16.07 -10.92
C ILE B 209 -28.63 -16.65 -10.55
N ASP B 210 -28.02 -16.13 -9.49
CA ASP B 210 -26.77 -16.69 -8.93
C ASP B 210 -27.13 -18.06 -8.36
N TYR B 211 -26.28 -19.05 -8.56
CA TYR B 211 -26.52 -20.41 -8.09
C TYR B 211 -25.18 -21.11 -7.89
N VAL B 212 -25.21 -22.17 -7.09
CA VAL B 212 -24.09 -23.08 -6.93
C VAL B 212 -24.65 -24.50 -6.89
N VAL B 213 -24.20 -25.36 -7.81
CA VAL B 213 -24.59 -26.77 -7.84
C VAL B 213 -23.40 -27.61 -7.42
N ILE B 214 -23.66 -28.62 -6.59
CA ILE B 214 -22.63 -29.48 -6.03
C ILE B 214 -22.90 -30.91 -6.49
N GLU B 215 -21.91 -31.52 -7.12
CA GLU B 215 -21.96 -32.92 -7.49
C GLU B 215 -21.09 -33.75 -6.54
N ASP B 216 -21.13 -35.06 -6.72
CA ASP B 216 -20.38 -35.98 -5.85
C ASP B 216 -20.34 -37.35 -6.51
N THR B 217 -19.31 -38.12 -6.15
CA THR B 217 -19.19 -39.50 -6.60
C THR B 217 -19.24 -40.52 -5.47
N GLY B 218 -19.02 -40.10 -4.23
CA GLY B 218 -18.88 -41.02 -3.12
C GLY B 218 -20.12 -41.76 -2.68
N THR B 220 -22.20 -42.86 -4.99
CA THR B 220 -22.58 -43.57 -6.20
C THR B 220 -21.57 -44.63 -6.61
N TRP B 221 -20.31 -44.23 -6.80
CA TRP B 221 -19.28 -45.14 -7.29
C TRP B 221 -18.33 -45.50 -6.16
N PRO B 222 -18.25 -46.77 -5.77
CA PRO B 222 -17.40 -47.15 -4.62
C PRO B 222 -15.92 -47.13 -4.95
N THR B 223 -15.25 -46.03 -4.63
CA THR B 223 -13.81 -45.89 -4.84
C THR B 223 -13.07 -45.69 -3.52
N GLN B 224 -13.57 -46.33 -2.46
CA GLN B 224 -12.97 -46.24 -1.12
C GLN B 224 -12.81 -44.79 -0.68
N ASP B 225 -13.79 -43.96 -1.01
CA ASP B 225 -13.84 -42.53 -0.67
C ASP B 225 -12.73 -41.73 -1.35
N LEU B 226 -12.16 -42.26 -2.43
CA LEU B 226 -11.38 -41.46 -3.37
C LEU B 226 -12.39 -40.78 -4.28
N LYS B 227 -12.67 -39.50 -4.04
CA LYS B 227 -13.86 -38.86 -4.59
C LYS B 227 -13.49 -37.61 -5.39
N ILE B 228 -14.48 -37.13 -6.14
CA ILE B 228 -14.40 -35.90 -6.91
C ILE B 228 -15.75 -35.20 -6.80
N SER B 229 -15.73 -33.90 -6.58
CA SER B 229 -16.96 -33.11 -6.41
C SER B 229 -16.89 -31.86 -7.27
N LEU B 230 -17.73 -31.81 -8.31
CA LEU B 230 -17.84 -30.62 -9.13
C LEU B 230 -18.60 -29.54 -8.37
N MET B 231 -18.11 -28.31 -8.46
CA MET B 231 -18.75 -27.14 -7.85
C MET B 231 -18.96 -26.13 -8.96
N VAL B 232 -20.16 -26.13 -9.54
CA VAL B 232 -20.49 -25.26 -10.67
C VAL B 232 -21.29 -24.08 -10.15
N TYR B 233 -20.99 -22.89 -10.68
CA TYR B 233 -21.61 -21.65 -10.23
C TYR B 233 -21.81 -20.72 -11.41
N SER B 234 -22.60 -19.68 -11.20
CA SER B 234 -22.89 -18.70 -12.23
C SER B 234 -21.70 -17.75 -12.40
N GLU B 235 -21.73 -17.01 -13.52
CA GLU B 235 -20.62 -16.11 -13.83
C GLU B 235 -20.54 -14.94 -12.87
N ALA B 236 -21.67 -14.45 -12.39
CA ALA B 236 -21.67 -13.22 -11.59
C ALA B 236 -20.98 -13.40 -10.26
N ILE B 237 -20.92 -14.62 -9.74
CA ILE B 237 -20.32 -14.91 -8.45
C ILE B 237 -19.10 -15.82 -8.56
N SER B 238 -18.62 -16.06 -9.79
CA SER B 238 -17.60 -17.08 -9.98
C SER B 238 -16.24 -16.64 -9.46
N SER B 239 -15.87 -15.38 -9.69
CA SER B 239 -14.55 -14.91 -9.27
C SER B 239 -14.40 -14.97 -7.75
N THR B 240 -15.48 -14.65 -7.02
CA THR B 240 -15.42 -14.75 -5.57
C THR B 240 -15.47 -16.20 -5.10
N MET B 241 -16.27 -17.03 -5.77
CA MET B 241 -16.29 -18.46 -5.46
C MET B 241 -14.92 -19.07 -5.73
N ARG B 242 -14.33 -18.76 -6.89
CA ARG B 242 -13.00 -19.25 -7.21
C ARG B 242 -11.97 -18.74 -6.22
N LEU B 243 -12.13 -17.51 -5.73
CA LEU B 243 -11.22 -16.99 -4.72
C LEU B 243 -11.27 -17.80 -3.44
N LEU B 244 -12.48 -18.15 -2.99
CA LEU B 244 -12.60 -18.91 -1.75
C LEU B 244 -12.09 -20.34 -1.94
N TYR B 245 -12.35 -20.94 -3.10
CA TYR B 245 -11.83 -22.27 -3.38
C TYR B 245 -10.31 -22.29 -3.33
N GLU B 246 -9.67 -21.27 -3.93
CA GLU B 246 -8.22 -21.25 -4.01
C GLU B 246 -7.54 -20.94 -2.68
N GLU B 247 -8.29 -20.48 -1.68
CA GLU B 247 -7.71 -20.34 -0.34
C GLU B 247 -7.39 -21.70 0.25
N ILE B 248 -8.14 -22.73 -0.13
CA ILE B 248 -7.96 -24.07 0.40
C ILE B 248 -7.24 -24.98 -0.59
N PHE B 249 -7.70 -25.03 -1.83
CA PHE B 249 -7.22 -25.98 -2.81
C PHE B 249 -6.57 -25.27 -3.99
N LEU B 250 -5.44 -25.82 -4.43
CA LEU B 250 -4.93 -25.49 -5.76
C LEU B 250 -5.61 -26.34 -6.82
N CYS B 251 -5.80 -27.63 -6.52
CA CYS B 251 -6.34 -28.58 -7.48
C CYS B 251 -6.89 -29.76 -6.70
N SER B 252 -7.53 -30.66 -7.42
CA SER B 252 -7.76 -32.00 -6.94
C SER B 252 -6.67 -32.92 -7.50
N SER B 253 -6.91 -34.22 -7.50
CA SER B 253 -5.92 -35.18 -7.97
C SER B 253 -6.27 -35.62 -9.39
N ASN B 254 -5.34 -35.41 -10.32
CA ASN B 254 -5.57 -35.87 -11.69
C ASN B 254 -5.81 -37.37 -11.75
N PHE B 255 -5.09 -38.13 -10.91
CA PHE B 255 -5.33 -39.57 -10.84
C PHE B 255 -6.75 -39.87 -10.38
N ALA B 256 -7.25 -39.10 -9.41
CA ALA B 256 -8.63 -39.26 -8.97
C ALA B 256 -9.62 -38.90 -10.07
N LEU B 257 -9.32 -37.83 -10.82
CA LEU B 257 -10.20 -37.44 -11.92
C LEU B 257 -10.22 -38.50 -13.01
N ALA B 258 -9.04 -38.97 -13.43
CA ALA B 258 -8.97 -39.96 -14.50
C ALA B 258 -9.60 -41.28 -14.09
N LEU B 259 -9.47 -41.66 -12.81
CA LEU B 259 -10.03 -42.93 -12.35
C LEU B 259 -11.56 -42.88 -12.35
N LEU B 260 -12.13 -41.81 -11.79
CA LEU B 260 -13.58 -41.70 -11.71
C LEU B 260 -14.22 -41.27 -13.02
N LYS B 261 -13.44 -40.65 -13.93
CA LYS B 261 -13.96 -40.36 -15.26
C LYS B 261 -14.36 -41.65 -15.97
N GLN B 262 -13.55 -42.69 -15.83
CA GLN B 262 -13.88 -43.98 -16.43
C GLN B 262 -15.08 -44.62 -15.74
N PHE B 263 -15.22 -44.42 -14.42
CA PHE B 263 -16.44 -44.85 -13.74
C PHE B 263 -17.67 -44.17 -14.33
N VAL B 264 -17.56 -42.86 -14.59
CA VAL B 264 -18.67 -42.13 -15.21
C VAL B 264 -18.86 -42.60 -16.65
N ALA B 265 -17.78 -42.92 -17.34
CA ALA B 265 -17.88 -43.34 -18.74
C ALA B 265 -18.54 -44.70 -18.86
N VAL B 266 -18.23 -45.62 -17.95
CA VAL B 266 -18.83 -46.96 -18.00
C VAL B 266 -20.32 -46.88 -17.69
N THR B 267 -20.70 -46.08 -16.69
CA THR B 267 -22.10 -45.91 -16.35
C THR B 267 -22.90 -45.37 -17.52
N ALA B 268 -22.30 -44.50 -18.33
CA ALA B 268 -23.00 -43.93 -19.47
C ALA B 268 -23.22 -44.97 -20.57
N LYS B 269 -22.20 -45.76 -20.88
CA LYS B 269 -22.30 -46.69 -22.01
C LYS B 269 -23.21 -47.87 -21.70
N PHE B 270 -23.14 -48.39 -20.48
CA PHE B 270 -23.94 -49.55 -20.10
C PHE B 270 -25.25 -49.19 -19.42
N GLY B 271 -25.46 -47.92 -19.09
CA GLY B 271 -26.69 -47.51 -18.45
C GLY B 271 -26.58 -47.47 -16.95
N VAL B 272 -27.29 -46.52 -16.34
CA VAL B 272 -27.28 -46.38 -14.89
C VAL B 272 -28.02 -47.51 -14.21
N ASP B 273 -28.91 -48.19 -14.93
CA ASP B 273 -29.71 -49.26 -14.33
C ASP B 273 -28.85 -50.51 -14.10
N ALA B 274 -28.27 -51.06 -15.17
CA ALA B 274 -27.51 -52.29 -15.05
C ALA B 274 -26.24 -52.13 -14.22
N THR B 275 -25.80 -50.91 -13.99
CA THR B 275 -24.55 -50.65 -13.27
C THR B 275 -24.75 -50.16 -11.85
N ILE B 276 -25.86 -49.49 -11.55
CA ILE B 276 -26.04 -48.86 -10.24
C ILE B 276 -27.39 -49.20 -9.65
N LYS B 277 -28.47 -48.94 -10.40
CA LYS B 277 -29.81 -49.04 -9.85
C LYS B 277 -30.30 -50.48 -9.72
N ASN B 278 -29.79 -51.40 -10.53
CA ASN B 278 -30.24 -52.79 -10.44
C ASN B 278 -29.88 -53.41 -9.10
N GLU B 279 -28.72 -53.04 -8.55
CA GLU B 279 -28.29 -53.64 -7.29
C GLU B 279 -28.99 -53.01 -6.09
N VAL B 280 -29.32 -51.72 -6.16
CA VAL B 280 -30.00 -51.09 -5.03
C VAL B 280 -31.43 -51.60 -4.91
N ARG B 281 -32.06 -51.95 -6.03
CA ARG B 281 -33.38 -52.56 -5.98
C ARG B 281 -33.33 -53.92 -5.29
N ARG B 282 -32.31 -54.72 -5.63
CA ARG B 282 -32.12 -56.00 -4.94
C ARG B 282 -31.90 -55.78 -3.45
N ARG B 283 -31.14 -54.75 -3.08
CA ARG B 283 -30.87 -54.47 -1.68
C ARG B 283 -32.04 -53.78 -1.00
N SER B 284 -32.82 -52.98 -1.74
CA SER B 284 -34.00 -52.35 -1.15
C SER B 284 -35.08 -53.39 -0.89
N GLU B 285 -35.35 -54.26 -1.86
CA GLU B 285 -36.35 -55.30 -1.68
C GLU B 285 -35.92 -56.31 -0.62
N THR B 286 -34.62 -56.55 -0.48
CA THR B 286 -34.15 -57.51 0.50
C THR B 286 -34.46 -57.05 1.91
N ILE B 287 -34.10 -55.80 2.25
CA ILE B 287 -34.37 -55.31 3.59
C ILE B 287 -35.86 -55.09 3.80
N ASN B 288 -36.58 -54.70 2.74
CA ASN B 288 -38.03 -54.52 2.88
C ASN B 288 -38.72 -55.83 3.20
N ASP B 289 -38.27 -56.93 2.57
CA ASP B 289 -38.84 -58.23 2.87
C ASP B 289 -38.41 -58.71 4.25
N ALA B 290 -37.18 -58.43 4.65
CA ALA B 290 -36.68 -58.84 5.95
C ALA B 290 -37.34 -58.10 7.11
N LEU B 291 -38.03 -57.01 6.85
CA LEU B 291 -38.73 -56.25 7.89
C LEU B 291 -40.24 -56.32 7.76
N ALA B 292 -40.76 -57.25 6.96
CA ALA B 292 -42.20 -57.41 6.80
C ALA B 292 -42.84 -57.95 8.06
N GLY B 295 -43.09 -55.15 12.30
CA GLY B 295 -43.23 -54.08 13.27
C GLY B 295 -42.75 -52.71 12.79
N LEU B 296 -41.57 -52.69 12.18
CA LEU B 296 -40.99 -51.46 11.67
C LEU B 296 -41.49 -51.20 10.24
N LYS B 297 -41.84 -49.95 9.96
CA LYS B 297 -42.39 -49.56 8.67
C LYS B 297 -41.36 -48.74 7.91
N VAL B 298 -41.04 -49.18 6.70
CA VAL B 298 -40.11 -48.45 5.84
C VAL B 298 -40.82 -47.24 5.24
N PHE B 299 -40.16 -46.09 5.26
CA PHE B 299 -40.72 -44.87 4.71
C PHE B 299 -40.79 -44.98 3.19
N ASP B 300 -42.00 -44.93 2.64
CA ASP B 300 -42.20 -45.06 1.21
C ASP B 300 -43.39 -44.20 0.78
N ASN B 301 -43.34 -43.72 -0.46
CA ASN B 301 -44.42 -42.92 -1.01
C ASN B 301 -44.38 -42.91 -2.54
N LYS B 304 -41.13 -39.90 -5.37
CA LYS B 304 -40.08 -40.24 -4.36
C LYS B 304 -39.14 -41.29 -4.92
N CYS B 305 -37.91 -40.91 -5.20
CA CYS B 305 -36.93 -41.85 -5.79
C CYS B 305 -36.34 -42.75 -4.71
N GLN B 306 -35.77 -43.89 -5.08
CA GLN B 306 -35.21 -44.83 -4.08
C GLN B 306 -33.72 -44.60 -3.92
N LEU B 307 -33.34 -43.89 -2.86
CA LEU B 307 -31.95 -43.63 -2.54
C LEU B 307 -31.26 -44.92 -2.08
N PRO B 308 -29.92 -44.93 -2.06
CA PRO B 308 -29.22 -46.10 -1.50
C PRO B 308 -29.30 -46.16 0.02
N LEU B 309 -30.44 -45.72 0.56
CA LEU B 309 -30.70 -45.69 1.99
C LEU B 309 -32.11 -46.23 2.20
N CYS B 310 -32.48 -46.44 3.46
CA CYS B 310 -33.82 -46.89 3.80
C CYS B 310 -34.26 -46.16 5.06
N TRP B 311 -35.29 -45.35 4.94
CA TRP B 311 -35.88 -44.59 6.04
C TRP B 311 -36.95 -45.45 6.70
N ILE B 312 -36.81 -45.71 7.99
CA ILE B 312 -37.66 -46.66 8.70
C ILE B 312 -38.33 -45.98 9.89
N ASP B 313 -39.65 -46.09 9.96
CA ASP B 313 -40.41 -45.62 11.13
C ASP B 313 -40.43 -46.73 12.18
N ILE B 314 -40.01 -46.39 13.40
CA ILE B 314 -39.96 -47.35 14.50
C ILE B 314 -40.87 -46.93 15.65
N SER B 315 -41.85 -46.08 15.33
CA SER B 315 -42.76 -45.52 16.35
C SER B 315 -43.54 -46.64 17.02
N ALA B 316 -43.89 -47.68 16.25
CA ALA B 316 -44.64 -48.85 16.74
C ALA B 316 -43.88 -49.60 17.83
N THR B 317 -42.55 -49.61 17.77
CA THR B 317 -41.70 -50.27 18.77
C THR B 317 -41.79 -49.64 20.15
N GLY B 318 -42.16 -48.36 20.26
CA GLY B 318 -42.22 -47.71 21.58
C GLY B 318 -40.84 -47.27 22.00
N TYR B 319 -39.97 -47.12 21.03
CA TYR B 319 -38.56 -46.74 21.28
C TYR B 319 -38.22 -45.48 20.50
N ASP B 320 -37.20 -44.79 20.98
CA ASP B 320 -36.63 -43.62 20.31
C ASP B 320 -35.44 -44.10 19.50
N ASP B 321 -35.03 -43.31 18.52
CA ASP B 321 -33.97 -43.75 17.60
C ASP B 321 -32.68 -44.10 18.35
N VAL B 322 -32.22 -43.26 19.26
CA VAL B 322 -30.93 -43.56 19.96
C VAL B 322 -31.09 -44.83 20.79
N SER B 323 -32.21 -45.00 21.46
CA SER B 323 -32.36 -46.21 22.29
C SER B 323 -32.35 -47.44 21.42
N PHE B 324 -33.09 -47.42 20.32
CA PHE B 324 -33.15 -48.62 19.45
C PHE B 324 -31.77 -48.89 18.87
N ALA B 325 -31.09 -47.84 18.45
CA ALA B 325 -29.74 -47.99 17.86
C ALA B 325 -28.79 -48.58 18.90
N ALA B 326 -28.90 -48.18 20.16
CA ALA B 326 -28.02 -48.75 21.20
C ALA B 326 -28.33 -50.23 21.36
N ARG B 327 -29.61 -50.59 21.33
CA ARG B 327 -30.05 -52.01 21.47
C ARG B 327 -29.52 -52.80 20.29
N LEU B 328 -29.57 -52.22 19.09
CA LEU B 328 -29.04 -52.86 17.86
C LEU B 328 -27.52 -52.98 17.93
N LYS B 329 -26.85 -52.07 18.63
CA LYS B 329 -25.37 -52.08 18.81
C LYS B 329 -24.90 -53.31 19.60
N GLU B 330 -25.74 -53.92 20.43
CA GLU B 330 -25.39 -55.11 21.21
C GLU B 330 -25.03 -56.27 20.28
N HIS B 331 -25.74 -56.40 19.16
CA HIS B 331 -25.60 -57.52 18.20
C HIS B 331 -24.56 -57.26 17.09
N ASP B 332 -23.75 -56.22 17.23
CA ASP B 332 -22.77 -55.81 16.22
C ASP B 332 -23.43 -55.18 15.01
N ILE B 333 -24.53 -54.47 15.20
CA ILE B 333 -25.25 -53.79 14.13
C ILE B 333 -25.32 -52.31 14.48
N ALA B 334 -24.76 -51.48 13.59
CA ALA B 334 -24.74 -50.04 13.79
C ALA B 334 -25.58 -49.36 12.71
N VAL B 335 -26.52 -48.51 13.13
CA VAL B 335 -27.39 -47.76 12.26
C VAL B 335 -27.44 -46.31 12.73
N LEU B 336 -28.14 -45.46 11.95
CA LEU B 336 -28.17 -44.02 12.20
C LEU B 336 -29.47 -43.61 12.89
N PRO B 337 -29.41 -42.95 14.03
CA PRO B 337 -30.62 -42.33 14.59
C PRO B 337 -31.04 -41.12 13.77
N GLY B 338 -32.35 -40.98 13.56
CA GLY B 338 -32.86 -40.01 12.62
C GLY B 338 -33.11 -38.61 13.13
N ARG B 339 -32.96 -38.38 14.45
CA ARG B 339 -33.30 -37.08 15.00
C ARG B 339 -32.38 -35.97 14.47
N PHE B 340 -31.13 -36.29 14.17
CA PHE B 340 -30.18 -35.27 13.75
C PHE B 340 -30.40 -34.80 12.32
N PHE B 341 -31.19 -35.52 11.52
CA PHE B 341 -31.55 -35.03 10.20
C PHE B 341 -32.47 -33.82 10.29
N TYR B 342 -33.23 -33.71 11.38
CA TYR B 342 -34.08 -32.54 11.62
C TYR B 342 -33.30 -31.60 12.54
N TRP B 343 -32.32 -30.92 11.95
CA TRP B 343 -31.35 -30.14 12.72
C TRP B 343 -32.02 -29.00 13.50
N ASN B 344 -33.14 -28.48 12.99
CA ASN B 344 -33.86 -27.40 13.67
C ASN B 344 -34.94 -27.91 14.62
N SER B 345 -35.24 -29.19 14.59
CA SER B 345 -36.29 -29.68 15.51
C SER B 345 -36.06 -31.15 15.88
N LYS B 346 -34.91 -31.48 16.45
CA LYS B 346 -34.57 -32.89 16.76
C LYS B 346 -35.58 -33.49 17.73
N SER B 347 -36.02 -32.71 18.72
CA SER B 347 -36.89 -33.21 19.81
C SER B 347 -38.19 -33.78 19.25
N GLN B 348 -38.71 -33.19 18.17
CA GLN B 348 -39.98 -33.67 17.59
C GLN B 348 -39.76 -34.82 16.62
N HIS B 349 -38.52 -35.22 16.32
CA HIS B 349 -38.36 -36.29 15.31
C HIS B 349 -37.42 -37.37 15.82
N THR B 350 -37.89 -38.16 16.77
CA THR B 350 -37.08 -39.23 17.39
C THR B 350 -37.63 -40.59 16.99
N GLN B 351 -38.53 -40.61 16.01
CA GLN B 351 -39.21 -41.88 15.64
C GLN B 351 -38.63 -42.57 14.40
N PHE B 352 -37.50 -42.13 13.83
CA PHE B 352 -37.04 -42.80 12.60
C PHE B 352 -35.62 -43.33 12.71
N ILE B 353 -35.31 -44.27 11.85
CA ILE B 353 -33.95 -44.86 11.79
C ILE B 353 -33.53 -44.93 10.32
N ARG B 354 -32.22 -44.91 10.06
CA ARG B 354 -31.70 -44.95 8.67
C ARG B 354 -30.70 -46.08 8.51
N VAL B 355 -30.85 -46.88 7.45
CA VAL B 355 -29.92 -48.02 7.18
C VAL B 355 -29.34 -47.83 5.79
N SER B 356 -28.03 -47.98 5.64
CA SER B 356 -27.34 -47.77 4.35
C SER B 356 -27.18 -49.09 3.61
N LEU B 357 -27.48 -49.08 2.31
CA LEU B 357 -27.46 -50.29 1.46
C LEU B 357 -26.16 -50.48 0.68
N MET B 358 -25.39 -49.43 0.45
CA MET B 358 -24.20 -49.61 -0.36
C MET B 358 -22.99 -49.94 0.51
N LYS B 359 -23.08 -51.08 1.16
CA LYS B 359 -22.02 -51.70 1.92
C LYS B 359 -21.45 -52.88 1.14
N PRO B 360 -20.32 -53.45 1.56
CA PRO B 360 -19.83 -54.67 0.91
C PRO B 360 -20.91 -55.73 0.82
N ASP B 361 -20.87 -56.49 -0.28
CA ASP B 361 -21.99 -57.38 -0.61
C ASP B 361 -22.21 -58.44 0.46
N ALA B 362 -21.15 -59.19 0.80
CA ALA B 362 -21.29 -60.24 1.80
C ALA B 362 -21.67 -59.67 3.16
N GLU B 363 -21.13 -58.50 3.50
CA GLU B 363 -21.46 -57.87 4.77
C GLU B 363 -22.90 -57.37 4.82
N PHE B 364 -23.45 -56.99 3.66
CA PHE B 364 -24.80 -56.45 3.62
C PHE B 364 -25.85 -57.55 3.77
N TYR B 365 -25.83 -58.54 2.87
CA TYR B 365 -26.86 -59.56 2.89
C TYR B 365 -26.83 -60.39 4.16
N GLU B 366 -25.63 -60.69 4.64
CA GLU B 366 -25.52 -61.42 5.92
C GLU B 366 -26.01 -60.48 7.02
N GLY B 367 -25.60 -59.22 6.94
CA GLY B 367 -25.98 -58.20 7.94
C GLY B 367 -27.46 -57.98 7.99
N ILE B 368 -28.15 -57.99 6.86
CA ILE B 368 -29.62 -57.78 6.91
C ILE B 368 -30.28 -58.95 7.64
N GLY B 369 -29.80 -60.16 7.40
CA GLY B 369 -30.39 -61.31 8.11
C GLY B 369 -30.15 -61.16 9.59
N LYS B 370 -28.95 -60.76 9.95
CA LYS B 370 -28.66 -60.52 11.36
C LYS B 370 -29.51 -59.38 11.92
N LEU B 371 -29.99 -58.49 11.06
CA LEU B 371 -30.90 -57.43 11.51
C LEU B 371 -32.26 -58.01 11.88
N LYS B 372 -32.83 -58.83 11.00
CA LYS B 372 -34.14 -59.40 11.27
C LYS B 372 -34.13 -60.25 12.53
N GLU B 373 -33.04 -61.01 12.75
CA GLU B 373 -32.94 -61.81 13.96
C GLU B 373 -32.82 -60.93 15.20
N ALA B 374 -32.08 -59.82 15.10
CA ALA B 374 -31.96 -58.91 16.24
C ALA B 374 -33.27 -58.17 16.48
N VAL B 375 -33.95 -57.74 15.40
CA VAL B 375 -35.22 -57.04 15.56
C VAL B 375 -36.27 -57.98 16.12
N THR B 376 -36.25 -59.25 15.71
CA THR B 376 -37.18 -60.22 16.27
C THR B 376 -36.86 -60.50 17.74
N ARG B 377 -35.58 -60.56 18.07
CA ARG B 377 -35.13 -60.86 19.46
C ARG B 377 -35.40 -59.69 20.40
N ILE B 378 -35.18 -58.47 19.93
CA ILE B 378 -35.37 -57.23 20.74
C ILE B 378 -36.84 -57.06 21.12
N LEU B 379 -37.75 -57.46 20.23
CA LEU B 379 -39.22 -57.30 20.40
C LEU B 379 -39.85 -58.44 21.20
N GLU B 380 -39.06 -59.44 21.58
CA GLU B 380 -39.62 -60.56 22.38
C GLU B 380 -39.45 -60.23 23.87
N TYR C 6 -9.12 24.74 13.87
CA TYR C 6 -7.85 24.85 13.10
C TYR C 6 -7.98 25.92 12.03
N ASP C 7 -6.97 26.78 11.92
CA ASP C 7 -6.96 27.85 10.89
C ASP C 7 -6.78 27.32 9.48
N SER C 8 -5.88 26.35 9.30
CA SER C 8 -5.56 25.89 7.95
C SER C 8 -4.94 24.51 7.98
N LEU C 9 -4.82 23.91 6.80
CA LEU C 9 -4.15 22.61 6.68
C LEU C 9 -2.72 22.75 7.13
N THR C 10 -2.09 23.88 6.84
CA THR C 10 -0.68 24.06 7.20
C THR C 10 -0.47 24.05 8.71
N GLU C 11 -1.40 24.64 9.46
CA GLU C 11 -1.31 24.56 10.91
C GLU C 11 -1.31 23.12 11.39
N VAL C 12 -2.17 22.28 10.79
CA VAL C 12 -2.17 20.86 11.14
C VAL C 12 -0.88 20.20 10.68
N GLU C 13 -0.36 20.62 9.53
CA GLU C 13 0.91 20.08 9.06
C GLU C 13 2.05 20.46 9.99
N VAL C 14 2.10 21.72 10.42
CA VAL C 14 3.13 22.15 11.36
C VAL C 14 3.02 21.39 12.67
N GLU C 15 1.80 21.19 13.15
CA GLU C 15 1.59 20.33 14.32
C GLU C 15 2.07 18.92 14.06
N GLY C 16 1.84 18.41 12.84
CA GLY C 16 2.25 17.06 12.51
C GLY C 16 3.74 16.85 12.47
N LEU C 17 4.53 17.93 12.37
CA LEU C 17 5.98 17.78 12.33
C LEU C 17 6.56 17.29 13.64
N SER C 18 5.77 17.33 14.73
CA SER C 18 6.24 16.93 16.04
C SER C 18 5.79 15.52 16.42
N TYR C 19 5.26 14.75 15.47
CA TYR C 19 4.73 13.42 15.74
C TYR C 19 5.63 12.34 15.14
N LEU C 20 5.66 11.19 15.81
CA LEU C 20 6.56 10.11 15.39
C LEU C 20 6.21 9.57 14.02
N TYR C 21 4.92 9.55 13.67
CA TYR C 21 4.44 9.05 12.39
C TYR C 21 3.64 10.17 11.74
N ASN C 22 4.30 10.97 10.89
CA ASN C 22 3.69 12.14 10.29
C ASN C 22 3.26 11.80 8.87
N PHE C 23 1.95 11.82 8.64
CA PHE C 23 1.39 11.63 7.30
C PHE C 23 0.57 12.85 6.87
N ALA C 24 0.80 14.00 7.49
CA ALA C 24 0.03 15.20 7.21
C ALA C 24 0.42 15.82 5.86
N ASP C 25 1.54 16.54 5.82
CA ASP C 25 1.93 17.21 4.60
C ASP C 25 2.42 16.21 3.56
N GLY C 26 2.25 16.57 2.29
CA GLY C 26 2.60 15.73 1.17
C GLY C 26 3.96 15.97 0.57
N HIS C 27 4.81 16.79 1.21
CA HIS C 27 6.13 17.08 0.67
C HIS C 27 6.94 15.79 0.51
N ALA C 28 7.68 15.72 -0.59
CA ALA C 28 8.48 14.53 -0.90
C ALA C 28 9.63 14.42 0.10
N TYR C 29 9.56 13.41 0.98
CA TYR C 29 10.59 13.22 2.00
C TYR C 29 11.03 11.76 2.11
N HIS C 30 10.76 10.94 1.10
CA HIS C 30 11.17 9.56 1.17
C HIS C 30 12.68 9.43 0.95
N ASP C 31 13.20 8.22 1.17
CA ASP C 31 14.62 7.98 1.04
C ASP C 31 15.06 8.04 -0.42
N ILE C 32 16.32 8.40 -0.63
CA ILE C 32 16.91 8.45 -1.96
C ILE C 32 17.06 7.03 -2.49
N ASN C 33 16.42 6.74 -3.63
CA ASN C 33 16.44 5.39 -4.17
C ASN C 33 17.80 5.08 -4.81
N GLU C 34 17.93 3.87 -5.34
CA GLU C 34 19.18 3.42 -5.93
C GLU C 34 19.55 4.15 -7.20
N HIS C 35 18.67 5.00 -7.72
CA HIS C 35 18.94 5.74 -8.95
C HIS C 35 19.35 7.18 -8.72
N TYR C 36 19.01 7.77 -7.57
CA TYR C 36 19.41 9.13 -7.24
C TYR C 36 20.62 9.18 -6.31
N VAL C 37 21.14 8.03 -5.89
CA VAL C 37 22.24 8.00 -4.92
C VAL C 37 23.45 8.74 -5.47
N ASP C 38 23.73 8.58 -6.77
CA ASP C 38 24.91 9.20 -7.36
C ASP C 38 24.83 10.73 -7.32
N ILE C 39 23.62 11.29 -7.31
CA ILE C 39 23.47 12.74 -7.22
C ILE C 39 23.98 13.23 -5.87
N ILE C 40 23.61 12.54 -4.80
CA ILE C 40 24.04 12.95 -3.46
C ILE C 40 25.51 12.59 -3.24
N ASN C 41 25.97 11.49 -3.82
CA ASN C 41 27.38 11.15 -3.73
C ASN C 41 28.28 12.17 -4.41
N ASN C 42 27.73 12.99 -5.30
CA ASN C 42 28.50 13.98 -6.04
C ASN C 42 27.83 15.34 -5.97
N LEU C 43 27.47 15.75 -4.75
CA LEU C 43 26.85 17.07 -4.56
C LEU C 43 27.80 18.20 -4.94
N GLN C 44 29.11 17.96 -4.90
CA GLN C 44 30.08 18.99 -5.23
C GLN C 44 29.99 19.37 -6.71
N ARG C 45 29.80 18.38 -7.59
CA ARG C 45 29.74 18.65 -9.02
C ARG C 45 28.60 19.61 -9.36
N TYR C 46 27.47 19.42 -8.69
CA TYR C 46 26.29 20.29 -8.85
C TYR C 46 26.58 21.66 -8.26
N TRP C 47 27.33 21.71 -7.17
CA TRP C 47 27.69 23.01 -6.58
C TRP C 47 28.57 23.77 -7.57
N GLN C 48 29.50 23.07 -8.19
CA GLN C 48 30.45 23.61 -9.20
C GLN C 48 29.70 24.00 -10.47
N GLU C 49 28.72 23.19 -10.90
CA GLU C 49 27.92 23.43 -12.12
C GLU C 49 27.19 24.76 -11.99
N GLY C 50 26.66 25.05 -10.81
CA GLY C 50 25.99 26.32 -10.51
C GLY C 50 26.96 27.49 -10.50
N LYS C 51 28.14 27.29 -9.95
CA LYS C 51 29.16 28.36 -9.91
C LYS C 51 29.65 28.69 -11.32
N ASP C 52 29.77 27.69 -12.16
CA ASP C 52 30.37 27.85 -13.52
C ASP C 52 29.38 28.39 -14.53
N HIS C 53 28.11 28.43 -14.21
CA HIS C 53 27.09 28.86 -15.19
C HIS C 53 26.40 30.14 -14.71
N SER C 54 25.94 30.95 -15.64
CA SER C 54 25.24 32.16 -15.24
C SER C 54 23.86 31.82 -14.67
N ILE C 55 23.31 32.78 -13.94
CA ILE C 55 21.93 32.64 -13.49
C ILE C 55 20.95 32.53 -14.65
N PRO C 56 21.02 33.38 -15.68
CA PRO C 56 20.12 33.16 -16.83
C PRO C 56 20.28 31.82 -17.51
N ASP C 57 21.52 31.32 -17.63
CA ASP C 57 21.71 30.06 -18.35
C ASP C 57 21.22 28.87 -17.55
N MET C 58 21.46 28.86 -16.23
CA MET C 58 20.97 27.76 -15.41
C MET C 58 19.45 27.70 -15.40
N GLU C 59 18.78 28.87 -15.45
CA GLU C 59 17.32 28.89 -15.51
C GLU C 59 16.81 28.20 -16.77
N LYS C 60 17.46 28.45 -17.91
CA LYS C 60 17.01 27.80 -19.14
C LYS C 60 17.43 26.34 -19.17
N ALA C 61 18.59 26.02 -18.61
CA ALA C 61 19.05 24.63 -18.59
C ALA C 61 18.08 23.76 -17.81
N PHE C 62 17.60 24.23 -16.66
CA PHE C 62 16.60 23.47 -15.92
C PHE C 62 15.27 23.44 -16.65
N LYS C 63 14.86 24.59 -17.22
CA LYS C 63 13.57 24.66 -17.91
C LYS C 63 13.52 23.70 -19.08
N ASN C 64 14.57 23.64 -19.89
CA ASN C 64 14.58 22.77 -21.06
C ASN C 64 14.86 21.32 -20.71
N GLN C 65 15.56 21.08 -19.60
CA GLN C 65 15.68 19.70 -19.12
C GLN C 65 14.32 19.16 -18.70
N PHE C 66 13.53 19.97 -17.98
CA PHE C 66 12.18 19.57 -17.64
C PHE C 66 11.32 19.43 -18.90
N ALA C 67 11.49 20.33 -19.87
CA ALA C 67 10.74 20.23 -21.11
C ALA C 67 11.06 18.94 -21.86
N GLU C 68 12.31 18.48 -21.79
CA GLU C 68 12.64 17.18 -22.37
C GLU C 68 11.95 16.05 -21.62
N LEU C 69 11.87 16.16 -20.29
CA LEU C 69 11.18 15.14 -19.50
C LEU C 69 9.71 15.05 -19.88
N ILE C 70 9.03 16.19 -19.95
CA ILE C 70 7.60 16.20 -20.27
C ILE C 70 7.31 16.11 -21.76
N ASP C 71 8.34 16.15 -22.60
CA ASP C 71 8.20 16.11 -24.06
C ASP C 71 7.24 17.21 -24.53
N SER C 72 7.74 18.45 -24.44
CA SER C 72 6.98 19.64 -24.84
C SER C 72 7.95 20.64 -25.45
N SER C 73 8.00 20.70 -26.79
CA SER C 73 8.81 21.69 -27.46
C SER C 73 8.28 23.11 -27.26
N THR C 74 6.99 23.26 -26.95
CA THR C 74 6.45 24.58 -26.66
C THR C 74 7.13 25.18 -25.43
N LEU C 75 7.27 24.38 -24.37
CA LEU C 75 7.99 24.85 -23.19
C LEU C 75 9.47 25.05 -23.49
N HIS C 76 10.05 24.16 -24.30
CA HIS C 76 11.47 24.26 -24.60
C HIS C 76 11.82 25.57 -25.32
N SER C 77 10.91 26.09 -26.14
CA SER C 77 11.21 27.26 -26.95
C SER C 77 10.73 28.57 -26.33
N THR C 78 9.89 28.53 -25.30
CA THR C 78 9.42 29.77 -24.69
C THR C 78 10.45 30.28 -23.69
N ASN C 79 10.58 31.61 -23.61
CA ASN C 79 11.42 32.26 -22.62
C ASN C 79 10.63 33.22 -21.74
N HIS C 80 9.32 33.01 -21.64
CA HIS C 80 8.46 33.80 -20.76
C HIS C 80 8.21 32.98 -19.50
N PHE C 81 9.13 33.07 -18.55
CA PHE C 81 9.02 32.30 -17.32
C PHE C 81 9.90 32.92 -16.25
N SER C 82 9.63 32.51 -15.01
CA SER C 82 10.45 32.87 -13.85
C SER C 82 10.61 31.64 -12.98
N VAL C 83 11.65 31.64 -12.16
CA VAL C 83 11.96 30.53 -11.26
C VAL C 83 11.81 31.04 -9.84
N CYS C 84 10.84 30.46 -9.09
CA CYS C 84 10.67 30.75 -7.66
C CYS C 84 11.15 29.59 -6.80
N PRO C 85 11.59 29.87 -5.57
CA PRO C 85 12.04 28.78 -4.68
C PRO C 85 10.93 27.83 -4.28
N THR C 86 9.67 28.27 -4.25
CA THR C 86 8.55 27.41 -3.89
C THR C 86 7.40 27.64 -4.85
N ALA C 87 6.56 26.61 -5.00
CA ALA C 87 5.40 26.74 -5.88
C ALA C 87 4.36 27.69 -5.30
N SER C 88 4.23 27.75 -3.97
CA SER C 88 3.32 28.71 -3.37
C SER C 88 3.77 30.14 -3.60
N ASN C 89 5.09 30.38 -3.66
CA ASN C 89 5.58 31.69 -4.10
C ASN C 89 5.05 32.03 -5.49
N SER C 90 4.90 31.03 -6.36
CA SER C 90 4.36 31.28 -7.68
C SER C 90 2.86 31.58 -7.62
N ILE C 91 2.13 30.83 -6.80
CA ILE C 91 0.70 31.08 -6.66
C ILE C 91 0.44 32.47 -6.10
N ASP C 92 1.31 32.92 -5.19
CA ASP C 92 1.12 34.23 -4.56
C ASP C 92 1.33 35.36 -5.56
N ILE C 93 2.32 35.23 -6.45
CA ILE C 93 2.52 36.24 -7.48
C ILE C 93 1.37 36.21 -8.47
N VAL C 94 0.89 35.02 -8.82
CA VAL C 94 -0.30 34.90 -9.65
C VAL C 94 -1.50 35.52 -8.96
N ALA C 95 -1.62 35.30 -7.65
CA ALA C 95 -2.70 35.94 -6.89
C ALA C 95 -2.61 37.45 -6.97
N ALA C 96 -1.39 38.00 -6.85
CA ALA C 96 -1.23 39.45 -6.96
C ALA C 96 -1.53 39.94 -8.37
N TRP C 97 -1.20 39.14 -9.39
CA TRP C 97 -1.52 39.52 -10.77
C TRP C 97 -3.03 39.55 -10.98
N LEU C 98 -3.74 38.55 -10.47
CA LEU C 98 -5.19 38.50 -10.63
C LEU C 98 -5.85 39.71 -9.98
N HIS C 99 -5.40 40.10 -8.79
CA HIS C 99 -5.94 41.28 -8.14
C HIS C 99 -5.55 42.55 -8.89
N LYS C 100 -4.32 42.61 -9.40
CA LYS C 100 -3.86 43.81 -10.10
C LYS C 100 -4.64 44.03 -11.39
N GLU C 101 -4.90 42.95 -12.14
CA GLU C 101 -5.62 43.06 -13.40
C GLU C 101 -7.12 42.98 -13.25
N ASN C 102 -7.62 42.87 -12.01
CA ASN C 102 -9.05 42.87 -11.72
C ASN C 102 -9.77 41.71 -12.42
N LYS C 103 -9.38 40.50 -12.06
CA LYS C 103 -9.93 39.28 -12.64
C LYS C 103 -10.74 38.54 -11.58
N ARG C 104 -12.04 38.36 -11.84
CA ARG C 104 -12.87 37.53 -10.99
C ARG C 104 -12.53 36.06 -11.24
N THR C 105 -11.82 35.44 -10.30
CA THR C 105 -11.25 34.12 -10.49
C THR C 105 -12.14 33.05 -9.87
N ALA C 106 -12.50 32.05 -10.66
CA ALA C 106 -13.14 30.85 -10.14
C ALA C 106 -12.06 29.84 -9.77
N LEU C 107 -12.01 29.47 -8.49
CA LEU C 107 -11.01 28.55 -7.98
C LEU C 107 -11.59 27.15 -7.85
N ILE C 108 -10.80 26.16 -8.26
CA ILE C 108 -11.28 24.78 -8.23
C ILE C 108 -11.55 24.35 -6.78
N GLU C 109 -12.57 23.49 -6.62
CA GLU C 109 -12.93 22.92 -5.33
C GLU C 109 -13.23 21.45 -5.58
N PRO C 110 -12.58 20.53 -4.84
CA PRO C 110 -11.64 20.87 -3.77
C PRO C 110 -10.25 21.23 -4.28
N ALA C 111 -9.50 21.91 -3.43
CA ALA C 111 -8.11 22.29 -3.74
C ALA C 111 -7.31 22.41 -2.45
N PHE C 112 -6.00 22.49 -2.52
CA PHE C 112 -5.27 22.68 -1.24
C PHE C 112 -5.60 24.08 -0.73
N ASP C 113 -5.98 24.16 0.53
CA ASP C 113 -6.53 25.40 1.12
C ASP C 113 -5.65 26.63 0.94
N ASN C 114 -4.35 26.49 1.02
CA ASN C 114 -3.42 27.64 0.89
C ASN C 114 -3.63 28.40 -0.41
N LEU C 115 -4.01 27.72 -1.48
CA LEU C 115 -4.33 28.41 -2.73
C LEU C 115 -5.45 29.41 -2.51
N TYR C 116 -6.53 28.97 -1.86
CA TYR C 116 -7.63 29.88 -1.55
C TYR C 116 -7.18 30.98 -0.60
N LEU C 117 -6.38 30.62 0.41
CA LEU C 117 -5.92 31.61 1.38
C LEU C 117 -5.04 32.67 0.72
N LEU C 118 -4.14 32.26 -0.18
CA LEU C 118 -3.28 33.23 -0.86
C LEU C 118 -4.10 34.12 -1.79
N LEU C 119 -5.10 33.56 -2.48
CA LEU C 119 -5.92 34.36 -3.37
C LEU C 119 -6.79 35.34 -2.60
N LYS C 120 -7.26 34.95 -1.41
CA LYS C 120 -8.05 35.86 -0.58
C LYS C 120 -7.18 36.91 0.06
N ARG C 121 -5.94 36.58 0.38
CA ARG C 121 -5.04 37.55 1.03
C ARG C 121 -4.64 38.64 0.07
N ARG C 122 -4.44 38.29 -1.18
CA ARG C 122 -4.12 39.29 -2.21
C ARG C 122 -5.34 40.07 -2.67
N GLY C 123 -6.53 39.78 -2.17
CA GLY C 123 -7.71 40.56 -2.49
C GLY C 123 -8.41 40.20 -3.78
N VAL C 124 -8.44 38.92 -4.14
CA VAL C 124 -9.07 38.46 -5.37
C VAL C 124 -10.52 38.09 -5.10
N ASP C 125 -11.40 38.44 -6.04
CA ASP C 125 -12.80 38.04 -5.99
C ASP C 125 -12.90 36.57 -6.40
N ILE C 126 -13.01 35.69 -5.41
CA ILE C 126 -12.92 34.24 -5.63
C ILE C 126 -14.32 33.65 -5.75
N SER C 127 -14.47 32.67 -6.65
CA SER C 127 -15.73 31.94 -6.85
C SER C 127 -15.43 30.45 -6.78
N ALA C 128 -16.25 29.66 -6.11
CA ALA C 128 -16.01 28.20 -6.05
C ALA C 128 -16.35 27.56 -7.38
N PHE C 129 -15.55 26.61 -7.81
CA PHE C 129 -15.79 25.94 -9.11
C PHE C 129 -15.65 24.43 -8.91
N ASP C 130 -16.66 23.64 -9.25
CA ASP C 130 -16.63 22.18 -9.02
C ASP C 130 -15.53 21.53 -9.84
N GLU C 131 -14.77 20.63 -9.23
CA GLU C 131 -13.68 19.93 -9.96
C GLU C 131 -14.27 19.07 -11.07
N LEU C 132 -15.42 18.45 -10.83
CA LEU C 132 -16.00 17.53 -11.81
C LEU C 132 -16.56 18.26 -13.03
N ALA C 133 -16.59 19.59 -13.02
CA ALA C 133 -16.98 20.34 -14.21
C ALA C 133 -15.95 20.20 -15.32
N LEU C 134 -14.71 19.84 -14.99
CA LEU C 134 -13.71 19.58 -16.01
C LEU C 134 -13.98 18.29 -16.77
N LYS C 135 -14.86 17.43 -16.26
CA LYS C 135 -15.25 16.20 -16.93
C LYS C 135 -16.74 16.18 -17.25
N ASN C 136 -17.38 17.33 -17.27
CA ASN C 136 -18.79 17.47 -17.67
C ASN C 136 -18.86 18.73 -18.54
N GLU C 137 -18.96 18.53 -19.86
CA GLU C 137 -18.93 19.66 -20.78
C GLU C 137 -20.08 20.64 -20.51
N HIS C 138 -21.23 20.13 -20.05
CA HIS C 138 -22.35 21.02 -19.75
C HIS C 138 -22.05 21.91 -18.54
N GLN C 139 -21.46 21.34 -17.50
CA GLN C 139 -21.14 22.12 -16.31
C GLN C 139 -20.13 23.23 -16.63
N LEU C 140 -19.08 22.89 -17.36
CA LEU C 140 -18.06 23.88 -17.70
C LEU C 140 -18.62 24.99 -18.58
N ALA C 141 -19.60 24.67 -19.42
CA ALA C 141 -20.16 25.67 -20.33
C ALA C 141 -20.94 26.74 -19.57
N GLN C 142 -21.73 26.32 -18.57
CA GLN C 142 -22.53 27.29 -17.82
C GLN C 142 -21.64 28.24 -17.02
N ILE C 143 -20.60 27.71 -16.38
CA ILE C 143 -19.71 28.57 -15.60
C ILE C 143 -18.94 29.52 -16.51
N VAL C 144 -18.41 29.01 -17.63
CA VAL C 144 -17.63 29.84 -18.53
C VAL C 144 -18.50 30.91 -19.18
N SER C 145 -19.75 30.58 -19.48
CA SER C 145 -20.67 31.52 -20.12
C SER C 145 -21.45 32.36 -19.12
N SER C 146 -21.24 32.16 -17.82
CA SER C 146 -22.02 32.89 -16.83
C SER C 146 -21.71 34.38 -16.85
N GLY C 147 -20.50 34.76 -17.28
CA GLY C 147 -20.10 36.14 -17.21
C GLY C 147 -19.70 36.63 -15.84
N ASP C 148 -19.76 35.77 -14.82
CA ASP C 148 -19.30 36.12 -13.49
C ASP C 148 -17.79 35.96 -13.34
N ILE C 149 -17.11 35.53 -14.39
CA ILE C 149 -15.76 34.98 -14.29
C ILE C 149 -14.89 35.60 -15.38
N ASP C 150 -13.67 35.99 -14.99
CA ASP C 150 -12.64 36.43 -15.93
C ASP C 150 -11.42 35.53 -15.95
N ALA C 151 -11.26 34.65 -14.97
CA ALA C 151 -10.11 33.76 -14.90
C ALA C 151 -10.53 32.46 -14.23
N LEU C 152 -9.78 31.40 -14.54
CA LEU C 152 -10.07 30.06 -14.05
C LEU C 152 -8.81 29.44 -13.49
N PHE C 153 -8.82 29.12 -12.19
CA PHE C 153 -7.66 28.59 -11.48
C PHE C 153 -7.89 27.10 -11.22
N LEU C 154 -6.99 26.26 -11.73
CA LEU C 154 -7.14 24.81 -11.67
C LEU C 154 -5.88 24.16 -11.14
N VAL C 155 -6.04 22.95 -10.63
CA VAL C 155 -4.93 22.08 -10.24
C VAL C 155 -5.12 20.77 -10.99
N ASN C 156 -4.19 20.44 -11.86
CA ASN C 156 -4.28 19.24 -12.69
C ASN C 156 -2.96 18.49 -12.63
N PRO C 157 -2.93 17.25 -12.10
CA PRO C 157 -4.08 16.57 -11.49
C PRO C 157 -4.43 17.13 -10.12
N ASN C 158 -5.70 17.05 -9.75
CA ASN C 158 -6.19 17.76 -8.58
C ASN C 158 -5.75 17.09 -7.29
N ASN C 159 -5.61 17.91 -6.25
CA ASN C 159 -5.20 17.50 -4.92
C ASN C 159 -6.38 17.68 -3.98
N PRO C 160 -6.85 16.64 -3.28
CA PRO C 160 -6.33 15.27 -3.23
C PRO C 160 -7.17 14.22 -3.96
N THR C 161 -8.06 14.66 -4.85
CA THR C 161 -8.95 13.72 -5.50
C THR C 161 -8.25 12.88 -6.56
N GLY C 162 -7.18 13.40 -7.14
CA GLY C 162 -6.54 12.71 -8.24
C GLY C 162 -7.22 12.90 -9.58
N LEU C 163 -8.22 13.78 -9.66
CA LEU C 163 -8.86 14.06 -10.93
C LEU C 163 -7.86 14.61 -11.93
N GLU C 164 -7.83 14.02 -13.12
CA GLU C 164 -6.86 14.38 -14.15
C GLU C 164 -7.61 14.57 -15.46
N MET C 165 -7.49 15.76 -16.04
CA MET C 165 -8.15 16.04 -17.31
C MET C 165 -7.51 15.22 -18.43
N THR C 166 -8.34 14.60 -19.26
CA THR C 166 -7.86 13.88 -20.45
C THR C 166 -7.54 14.91 -21.53
N GLU C 167 -6.88 14.51 -22.61
CA GLU C 167 -6.54 15.50 -23.65
C GLU C 167 -7.83 16.11 -24.22
N SER C 168 -8.86 15.31 -24.46
CA SER C 168 -10.11 15.90 -24.99
C SER C 168 -10.69 16.88 -23.98
N GLU C 169 -10.67 16.55 -22.69
CA GLU C 169 -11.21 17.46 -21.67
C GLU C 169 -10.37 18.74 -21.64
N PHE C 170 -9.07 18.61 -21.76
CA PHE C 170 -8.21 19.81 -21.72
C PHE C 170 -8.44 20.71 -22.93
N VAL C 171 -8.58 20.13 -24.12
CA VAL C 171 -8.79 20.92 -25.36
C VAL C 171 -10.12 21.68 -25.28
N TYR C 172 -11.14 21.02 -24.78
CA TYR C 172 -12.49 21.62 -24.65
C TYR C 172 -12.42 22.77 -23.64
N LEU C 173 -11.69 22.54 -22.56
CA LEU C 173 -11.55 23.55 -21.50
C LEU C 173 -10.85 24.79 -22.04
N VAL C 174 -9.81 24.63 -22.85
CA VAL C 174 -9.05 25.78 -23.34
C VAL C 174 -9.86 26.52 -24.41
N GLU C 175 -10.58 25.78 -25.26
CA GLU C 175 -11.38 26.41 -26.29
C GLU C 175 -12.52 27.24 -25.68
N GLN C 176 -13.15 26.72 -24.63
CA GLN C 176 -14.24 27.45 -23.99
C GLN C 176 -13.73 28.73 -23.31
N CYS C 177 -12.55 28.67 -22.70
CA CYS C 177 -11.98 29.85 -22.05
C CYS C 177 -11.56 30.91 -23.06
N LYS C 178 -11.03 30.48 -24.22
CA LYS C 178 -10.67 31.43 -25.26
C LYS C 178 -11.91 32.18 -25.78
N ALA C 179 -13.01 31.47 -25.98
CA ALA C 179 -14.23 32.07 -26.49
C ALA C 179 -14.80 33.11 -25.53
N HIS C 180 -14.40 33.09 -24.26
CA HIS C 180 -14.92 34.01 -23.26
C HIS C 180 -13.84 34.87 -22.61
N ASN C 181 -12.64 34.92 -23.22
CA ASN C 181 -11.53 35.75 -22.74
C ASN C 181 -11.13 35.36 -21.31
N ILE C 182 -11.16 34.07 -21.02
CA ILE C 182 -10.85 33.58 -19.68
C ILE C 182 -9.37 33.24 -19.60
N THR C 183 -8.71 33.73 -18.55
CA THR C 183 -7.32 33.38 -18.29
C THR C 183 -7.27 32.09 -17.47
N ILE C 184 -6.41 31.16 -17.87
CA ILE C 184 -6.29 29.86 -17.21
C ILE C 184 -5.05 29.87 -16.33
N LEU C 185 -5.24 29.61 -15.03
CA LEU C 185 -4.15 29.39 -14.10
C LEU C 185 -4.08 27.90 -13.83
N LEU C 186 -2.92 27.29 -14.09
CA LEU C 186 -2.78 25.84 -14.15
C LEU C 186 -1.71 25.38 -13.16
N ASP C 187 -2.13 24.86 -12.01
CA ASP C 187 -1.23 24.27 -11.03
C ASP C 187 -0.95 22.83 -11.44
N ARG C 188 0.27 22.56 -11.90
CA ARG C 188 0.68 21.24 -12.37
C ARG C 188 1.68 20.61 -11.40
N THR C 189 1.47 20.84 -10.10
CA THR C 189 2.41 20.35 -9.09
C THR C 189 2.60 18.84 -9.18
N PHE C 190 1.50 18.10 -9.40
CA PHE C 190 1.54 16.64 -9.45
C PHE C 190 1.56 16.10 -10.86
N ARG C 191 2.11 16.87 -11.82
CA ARG C 191 2.04 16.48 -13.24
C ARG C 191 2.67 15.11 -13.48
N ILE C 192 3.84 14.86 -12.87
CA ILE C 192 4.56 13.61 -13.15
C ILE C 192 3.74 12.40 -12.71
N TYR C 193 2.93 12.55 -11.66
CA TYR C 193 2.12 11.43 -11.19
C TYR C 193 0.94 11.14 -12.10
N GLY C 194 0.57 12.07 -12.98
CA GLY C 194 -0.55 11.85 -13.87
C GLY C 194 -0.31 10.75 -14.86
N LYS C 195 -1.41 10.20 -15.37
CA LYS C 195 -1.36 9.14 -16.38
C LYS C 195 -1.48 9.68 -17.81
N THR C 196 -1.84 10.94 -17.99
CA THR C 196 -1.91 11.54 -19.32
C THR C 196 -0.51 11.83 -19.86
N ASN C 197 -0.43 12.03 -21.18
CA ASN C 197 0.85 12.31 -21.85
C ASN C 197 0.57 13.09 -23.12
N PHE C 198 0.27 14.39 -22.97
CA PHE C 198 0.05 15.28 -24.10
C PHE C 198 0.64 16.64 -23.79
N ASP C 199 1.05 17.35 -24.83
CA ASP C 199 1.66 18.66 -24.69
C ASP C 199 0.61 19.70 -24.32
N ASP C 200 0.43 19.95 -23.02
CA ASP C 200 -0.52 20.96 -22.58
C ASP C 200 -0.04 22.38 -22.89
N TYR C 201 1.27 22.58 -23.05
CA TYR C 201 1.76 23.91 -23.40
C TYR C 201 1.42 24.27 -24.84
N GLN C 202 1.50 23.29 -25.75
CA GLN C 202 1.14 23.56 -27.14
C GLN C 202 -0.33 23.94 -27.25
N ILE C 203 -1.20 23.23 -26.53
CA ILE C 203 -2.62 23.53 -26.57
C ILE C 203 -2.90 24.92 -25.98
N LEU C 204 -2.05 25.37 -25.05
CA LEU C 204 -2.27 26.66 -24.42
C LEU C 204 -1.77 27.81 -25.29
N GLU C 205 -0.64 27.62 -25.99
CA GLU C 205 -0.09 28.73 -26.77
C GLU C 205 -0.77 28.84 -28.13
N GLN C 206 -1.07 27.70 -28.77
CA GLN C 206 -1.85 27.73 -30.00
C GLN C 206 -3.21 28.37 -29.76
N SER C 207 -3.71 28.30 -28.54
CA SER C 207 -4.96 28.97 -28.21
C SER C 207 -4.84 30.48 -28.27
N GLY C 208 -3.64 31.02 -28.02
CA GLY C 208 -3.47 32.44 -27.90
C GLY C 208 -3.97 33.04 -26.60
N ILE C 209 -4.60 32.25 -25.74
CA ILE C 209 -5.15 32.79 -24.50
C ILE C 209 -4.02 33.18 -23.55
N ASP C 210 -4.38 33.99 -22.55
CA ASP C 210 -3.48 34.27 -21.45
C ASP C 210 -3.57 33.16 -20.41
N TYR C 211 -2.41 32.76 -19.89
CA TYR C 211 -2.35 31.65 -18.95
C TYR C 211 -1.12 31.79 -18.07
N VAL C 212 -1.14 31.07 -16.96
CA VAL C 212 0.06 30.82 -16.16
C VAL C 212 0.05 29.34 -15.77
N VAL C 213 1.15 28.65 -16.03
CA VAL C 213 1.34 27.27 -15.60
C VAL C 213 2.39 27.25 -14.51
N ILE C 214 2.10 26.55 -13.43
CA ILE C 214 3.00 26.45 -12.28
C ILE C 214 3.48 25.01 -12.17
N GLU C 215 4.80 24.84 -12.10
CA GLU C 215 5.42 23.54 -11.90
C GLU C 215 6.05 23.51 -10.52
N ASP C 216 6.46 22.32 -10.09
CA ASP C 216 7.01 22.17 -8.76
C ASP C 216 7.75 20.84 -8.64
N THR C 217 8.86 20.86 -7.90
CA THR C 217 9.61 19.65 -7.60
C THR C 217 9.31 19.07 -6.23
N GLY C 218 8.70 19.85 -5.33
CA GLY C 218 8.53 19.45 -3.95
C GLY C 218 7.67 18.24 -3.62
N THR C 220 7.60 15.63 -5.74
CA THR C 220 8.08 14.56 -6.60
C THR C 220 9.45 14.03 -6.20
N TRP C 221 10.43 14.93 -6.08
CA TRP C 221 11.80 14.52 -5.80
C TRP C 221 12.20 14.96 -4.39
N PRO C 222 12.70 14.04 -3.58
CA PRO C 222 12.96 14.37 -2.16
C PRO C 222 14.27 15.12 -1.96
N THR C 223 14.22 16.44 -1.99
CA THR C 223 15.41 17.27 -1.83
C THR C 223 15.34 18.13 -0.57
N GLN C 224 14.70 17.60 0.48
CA GLN C 224 14.65 18.25 1.79
C GLN C 224 14.09 19.67 1.70
N ASP C 225 13.02 19.83 0.91
CA ASP C 225 12.33 21.11 0.73
C ASP C 225 13.22 22.16 0.08
N LEU C 226 14.33 21.76 -0.53
CA LEU C 226 15.07 22.63 -1.44
C LEU C 226 14.43 22.43 -2.81
N LYS C 227 13.62 23.41 -3.23
CA LYS C 227 12.72 23.24 -4.34
C LYS C 227 13.01 24.24 -5.45
N ILE C 228 12.46 23.94 -6.63
CA ILE C 228 12.43 24.85 -7.77
C ILE C 228 11.03 24.76 -8.36
N SER C 229 10.44 25.92 -8.68
CA SER C 229 9.09 25.96 -9.21
C SER C 229 9.08 26.83 -10.46
N LEU C 230 8.82 26.22 -11.62
CA LEU C 230 8.69 26.97 -12.85
C LEU C 230 7.38 27.73 -12.87
N MET C 231 7.47 28.98 -13.32
CA MET C 231 6.29 29.85 -13.50
C MET C 231 6.29 30.26 -14.97
N VAL C 232 5.48 29.60 -15.78
CA VAL C 232 5.44 29.84 -17.22
C VAL C 232 4.16 30.59 -17.55
N TYR C 233 4.26 31.61 -18.41
CA TYR C 233 3.12 32.46 -18.70
C TYR C 233 3.16 32.90 -20.15
N SER C 234 2.01 33.36 -20.64
CA SER C 234 1.87 33.79 -22.02
C SER C 234 2.56 35.15 -22.24
N GLU C 235 2.88 35.42 -23.50
CA GLU C 235 3.64 36.61 -23.85
C GLU C 235 2.88 37.88 -23.51
N ALA C 236 1.55 37.87 -23.67
CA ALA C 236 0.77 39.08 -23.49
C ALA C 236 0.76 39.57 -22.05
N ILE C 237 1.02 38.70 -21.08
CA ILE C 237 1.04 39.08 -19.67
C ILE C 237 2.44 38.95 -19.09
N SER C 238 3.41 38.61 -19.93
CA SER C 238 4.77 38.28 -19.44
C SER C 238 5.45 39.42 -18.70
N SER C 239 5.31 40.64 -19.17
CA SER C 239 6.09 41.74 -18.61
C SER C 239 5.57 42.15 -17.25
N THR C 240 4.25 42.09 -17.04
CA THR C 240 3.70 42.42 -15.73
C THR C 240 3.92 41.28 -14.74
N MET C 241 3.83 40.03 -15.22
CA MET C 241 4.22 38.90 -14.38
C MET C 241 5.65 39.04 -13.91
N ARG C 242 6.56 39.39 -14.83
CA ARG C 242 7.96 39.57 -14.45
C ARG C 242 8.12 40.72 -13.46
N LEU C 243 7.35 41.80 -13.65
CA LEU C 243 7.41 42.92 -12.73
C LEU C 243 7.07 42.47 -11.31
N LEU C 244 5.99 41.70 -11.16
CA LEU C 244 5.56 41.26 -9.84
C LEU C 244 6.57 40.28 -9.24
N TYR C 245 7.12 39.39 -10.07
CA TYR C 245 8.13 38.44 -9.59
C TYR C 245 9.36 39.17 -9.07
N GLU C 246 9.78 40.23 -9.75
CA GLU C 246 10.99 40.93 -9.34
C GLU C 246 10.80 41.74 -8.07
N GLU C 247 9.55 42.04 -7.69
CA GLU C 247 9.32 42.74 -6.43
C GLU C 247 9.75 41.90 -5.24
N ILE C 248 9.74 40.57 -5.39
CA ILE C 248 10.14 39.66 -4.32
C ILE C 248 11.52 39.11 -4.64
N PHE C 249 11.65 38.40 -5.75
CA PHE C 249 12.86 37.66 -6.08
C PHE C 249 13.66 38.34 -7.19
N LEU C 250 14.98 38.33 -7.04
CA LEU C 250 15.87 38.59 -8.15
C LEU C 250 16.17 37.31 -8.94
N CYS C 251 16.31 36.20 -8.23
CA CYS C 251 16.58 34.90 -8.84
C CYS C 251 16.31 33.84 -7.77
N SER C 252 16.45 32.59 -8.19
CA SER C 252 16.61 31.47 -7.27
C SER C 252 18.02 30.92 -7.40
N SER C 253 18.33 29.92 -6.58
CA SER C 253 19.71 29.49 -6.39
C SER C 253 20.20 28.59 -7.52
N ASN C 254 21.31 28.97 -8.15
CA ASN C 254 21.90 28.15 -9.20
C ASN C 254 22.25 26.75 -8.68
N PHE C 255 22.60 26.65 -7.40
CA PHE C 255 22.90 25.35 -6.81
C PHE C 255 21.65 24.46 -6.81
N ALA C 256 20.53 25.01 -6.38
CA ALA C 256 19.28 24.26 -6.40
C ALA C 256 18.89 23.91 -7.84
N LEU C 257 19.07 24.86 -8.77
CA LEU C 257 18.77 24.60 -10.17
C LEU C 257 19.63 23.46 -10.72
N ALA C 258 20.90 23.42 -10.34
CA ALA C 258 21.77 22.35 -10.81
C ALA C 258 21.42 21.01 -10.17
N LEU C 259 21.08 21.02 -8.88
CA LEU C 259 20.72 19.78 -8.19
C LEU C 259 19.47 19.16 -8.80
N LEU C 260 18.39 19.94 -8.88
CA LEU C 260 17.12 19.40 -9.37
C LEU C 260 17.18 19.08 -10.86
N LYS C 261 18.02 19.81 -11.62
CA LYS C 261 18.20 19.47 -13.03
C LYS C 261 18.69 18.04 -13.20
N GLN C 262 19.51 17.55 -12.27
CA GLN C 262 19.96 16.18 -12.35
C GLN C 262 18.87 15.21 -11.93
N PHE C 263 18.05 15.59 -10.95
CA PHE C 263 16.93 14.75 -10.56
C PHE C 263 15.95 14.59 -11.72
N VAL C 264 15.68 15.68 -12.44
CA VAL C 264 14.84 15.60 -13.64
C VAL C 264 15.52 14.75 -14.70
N ALA C 265 16.83 14.95 -14.91
CA ALA C 265 17.54 14.22 -15.95
C ALA C 265 17.63 12.73 -15.64
N VAL C 266 17.79 12.37 -14.36
CA VAL C 266 17.86 10.95 -14.01
C VAL C 266 16.48 10.30 -14.14
N THR C 267 15.42 11.04 -13.82
CA THR C 267 14.07 10.52 -14.00
C THR C 267 13.79 10.23 -15.47
N ALA C 268 14.25 11.12 -16.32
CA ALA C 268 14.05 10.98 -17.78
C ALA C 268 14.79 9.75 -18.31
N LYS C 269 16.01 9.54 -17.84
CA LYS C 269 16.86 8.43 -18.31
C LYS C 269 16.33 7.05 -17.90
N PHE C 270 16.00 6.85 -16.63
CA PHE C 270 15.53 5.51 -16.19
C PHE C 270 14.02 5.41 -16.24
N GLY C 271 13.34 6.53 -16.51
CA GLY C 271 11.87 6.55 -16.62
C GLY C 271 11.18 6.95 -15.31
N VAL C 272 9.95 7.44 -15.41
CA VAL C 272 9.21 7.88 -14.23
C VAL C 272 8.74 6.68 -13.42
N ASP C 273 8.50 5.54 -14.08
CA ASP C 273 8.10 4.34 -13.36
C ASP C 273 9.19 3.93 -12.38
N ALA C 274 10.37 3.59 -12.89
CA ALA C 274 11.45 3.06 -12.06
C ALA C 274 11.91 4.04 -11.00
N THR C 275 11.68 5.34 -11.19
CA THR C 275 12.19 6.33 -10.26
C THR C 275 11.12 6.98 -9.39
N ILE C 276 9.85 6.98 -9.81
CA ILE C 276 8.81 7.71 -9.09
C ILE C 276 7.59 6.83 -8.87
N LYS C 277 6.99 6.34 -9.96
CA LYS C 277 5.66 5.76 -9.86
C LYS C 277 5.67 4.38 -9.22
N ASN C 278 6.77 3.64 -9.33
CA ASN C 278 6.79 2.29 -8.79
C ASN C 278 6.75 2.30 -7.27
N GLU C 279 7.52 3.18 -6.63
CA GLU C 279 7.49 3.25 -5.17
C GLU C 279 6.15 3.76 -4.67
N VAL C 280 5.58 4.75 -5.36
CA VAL C 280 4.27 5.28 -4.98
C VAL C 280 3.22 4.17 -4.99
N ARG C 281 3.25 3.33 -6.03
CA ARG C 281 2.28 2.23 -6.12
C ARG C 281 2.51 1.20 -5.02
N ARG C 282 3.76 0.96 -4.65
CA ARG C 282 4.02 0.02 -3.56
C ARG C 282 3.47 0.53 -2.24
N ARG C 283 3.64 1.83 -1.98
CA ARG C 283 3.13 2.42 -0.76
C ARG C 283 1.61 2.52 -0.80
N SER C 284 1.01 2.67 -1.99
CA SER C 284 -0.44 2.71 -2.09
C SER C 284 -1.05 1.34 -1.84
N GLU C 285 -0.36 0.27 -2.28
CA GLU C 285 -0.85 -1.07 -1.99
C GLU C 285 -0.76 -1.42 -0.52
N THR C 286 0.15 -0.78 0.23
CA THR C 286 0.29 -1.09 1.64
C THR C 286 -0.91 -0.57 2.43
N ILE C 287 -1.24 0.72 2.29
CA ILE C 287 -2.36 1.31 3.00
C ILE C 287 -3.67 0.63 2.64
N ASN C 288 -3.85 0.30 1.36
CA ASN C 288 -5.04 -0.43 0.94
C ASN C 288 -5.13 -1.78 1.63
N ASP C 289 -4.03 -2.54 1.62
CA ASP C 289 -4.02 -3.83 2.30
C ASP C 289 -4.09 -3.69 3.81
N ALA C 290 -3.67 -2.55 4.35
CA ALA C 290 -3.81 -2.31 5.79
C ALA C 290 -5.24 -1.95 6.17
N LEU C 291 -5.90 -1.12 5.35
CA LEU C 291 -7.23 -0.61 5.65
C LEU C 291 -8.34 -1.40 4.97
N ALA C 292 -8.05 -2.62 4.50
CA ALA C 292 -9.06 -3.47 3.91
C ALA C 292 -9.85 -4.15 5.02
N GLY C 293 -11.17 -3.98 5.01
CA GLY C 293 -12.01 -4.54 6.04
C GLY C 293 -12.04 -3.75 7.33
N THR C 294 -12.04 -2.42 7.24
CA THR C 294 -12.05 -1.55 8.40
C THR C 294 -13.21 -0.57 8.43
N GLY C 295 -14.01 -0.51 7.38
CA GLY C 295 -14.97 0.56 7.21
C GLY C 295 -14.40 1.84 6.62
N LEU C 296 -13.07 1.95 6.56
CA LEU C 296 -12.42 3.08 5.92
C LEU C 296 -12.29 2.78 4.43
N LYS C 297 -13.00 3.56 3.60
CA LYS C 297 -13.02 3.35 2.16
C LYS C 297 -12.01 4.27 1.50
N VAL C 298 -11.08 3.68 0.75
CA VAL C 298 -10.07 4.45 0.04
C VAL C 298 -10.66 4.97 -1.27
N PHE C 299 -10.55 6.27 -1.48
CA PHE C 299 -11.08 6.91 -2.69
C PHE C 299 -10.37 6.36 -3.93
N ASP C 300 -11.16 5.83 -4.86
CA ASP C 300 -10.61 5.28 -6.09
C ASP C 300 -11.66 5.37 -7.19
N ASN C 301 -11.20 5.45 -8.43
CA ASN C 301 -12.09 5.54 -9.58
C ASN C 301 -11.65 4.58 -10.69
N LYS C 304 -9.16 8.58 -12.49
CA LYS C 304 -8.25 9.26 -11.58
C LYS C 304 -6.84 8.69 -11.66
N CYS C 305 -5.84 9.51 -11.36
CA CYS C 305 -4.47 9.05 -11.29
C CYS C 305 -4.10 8.69 -9.85
N GLN C 306 -2.89 8.22 -9.66
CA GLN C 306 -2.40 7.82 -8.33
C GLN C 306 -1.42 8.87 -7.83
N LEU C 307 -1.86 9.67 -6.87
CA LEU C 307 -1.02 10.68 -6.25
C LEU C 307 -0.18 10.08 -5.14
N PRO C 308 0.86 10.79 -4.68
CA PRO C 308 1.52 10.36 -3.45
C PRO C 308 0.70 10.78 -2.23
N LEU C 309 -0.64 10.67 -2.31
CA LEU C 309 -1.56 10.92 -1.21
C LEU C 309 -2.63 9.85 -1.27
N CYS C 310 -3.35 9.67 -0.16
CA CYS C 310 -4.44 8.70 -0.07
C CYS C 310 -5.66 9.36 0.57
N TRP C 311 -6.74 9.47 -0.20
CA TRP C 311 -7.99 10.08 0.22
C TRP C 311 -8.90 8.99 0.80
N ILE C 312 -9.26 9.11 2.08
CA ILE C 312 -9.88 8.02 2.82
C ILE C 312 -11.24 8.45 3.34
N ASP C 313 -12.28 7.72 2.95
CA ASP C 313 -13.62 7.91 3.49
C ASP C 313 -13.76 7.16 4.81
N ILE C 314 -14.09 7.88 5.88
CA ILE C 314 -14.17 7.29 7.21
C ILE C 314 -15.59 7.37 7.76
N SER C 315 -16.58 7.45 6.86
CA SER C 315 -17.97 7.58 7.31
C SER C 315 -18.40 6.39 8.15
N ALA C 316 -18.01 5.18 7.75
CA ALA C 316 -18.38 4.00 8.51
C ALA C 316 -17.74 3.97 9.90
N THR C 317 -16.70 4.77 10.13
CA THR C 317 -16.06 4.79 11.44
C THR C 317 -16.90 5.49 12.49
N GLY C 318 -17.90 6.26 12.09
CA GLY C 318 -18.72 7.02 13.00
C GLY C 318 -18.17 8.38 13.37
N TYR C 319 -16.85 8.53 13.40
CA TYR C 319 -16.23 9.81 13.68
C TYR C 319 -16.35 10.73 12.45
N ASP C 320 -16.06 12.00 12.66
CA ASP C 320 -15.85 12.94 11.58
C ASP C 320 -14.34 13.09 11.36
N ASP C 321 -13.97 13.96 10.42
CA ASP C 321 -12.57 14.06 10.01
C ASP C 321 -11.69 14.56 11.15
N VAL C 322 -12.12 15.60 11.86
CA VAL C 322 -11.26 16.22 12.87
C VAL C 322 -11.11 15.31 14.07
N SER C 323 -12.22 14.73 14.56
CA SER C 323 -12.14 13.94 15.79
C SER C 323 -11.40 12.62 15.56
N PHE C 324 -11.61 11.98 14.41
CA PHE C 324 -10.84 10.77 14.13
C PHE C 324 -9.36 11.09 13.95
N ALA C 325 -9.04 12.27 13.42
CA ALA C 325 -7.65 12.73 13.39
C ALA C 325 -7.12 12.92 14.80
N ALA C 326 -7.92 13.54 15.67
CA ALA C 326 -7.52 13.71 17.07
C ALA C 326 -7.33 12.36 17.74
N ARG C 327 -8.12 11.35 17.35
CA ARG C 327 -7.94 10.02 17.91
C ARG C 327 -6.62 9.41 17.46
N LEU C 328 -6.25 9.60 16.19
CA LEU C 328 -4.99 9.06 15.69
C LEU C 328 -3.79 9.72 16.35
N LYS C 329 -3.96 10.98 16.71
CA LYS C 329 -2.86 11.76 17.30
C LYS C 329 -2.44 11.13 18.63
N GLU C 330 -3.41 10.61 19.36
CA GLU C 330 -3.12 10.01 20.66
C GLU C 330 -2.27 8.76 20.54
N HIS C 331 -2.24 8.13 19.37
CA HIS C 331 -1.33 7.02 19.09
C HIS C 331 -0.14 7.47 18.26
N ASP C 332 0.19 8.76 18.30
CA ASP C 332 1.37 9.32 17.65
C ASP C 332 1.30 9.18 16.12
N ILE C 333 0.14 9.47 15.55
CA ILE C 333 -0.04 9.45 14.11
C ILE C 333 -0.76 10.72 13.70
N ALA C 334 -0.14 11.49 12.81
CA ALA C 334 -0.68 12.76 12.35
C ALA C 334 -1.19 12.59 10.93
N VAL C 335 -2.47 12.90 10.72
CA VAL C 335 -3.10 12.86 9.41
C VAL C 335 -3.83 14.18 9.20
N LEU C 336 -4.21 14.42 7.96
CA LEU C 336 -4.88 15.68 7.60
C LEU C 336 -6.38 15.49 7.53
N PRO C 337 -7.17 16.25 8.31
CA PRO C 337 -8.62 16.26 8.14
C PRO C 337 -9.00 16.89 6.80
N GLY C 338 -9.97 16.29 6.12
CA GLY C 338 -10.21 16.62 4.74
C GLY C 338 -11.18 17.74 4.45
N ARG C 339 -11.87 18.27 5.45
CA ARG C 339 -12.88 19.29 5.19
C ARG C 339 -12.27 20.58 4.66
N PHE C 340 -11.01 20.85 5.00
CA PHE C 340 -10.38 22.09 4.56
C PHE C 340 -10.12 22.11 3.06
N PHE C 341 -10.05 20.95 2.41
CA PHE C 341 -9.86 20.94 0.96
C PHE C 341 -11.07 21.48 0.24
N TYR C 342 -12.27 21.24 0.77
CA TYR C 342 -13.49 21.84 0.25
C TYR C 342 -13.69 23.20 0.93
N TRP C 343 -12.85 24.15 0.49
CA TRP C 343 -12.68 25.42 1.19
C TRP C 343 -13.93 26.29 1.18
N ASN C 344 -14.88 26.04 0.27
CA ASN C 344 -16.11 26.80 0.20
C ASN C 344 -17.29 26.07 0.82
N SER C 345 -17.08 24.85 1.31
CA SER C 345 -18.18 24.06 1.87
C SER C 345 -17.63 23.04 2.86
N LYS C 346 -16.86 23.51 3.85
CA LYS C 346 -16.13 22.60 4.72
C LYS C 346 -17.06 21.69 5.51
N SER C 347 -18.13 22.24 6.08
CA SER C 347 -19.01 21.44 6.94
C SER C 347 -19.82 20.42 6.15
N GLN C 348 -19.82 20.47 4.83
CA GLN C 348 -20.51 19.47 4.02
C GLN C 348 -19.59 18.33 3.58
N HIS C 349 -18.30 18.38 3.91
CA HIS C 349 -17.32 17.39 3.48
C HIS C 349 -16.42 17.03 4.66
N THR C 350 -17.00 16.43 5.69
CA THR C 350 -16.27 16.07 6.93
C THR C 350 -15.96 14.57 7.05
N GLN C 351 -16.26 13.78 6.03
CA GLN C 351 -16.11 12.33 6.11
C GLN C 351 -14.86 11.85 5.39
N PHE C 352 -13.76 12.61 5.43
CA PHE C 352 -12.58 12.24 4.69
C PHE C 352 -11.32 12.66 5.45
N ILE C 353 -10.27 11.83 5.34
CA ILE C 353 -8.94 12.18 5.80
C ILE C 353 -7.94 11.88 4.69
N ARG C 354 -6.83 12.60 4.72
CA ARG C 354 -5.77 12.42 3.71
C ARG C 354 -4.50 11.92 4.39
N VAL C 355 -3.89 10.91 3.80
CA VAL C 355 -2.67 10.31 4.32
C VAL C 355 -1.62 10.37 3.20
N SER C 356 -0.54 11.12 3.45
CA SER C 356 0.50 11.27 2.43
C SER C 356 1.45 10.07 2.46
N LEU C 357 2.07 9.78 1.31
CA LEU C 357 2.87 8.58 1.19
C LEU C 357 4.38 8.81 1.14
N MET C 358 4.89 9.89 0.52
CA MET C 358 6.34 10.04 0.33
C MET C 358 7.02 10.55 1.60
N LYS C 359 7.03 9.68 2.60
CA LYS C 359 7.71 9.88 3.87
C LYS C 359 8.93 8.97 3.97
N PRO C 360 9.82 9.21 4.93
CA PRO C 360 10.96 8.31 5.11
C PRO C 360 10.51 6.85 5.18
N ASP C 361 11.26 5.98 4.50
CA ASP C 361 10.79 4.62 4.24
C ASP C 361 10.53 3.86 5.55
N ALA C 362 11.50 3.87 6.45
CA ALA C 362 11.34 3.14 7.72
C ALA C 362 10.18 3.71 8.53
N GLU C 363 10.05 5.03 8.57
CA GLU C 363 8.97 5.64 9.34
C GLU C 363 7.61 5.41 8.69
N PHE C 364 7.58 5.22 7.37
CA PHE C 364 6.31 5.05 6.68
C PHE C 364 5.74 3.66 6.91
N TYR C 365 6.51 2.62 6.58
CA TYR C 365 6.00 1.25 6.68
C TYR C 365 5.69 0.88 8.12
N GLU C 366 6.53 1.32 9.06
CA GLU C 366 6.22 1.12 10.47
C GLU C 366 5.01 1.96 10.87
N GLY C 367 4.90 3.18 10.35
CA GLY C 367 3.76 4.01 10.67
C GLY C 367 2.46 3.48 10.12
N ILE C 368 2.49 2.92 8.91
CA ILE C 368 1.28 2.33 8.34
C ILE C 368 0.83 1.13 9.17
N GLY C 369 1.79 0.30 9.60
CA GLY C 369 1.44 -0.78 10.51
C GLY C 369 0.82 -0.28 11.80
N LYS C 370 1.38 0.80 12.35
CA LYS C 370 0.80 1.37 13.56
C LYS C 370 -0.55 2.00 13.28
N LEU C 371 -0.77 2.49 12.06
CA LEU C 371 -2.08 3.05 11.71
C LEU C 371 -3.14 1.96 11.65
N LYS C 372 -2.79 0.78 11.14
CA LYS C 372 -3.73 -0.33 11.15
C LYS C 372 -4.07 -0.77 12.57
N GLU C 373 -3.06 -0.88 13.43
CA GLU C 373 -3.31 -1.19 14.83
C GLU C 373 -4.09 -0.08 15.52
N ALA C 374 -3.92 1.17 15.08
CA ALA C 374 -4.67 2.27 15.67
C ALA C 374 -6.13 2.24 15.25
N VAL C 375 -6.40 1.97 13.97
CA VAL C 375 -7.78 1.88 13.50
C VAL C 375 -8.47 0.69 14.14
N THR C 376 -7.76 -0.42 14.31
CA THR C 376 -8.37 -1.61 14.91
C THR C 376 -8.78 -1.34 16.36
N ARG C 377 -7.90 -0.72 17.14
CA ARG C 377 -8.20 -0.45 18.54
C ARG C 377 -9.38 0.51 18.69
N ILE C 378 -9.63 1.35 17.68
CA ILE C 378 -10.75 2.29 17.72
C ILE C 378 -12.00 1.61 17.19
N LEU C 379 -12.40 0.52 17.83
CA LEU C 379 -13.58 -0.23 17.43
C LEU C 379 -14.08 -1.10 18.58
N TYR D 6 14.19 52.41 -16.47
CA TYR D 6 14.11 51.36 -15.46
C TYR D 6 13.03 51.67 -14.43
N ASP D 7 12.37 50.61 -13.94
CA ASP D 7 11.32 50.76 -12.95
C ASP D 7 11.73 50.36 -11.54
N SER D 8 12.80 49.58 -11.40
CA SER D 8 13.23 49.12 -10.08
C SER D 8 14.72 48.82 -10.12
N LEU D 9 15.31 48.74 -8.91
CA LEU D 9 16.70 48.32 -8.80
C LEU D 9 16.89 46.88 -9.23
N THR D 10 15.90 46.03 -8.94
CA THR D 10 16.01 44.63 -9.31
C THR D 10 16.05 44.46 -10.83
N GLU D 11 15.26 45.25 -11.55
CA GLU D 11 15.28 45.19 -13.01
C GLU D 11 16.68 45.48 -13.55
N VAL D 12 17.39 46.41 -12.93
CA VAL D 12 18.77 46.67 -13.33
C VAL D 12 19.66 45.49 -12.94
N GLU D 13 19.37 44.86 -11.81
CA GLU D 13 20.16 43.72 -11.36
C GLU D 13 19.98 42.52 -12.28
N VAL D 14 18.78 42.32 -12.82
CA VAL D 14 18.57 41.22 -13.76
C VAL D 14 19.37 41.45 -15.04
N GLU D 15 19.42 42.71 -15.48
CA GLU D 15 20.19 43.09 -16.70
C GLU D 15 21.68 42.83 -16.46
N GLY D 16 22.16 43.16 -15.26
CA GLY D 16 23.57 43.02 -14.95
C GLY D 16 24.08 41.59 -15.00
N LEU D 17 23.19 40.60 -14.84
CA LEU D 17 23.60 39.21 -14.89
C LEU D 17 24.15 38.83 -16.26
N SER D 18 23.81 39.56 -17.31
CA SER D 18 24.28 39.27 -18.66
C SER D 18 25.54 40.05 -19.03
N TYR D 19 26.18 40.70 -18.06
CA TYR D 19 27.40 41.47 -18.30
C TYR D 19 28.60 40.70 -17.76
N LEU D 20 29.76 41.02 -18.34
CA LEU D 20 31.07 40.41 -18.01
C LEU D 20 31.47 40.76 -16.59
N TYR D 21 31.18 41.97 -16.17
CA TYR D 21 31.50 42.47 -14.84
C TYR D 21 30.24 43.04 -14.23
N ASN D 22 29.61 42.26 -13.34
CA ASN D 22 28.34 42.64 -12.74
C ASN D 22 28.59 43.11 -11.31
N PHE D 23 28.53 44.42 -11.11
CA PHE D 23 28.64 45.03 -9.78
C PHE D 23 27.30 45.60 -9.32
N ALA D 24 26.19 45.04 -9.83
CA ALA D 24 24.86 45.59 -9.54
C ALA D 24 24.30 45.03 -8.24
N ASP D 25 23.87 43.76 -8.27
CA ASP D 25 23.24 43.17 -7.10
C ASP D 25 24.28 42.86 -6.03
N GLY D 26 23.90 43.12 -4.78
CA GLY D 26 24.76 42.97 -3.63
C GLY D 26 24.80 41.59 -3.01
N HIS D 27 24.20 40.59 -3.65
CA HIS D 27 24.20 39.24 -3.10
C HIS D 27 25.63 38.69 -3.04
N ALA D 28 25.99 38.13 -1.89
CA ALA D 28 27.33 37.59 -1.68
C ALA D 28 27.62 36.44 -2.65
N TYR D 29 28.52 36.66 -3.61
CA TYR D 29 28.86 35.62 -4.58
C TYR D 29 30.37 35.42 -4.68
N HIS D 30 31.13 35.88 -3.69
CA HIS D 30 32.57 35.69 -3.73
C HIS D 30 32.93 34.23 -3.51
N ASP D 31 34.19 33.90 -3.79
CA ASP D 31 34.65 32.53 -3.69
C ASP D 31 34.74 32.09 -2.24
N ILE D 32 34.75 30.78 -2.07
CA ILE D 32 34.80 30.19 -0.72
C ILE D 32 36.25 30.26 -0.22
N ASN D 33 36.49 30.97 0.89
CA ASN D 33 37.82 31.11 1.44
C ASN D 33 38.24 29.81 2.16
N GLU D 34 39.43 29.83 2.75
CA GLU D 34 39.95 28.64 3.41
C GLU D 34 39.12 28.24 4.63
N HIS D 35 38.33 29.16 5.17
CA HIS D 35 37.58 28.84 6.38
C HIS D 35 36.36 27.98 6.10
N TYR D 36 35.68 28.21 4.98
CA TYR D 36 34.47 27.48 4.66
C TYR D 36 34.70 26.35 3.67
N VAL D 37 35.92 26.12 3.21
CA VAL D 37 36.12 25.09 2.15
C VAL D 37 35.75 23.70 2.63
N ASP D 38 35.98 23.41 3.90
CA ASP D 38 35.58 22.09 4.39
C ASP D 38 34.08 21.90 4.35
N ILE D 39 33.30 22.99 4.36
CA ILE D 39 31.85 22.87 4.31
C ILE D 39 31.42 22.24 2.99
N ILE D 40 31.97 22.76 1.91
CA ILE D 40 31.71 22.26 0.54
C ILE D 40 32.27 20.85 0.37
N ASN D 41 33.47 20.62 0.86
CA ASN D 41 34.10 19.32 0.72
C ASN D 41 33.29 18.22 1.37
N ASN D 42 32.35 18.60 2.25
CA ASN D 42 31.48 17.63 2.96
C ASN D 42 30.00 18.02 2.86
N LEU D 43 29.57 18.47 1.69
CA LEU D 43 28.16 18.83 1.54
C LEU D 43 27.26 17.67 1.94
N GLN D 44 27.75 16.44 1.83
CA GLN D 44 26.97 15.28 2.24
C GLN D 44 26.76 15.25 3.75
N ARG D 45 27.72 15.79 4.49
CA ARG D 45 27.60 15.75 5.96
C ARG D 45 26.39 16.56 6.38
N TYR D 46 26.18 17.71 5.75
CA TYR D 46 25.04 18.56 6.07
C TYR D 46 23.78 18.15 5.34
N TRP D 47 23.89 17.48 4.20
CA TRP D 47 22.73 16.80 3.63
C TRP D 47 22.22 15.72 4.58
N GLN D 48 23.13 14.95 5.17
CA GLN D 48 22.72 13.91 6.11
C GLN D 48 22.20 14.51 7.42
N GLU D 49 22.84 15.59 7.89
CA GLU D 49 22.38 16.22 9.12
C GLU D 49 20.95 16.73 8.98
N GLY D 50 20.63 17.38 7.86
CA GLY D 50 19.27 17.84 7.63
C GLY D 50 18.27 16.70 7.59
N LYS D 51 18.66 15.54 7.08
CA LYS D 51 17.76 14.41 7.02
C LYS D 51 17.58 13.73 8.38
N ASP D 52 18.59 13.81 9.24
CA ASP D 52 18.59 13.12 10.53
C ASP D 52 17.94 13.93 11.64
N HIS D 53 17.29 15.02 11.31
CA HIS D 53 16.65 15.84 12.36
C HIS D 53 15.31 16.36 11.87
N SER D 54 14.37 16.56 12.78
CA SER D 54 13.06 17.08 12.43
C SER D 54 13.16 18.54 12.00
N ILE D 55 12.11 18.99 11.32
CA ILE D 55 12.06 20.39 10.87
C ILE D 55 12.03 21.35 12.05
N PRO D 56 11.18 21.18 13.08
CA PRO D 56 11.23 22.11 14.22
C PRO D 56 12.57 22.14 14.94
N ASP D 57 13.23 21.00 15.07
CA ASP D 57 14.54 21.01 15.73
C ASP D 57 15.56 21.76 14.89
N MET D 58 15.54 21.55 13.57
CA MET D 58 16.52 22.19 12.70
C MET D 58 16.31 23.70 12.64
N GLU D 59 15.06 24.13 12.71
CA GLU D 59 14.75 25.58 12.76
C GLU D 59 15.32 26.20 14.03
N LYS D 60 15.12 25.56 15.18
CA LYS D 60 15.65 26.07 16.46
C LYS D 60 17.19 25.98 16.49
N ALA D 61 17.74 24.92 15.94
CA ALA D 61 19.19 24.75 16.01
C ALA D 61 19.92 25.87 15.26
N PHE D 62 19.42 26.25 14.09
CA PHE D 62 20.02 27.37 13.37
C PHE D 62 19.79 28.68 14.12
N LYS D 63 18.58 28.89 14.63
CA LYS D 63 18.29 30.11 15.37
C LYS D 63 19.21 30.26 16.57
N ASN D 64 19.44 29.18 17.32
CA ASN D 64 20.34 29.25 18.46
C ASN D 64 21.79 29.40 18.02
N GLN D 65 22.17 28.77 16.92
CA GLN D 65 23.52 28.94 16.39
C GLN D 65 23.77 30.41 16.01
N PHE D 66 22.79 31.04 15.37
CA PHE D 66 22.91 32.46 15.05
C PHE D 66 22.95 33.30 16.33
N ALA D 67 22.08 32.97 17.30
CA ALA D 67 22.11 33.68 18.58
C ALA D 67 23.48 33.57 19.26
N GLU D 68 24.16 32.43 19.09
CA GLU D 68 25.50 32.30 19.65
C GLU D 68 26.50 33.19 18.92
N LEU D 69 26.35 33.32 17.61
CA LEU D 69 27.23 34.20 16.84
C LEU D 69 27.05 35.65 17.27
N ILE D 70 25.80 36.08 17.42
CA ILE D 70 25.59 37.52 17.79
C ILE D 70 25.55 37.67 19.30
N ASP D 71 25.68 36.57 20.03
CA ASP D 71 25.80 36.65 21.48
C ASP D 71 24.58 37.31 22.12
N SER D 72 23.40 36.84 21.72
CA SER D 72 22.13 37.36 22.21
C SER D 72 21.37 36.23 22.89
N SER D 73 21.24 36.31 24.22
CA SER D 73 20.50 35.27 24.95
C SER D 73 19.00 35.43 24.75
N THR D 74 18.53 36.63 24.48
CA THR D 74 17.08 36.84 24.26
C THR D 74 16.62 36.11 22.99
N LEU D 75 17.43 36.14 21.94
CA LEU D 75 17.03 35.41 20.73
C LEU D 75 17.05 33.92 21.05
N HIS D 76 18.05 33.47 21.80
CA HIS D 76 18.19 32.04 22.16
C HIS D 76 16.96 31.57 22.93
N SER D 77 16.45 32.38 23.84
CA SER D 77 15.25 32.04 24.63
C SER D 77 13.94 32.09 23.84
N THR D 78 13.83 32.99 22.86
CA THR D 78 12.52 33.16 22.19
C THR D 78 12.15 32.02 21.25
N ASN D 79 10.84 31.79 21.13
CA ASN D 79 10.31 30.76 20.21
C ASN D 79 9.31 31.36 19.23
N HIS D 80 9.10 32.68 19.23
CA HIS D 80 8.18 33.32 18.29
C HIS D 80 8.98 33.80 17.08
N PHE D 81 9.28 32.86 16.19
CA PHE D 81 10.06 33.14 15.01
C PHE D 81 9.69 32.13 13.92
N SER D 82 10.03 32.48 12.68
CA SER D 82 9.79 31.59 11.55
C SER D 82 10.95 31.71 10.56
N VAL D 83 11.06 30.71 9.70
CA VAL D 83 12.19 30.57 8.77
C VAL D 83 11.64 30.69 7.35
N CYS D 84 12.09 31.73 6.64
CA CYS D 84 11.74 31.92 5.24
C CYS D 84 12.96 31.62 4.37
N PRO D 85 12.74 31.17 3.12
CA PRO D 85 13.89 30.95 2.22
C PRO D 85 14.61 32.23 1.83
N THR D 86 13.93 33.36 1.76
CA THR D 86 14.57 34.63 1.44
C THR D 86 14.10 35.72 2.41
N ALA D 87 14.94 36.74 2.56
CA ALA D 87 14.62 37.83 3.47
C ALA D 87 13.48 38.70 2.94
N SER D 88 13.35 38.80 1.61
CA SER D 88 12.22 39.55 1.05
C SER D 88 10.90 38.82 1.26
N ASN D 89 10.92 37.48 1.27
CA ASN D 89 9.75 36.73 1.69
C ASN D 89 9.29 37.15 3.08
N SER D 90 10.25 37.34 3.99
CA SER D 90 9.92 37.86 5.32
C SER D 90 9.37 39.27 5.24
N ILE D 91 9.98 40.13 4.40
CA ILE D 91 9.53 41.50 4.26
C ILE D 91 8.09 41.53 3.76
N ASP D 92 7.76 40.66 2.80
CA ASP D 92 6.42 40.64 2.23
C ASP D 92 5.39 40.19 3.26
N ILE D 93 5.74 39.24 4.12
CA ILE D 93 4.83 38.79 5.17
C ILE D 93 4.57 39.93 6.16
N VAL D 94 5.61 40.70 6.47
CA VAL D 94 5.44 41.85 7.36
C VAL D 94 4.55 42.91 6.72
N ALA D 95 4.68 43.10 5.41
CA ALA D 95 3.83 44.08 4.73
C ALA D 95 2.37 43.63 4.74
N ALA D 96 2.13 42.32 4.60
CA ALA D 96 0.78 41.82 4.69
C ALA D 96 0.22 42.02 6.10
N TRP D 97 1.06 41.89 7.12
CA TRP D 97 0.62 42.13 8.49
C TRP D 97 0.28 43.60 8.70
N LEU D 98 1.13 44.50 8.21
CA LEU D 98 0.88 45.93 8.39
C LEU D 98 -0.45 46.35 7.75
N HIS D 99 -0.77 45.75 6.60
CA HIS D 99 -2.05 46.05 5.96
C HIS D 99 -3.20 45.44 6.76
N LYS D 100 -3.07 44.18 7.17
CA LYS D 100 -4.15 43.51 7.88
C LYS D 100 -4.51 44.23 9.17
N GLU D 101 -3.50 44.66 9.93
CA GLU D 101 -3.73 45.40 11.15
C GLU D 101 -3.94 46.90 10.91
N ASN D 102 -3.92 47.33 9.66
CA ASN D 102 -4.16 48.74 9.28
C ASN D 102 -3.25 49.68 10.06
N LYS D 103 -1.95 49.48 9.88
N LYS D 103 -1.95 49.48 9.89
CA LYS D 103 -0.93 50.27 10.56
CA LYS D 103 -0.93 50.27 10.56
C LYS D 103 -0.28 51.22 9.56
C LYS D 103 -0.29 51.22 9.56
N ARG D 104 -0.40 52.52 9.82
CA ARG D 104 0.24 53.54 8.98
C ARG D 104 1.75 53.44 9.17
N THR D 105 2.46 53.02 8.13
CA THR D 105 3.86 52.66 8.22
C THR D 105 4.73 53.69 7.51
N ALA D 106 5.74 54.19 8.22
CA ALA D 106 6.76 55.05 7.63
C ALA D 106 8.02 54.22 7.40
N LEU D 107 8.51 54.24 6.16
CA LEU D 107 9.65 53.43 5.77
C LEU D 107 10.87 54.32 5.57
N ILE D 108 12.04 53.81 6.01
CA ILE D 108 13.26 54.60 6.00
C ILE D 108 13.62 54.99 4.57
N GLU D 109 14.11 56.22 4.40
CA GLU D 109 14.60 56.71 3.11
C GLU D 109 16.02 57.25 3.32
N PRO D 110 17.00 56.79 2.54
CA PRO D 110 16.82 55.82 1.46
C PRO D 110 16.69 54.37 1.94
N ALA D 111 16.38 53.47 1.02
CA ALA D 111 16.25 52.04 1.29
C ALA D 111 16.21 51.32 -0.05
N PHE D 112 16.46 50.01 -0.02
CA PHE D 112 16.32 49.21 -1.23
C PHE D 112 14.86 49.24 -1.66
N ASP D 113 14.63 49.57 -2.94
CA ASP D 113 13.31 49.97 -3.37
C ASP D 113 12.27 48.86 -3.22
N ASN D 114 12.69 47.59 -3.32
CA ASN D 114 11.72 46.51 -3.19
C ASN D 114 11.07 46.48 -1.81
N LEU D 115 11.70 47.09 -0.81
CA LEU D 115 11.02 47.29 0.47
C LEU D 115 9.78 48.15 0.29
N TYR D 116 9.93 49.28 -0.39
CA TYR D 116 8.78 50.13 -0.67
C TYR D 116 7.84 49.48 -1.69
N LEU D 117 8.39 48.68 -2.61
CA LEU D 117 7.56 48.08 -3.63
C LEU D 117 6.64 47.01 -3.03
N LEU D 118 7.17 46.22 -2.11
CA LEU D 118 6.36 45.18 -1.48
C LEU D 118 5.32 45.79 -0.55
N LEU D 119 5.69 46.82 0.21
CA LEU D 119 4.72 47.46 1.08
C LEU D 119 3.59 48.11 0.28
N LYS D 120 3.96 48.70 -0.85
CA LYS D 120 2.95 49.32 -1.73
C LYS D 120 2.05 48.25 -2.31
N ARG D 121 2.63 47.13 -2.73
CA ARG D 121 1.86 46.05 -3.36
C ARG D 121 0.89 45.41 -2.37
N ARG D 122 1.20 45.46 -1.07
CA ARG D 122 0.33 44.92 -0.03
C ARG D 122 -0.74 45.92 0.42
N GLY D 123 -0.78 47.11 -0.16
CA GLY D 123 -1.80 48.07 0.21
C GLY D 123 -1.53 48.85 1.47
N VAL D 124 -0.27 48.95 1.90
CA VAL D 124 0.06 49.66 3.13
C VAL D 124 0.04 51.16 2.88
N ASP D 125 -0.49 51.92 3.85
CA ASP D 125 -0.41 53.37 3.83
C ASP D 125 1.01 53.77 4.20
N ILE D 126 1.80 54.15 3.19
CA ILE D 126 3.24 54.35 3.35
C ILE D 126 3.56 55.83 3.31
N SER D 127 4.40 56.26 4.24
CA SER D 127 4.98 57.60 4.23
C SER D 127 6.49 57.46 4.36
N ALA D 128 7.20 58.53 4.04
CA ALA D 128 8.65 58.55 4.12
C ALA D 128 9.11 59.27 5.37
N PHE D 129 10.33 58.96 5.79
CA PHE D 129 10.99 59.69 6.87
C PHE D 129 12.50 59.55 6.71
N ASP D 130 13.21 60.61 7.07
CA ASP D 130 14.64 60.69 6.85
C ASP D 130 15.40 59.62 7.64
N GLU D 131 16.43 59.06 7.02
CA GLU D 131 17.22 58.03 7.70
C GLU D 131 18.05 58.61 8.84
N LEU D 132 18.46 59.88 8.73
CA LEU D 132 19.26 60.50 9.78
C LEU D 132 18.44 60.87 11.01
N ALA D 133 17.11 60.71 10.96
CA ALA D 133 16.29 60.88 12.15
C ALA D 133 16.65 59.85 13.22
N LEU D 134 17.26 58.73 12.82
CA LEU D 134 17.73 57.73 13.78
C LEU D 134 18.95 58.20 14.57
N LYS D 135 19.52 59.36 14.23
CA LYS D 135 20.66 59.90 14.95
C LYS D 135 20.44 61.34 15.41
N ASN D 136 19.24 61.89 15.21
CA ASN D 136 18.87 63.20 15.72
C ASN D 136 17.65 63.01 16.61
N GLU D 137 17.82 63.10 17.91
CA GLU D 137 16.69 62.77 18.81
C GLU D 137 15.50 63.68 18.56
N HIS D 138 15.72 64.96 18.31
CA HIS D 138 14.55 65.84 18.10
C HIS D 138 13.78 65.45 16.84
N GLN D 139 14.50 65.12 15.79
CA GLN D 139 13.84 64.77 14.52
C GLN D 139 13.00 63.52 14.74
N LEU D 140 13.56 62.53 15.43
CA LEU D 140 12.80 61.29 15.68
C LEU D 140 11.59 61.59 16.58
N ALA D 141 11.73 62.33 17.66
CA ALA D 141 10.55 62.55 18.49
C ALA D 141 9.48 63.35 17.77
N GLN D 142 9.86 64.12 16.74
CA GLN D 142 8.87 64.86 15.96
C GLN D 142 8.11 63.94 15.02
N ILE D 143 8.73 62.82 14.63
CA ILE D 143 8.06 61.88 13.74
C ILE D 143 7.15 60.94 14.52
N VAL D 144 7.62 60.46 15.68
CA VAL D 144 6.87 59.45 16.43
C VAL D 144 5.65 60.08 17.11
N SER D 145 5.78 61.32 17.57
CA SER D 145 4.71 62.00 18.28
C SER D 145 3.75 62.73 17.36
N SER D 146 3.90 62.57 16.04
CA SER D 146 3.07 63.34 15.10
C SER D 146 1.63 62.84 15.10
N GLY D 147 1.40 61.58 15.42
CA GLY D 147 0.07 61.01 15.34
C GLY D 147 -0.34 60.54 13.96
N ASP D 148 0.59 60.51 13.00
CA ASP D 148 0.28 60.07 11.64
C ASP D 148 0.64 58.62 11.39
N ILE D 149 1.53 58.03 12.18
CA ILE D 149 2.03 56.68 11.90
C ILE D 149 1.71 55.76 13.06
N ASP D 150 1.60 54.47 12.74
CA ASP D 150 1.44 53.43 13.75
C ASP D 150 2.59 52.42 13.72
N ALA D 151 3.52 52.54 12.78
CA ALA D 151 4.62 51.59 12.65
C ALA D 151 5.79 52.28 11.98
N LEU D 152 6.98 51.74 12.22
CA LEU D 152 8.22 52.31 11.67
C LEU D 152 9.06 51.17 11.13
N PHE D 153 9.42 51.27 9.85
CA PHE D 153 10.16 50.23 9.14
C PHE D 153 11.58 50.74 8.85
N LEU D 154 12.58 50.06 9.38
CA LEU D 154 13.97 50.48 9.28
C LEU D 154 14.83 49.36 8.71
N VAL D 155 15.99 49.76 8.19
CA VAL D 155 17.07 48.83 7.86
C VAL D 155 18.28 49.28 8.65
N ASN D 156 18.86 48.36 9.43
CA ASN D 156 19.99 48.70 10.27
C ASN D 156 21.04 47.60 10.21
N PRO D 157 22.24 47.87 9.66
CA PRO D 157 22.61 49.14 9.02
C PRO D 157 21.91 49.33 7.68
N ASN D 158 21.75 50.57 7.26
CA ASN D 158 20.92 50.89 6.11
C ASN D 158 21.65 50.65 4.80
N ASN D 159 20.90 50.18 3.81
CA ASN D 159 21.40 50.03 2.44
C ASN D 159 21.01 51.27 1.66
N PRO D 160 21.98 51.99 1.03
CA PRO D 160 23.42 51.72 0.98
C PRO D 160 24.28 52.74 1.73
N THR D 161 23.66 53.56 2.56
CA THR D 161 24.42 54.58 3.30
C THR D 161 25.40 53.91 4.25
N GLY D 162 24.99 52.82 4.89
CA GLY D 162 25.87 52.17 5.87
C GLY D 162 25.65 52.77 7.25
N LEU D 163 24.64 53.61 7.38
CA LEU D 163 24.34 54.25 8.66
C LEU D 163 23.99 53.12 9.62
N GLU D 164 24.61 53.11 10.78
CA GLU D 164 24.42 52.07 11.81
C GLU D 164 24.00 52.77 13.09
N MET D 165 22.93 52.33 13.73
CA MET D 165 22.46 52.94 15.00
C MET D 165 23.39 52.55 16.16
N THR D 166 23.40 53.38 17.21
CA THR D 166 24.18 53.14 18.44
C THR D 166 23.29 52.51 19.50
N GLU D 167 23.90 51.95 20.55
CA GLU D 167 23.06 51.40 21.64
C GLU D 167 22.16 52.50 22.16
N SER D 168 22.66 53.73 22.26
CA SER D 168 21.87 54.87 22.78
C SER D 168 20.68 55.16 21.89
N GLU D 169 20.90 55.20 20.58
CA GLU D 169 19.82 55.52 19.61
C GLU D 169 18.78 54.40 19.57
N PHE D 170 19.23 53.16 19.61
CA PHE D 170 18.25 52.06 19.54
C PHE D 170 17.31 52.12 20.73
N VAL D 171 17.84 52.25 21.95
CA VAL D 171 16.97 52.32 23.12
C VAL D 171 16.13 53.59 23.07
N TYR D 172 16.67 54.69 22.56
CA TYR D 172 15.89 55.91 22.42
C TYR D 172 14.74 55.70 21.43
N LEU D 173 15.01 54.99 20.34
CA LEU D 173 13.96 54.70 19.37
C LEU D 173 12.96 53.69 19.90
N VAL D 174 13.45 52.70 20.63
CA VAL D 174 12.51 51.66 21.12
C VAL D 174 11.51 52.27 22.07
N GLU D 175 11.95 53.11 22.99
CA GLU D 175 11.04 53.70 23.95
C GLU D 175 10.29 54.90 23.40
N GLN D 176 10.78 55.51 22.30
CA GLN D 176 10.01 56.56 21.65
C GLN D 176 8.74 55.99 21.02
N CYS D 177 8.88 54.92 20.23
CA CYS D 177 7.71 54.24 19.68
C CYS D 177 6.87 53.58 20.76
N LYS D 178 7.51 53.17 21.87
CA LYS D 178 6.75 52.57 22.96
C LYS D 178 5.73 53.54 23.52
N ALA D 179 6.07 54.83 23.56
CA ALA D 179 5.17 55.83 24.11
C ALA D 179 4.03 56.20 23.18
N HIS D 180 4.15 55.89 21.89
CA HIS D 180 3.16 56.32 20.90
C HIS D 180 2.53 55.15 20.15
N ASN D 181 2.62 53.93 20.70
CA ASN D 181 2.01 52.74 20.11
C ASN D 181 2.44 52.54 18.66
N ILE D 182 3.74 52.36 18.47
CA ILE D 182 4.32 52.22 17.14
C ILE D 182 5.12 50.93 17.09
N THR D 183 4.80 50.06 16.14
CA THR D 183 5.53 48.82 15.93
C THR D 183 6.81 49.10 15.15
N ILE D 184 7.90 48.46 15.56
CA ILE D 184 9.21 48.65 14.96
C ILE D 184 9.53 47.45 14.07
N LEU D 185 9.63 47.69 12.76
CA LEU D 185 10.10 46.70 11.80
C LEU D 185 11.56 46.97 11.50
N LEU D 186 12.42 46.01 11.79
CA LEU D 186 13.87 46.22 11.80
C LEU D 186 14.54 45.22 10.88
N ASP D 187 15.14 45.72 9.80
CA ASP D 187 15.79 44.87 8.79
C ASP D 187 17.28 44.81 9.10
N ARG D 188 17.70 43.74 9.78
CA ARG D 188 19.10 43.51 10.13
C ARG D 188 19.83 42.68 9.08
N THR D 189 19.55 42.90 7.80
CA THR D 189 20.15 42.07 6.75
C THR D 189 21.67 42.19 6.74
N PHE D 190 22.19 43.39 7.01
CA PHE D 190 23.62 43.64 7.03
C PHE D 190 24.18 43.66 8.46
N ARG D 191 23.62 42.83 9.34
CA ARG D 191 24.01 42.89 10.75
C ARG D 191 25.47 42.53 10.96
N ILE D 192 25.97 41.53 10.22
CA ILE D 192 27.32 41.04 10.47
C ILE D 192 28.37 42.09 10.09
N TYR D 193 28.08 42.91 9.09
CA TYR D 193 29.02 43.95 8.67
C TYR D 193 29.05 45.15 9.60
N GLY D 194 28.19 45.19 10.62
CA GLY D 194 28.15 46.33 11.51
C GLY D 194 29.25 46.31 12.55
N LYS D 195 29.67 47.51 12.96
CA LYS D 195 30.71 47.65 13.97
C LYS D 195 30.18 47.53 15.39
N THR D 196 28.88 47.77 15.59
CA THR D 196 28.30 47.62 16.92
C THR D 196 28.11 46.15 17.25
N ASN D 197 27.80 45.88 18.52
CA ASN D 197 27.49 44.53 18.98
C ASN D 197 26.75 44.66 20.31
N PHE D 198 25.43 44.55 20.27
CA PHE D 198 24.61 44.61 21.46
C PHE D 198 23.29 43.89 21.17
N ASP D 199 22.72 43.28 22.21
CA ASP D 199 21.48 42.54 22.05
C ASP D 199 20.33 43.48 21.72
N ASP D 200 20.09 43.74 20.43
CA ASP D 200 18.91 44.49 20.05
C ASP D 200 17.63 43.74 20.39
N TYR D 201 17.71 42.42 20.35
CA TYR D 201 16.53 41.58 20.70
C TYR D 201 16.19 41.81 22.17
N GLN D 202 17.19 41.84 23.05
CA GLN D 202 16.87 42.05 24.48
C GLN D 202 16.25 43.43 24.68
N ILE D 203 16.82 44.43 24.02
CA ILE D 203 16.29 45.79 24.18
C ILE D 203 14.85 45.83 23.69
N LEU D 204 14.57 45.20 22.57
CA LEU D 204 13.17 45.17 22.09
C LEU D 204 12.32 44.31 23.03
N GLU D 205 12.84 43.16 23.45
CA GLU D 205 12.07 42.23 24.33
C GLU D 205 11.74 42.93 25.64
N GLN D 206 12.72 43.64 26.18
CA GLN D 206 12.53 44.37 27.46
C GLN D 206 11.48 45.47 27.29
N SER D 207 11.47 46.12 26.13
CA SER D 207 10.56 47.25 25.86
C SER D 207 9.10 46.84 25.94
N GLY D 208 8.75 45.67 25.45
CA GLY D 208 7.32 45.24 25.44
C GLY D 208 6.55 45.71 24.22
N ILE D 209 7.15 46.51 23.34
CA ILE D 209 6.45 46.94 22.10
C ILE D 209 6.43 45.79 21.11
N ASP D 210 5.43 45.80 20.23
CA ASP D 210 5.35 44.85 19.10
C ASP D 210 6.50 45.16 18.15
N TYR D 211 7.15 44.15 17.60
CA TYR D 211 8.29 44.32 16.71
C TYR D 211 8.42 43.10 15.81
N VAL D 212 9.11 43.28 14.70
CA VAL D 212 9.53 42.19 13.84
C VAL D 212 10.97 42.46 13.38
N VAL D 213 11.85 41.50 13.63
CA VAL D 213 13.24 41.59 13.21
C VAL D 213 13.47 40.57 12.09
N ILE D 214 14.20 41.00 11.06
CA ILE D 214 14.46 40.17 9.89
C ILE D 214 15.97 39.99 9.77
N GLU D 215 16.40 38.74 9.70
CA GLU D 215 17.79 38.39 9.45
C GLU D 215 17.94 37.86 8.03
N ASP D 216 19.19 37.60 7.64
CA ASP D 216 19.47 37.13 6.28
C ASP D 216 20.89 36.60 6.24
N THR D 217 21.13 35.67 5.30
CA THR D 217 22.46 35.16 5.03
C THR D 217 22.99 35.51 3.65
N GLY D 218 22.14 35.95 2.73
CA GLY D 218 22.52 36.15 1.35
C GLY D 218 23.49 37.28 1.07
N THR D 220 25.85 37.96 3.15
CA THR D 220 26.96 37.68 4.05
C THR D 220 27.74 36.42 3.68
N TRP D 221 27.04 35.30 3.54
CA TRP D 221 27.69 34.03 3.25
C TRP D 221 27.36 33.58 1.84
N PRO D 222 28.36 33.43 0.96
CA PRO D 222 28.07 33.08 -0.44
C PRO D 222 27.68 31.63 -0.62
N THR D 223 26.39 31.35 -0.70
CA THR D 223 25.87 30.01 -0.90
C THR D 223 25.01 29.94 -2.15
N GLN D 224 25.39 30.71 -3.17
CA GLN D 224 24.68 30.76 -4.45
C GLN D 224 23.20 31.08 -4.24
N ASP D 225 22.88 31.93 -3.31
CA ASP D 225 21.46 32.33 -3.11
C ASP D 225 20.65 31.22 -2.43
N LEU D 226 21.31 30.18 -1.92
CA LEU D 226 20.62 29.23 -1.06
C LEU D 226 20.64 29.85 0.34
N LYS D 227 19.52 30.45 0.75
CA LYS D 227 19.51 31.36 1.89
C LYS D 227 18.54 30.91 2.97
N ILE D 228 18.67 31.58 4.12
CA ILE D 228 17.80 31.40 5.27
C ILE D 228 17.58 32.77 5.91
N SER D 229 16.34 33.07 6.30
CA SER D 229 16.02 34.36 6.89
C SER D 229 15.14 34.15 8.12
N LEU D 230 15.70 34.45 9.29
CA LEU D 230 14.91 34.40 10.51
C LEU D 230 13.96 35.58 10.57
N MET D 231 12.72 35.32 10.97
CA MET D 231 11.70 36.35 11.15
C MET D 231 11.21 36.25 12.58
N VAL D 232 11.77 37.08 13.46
CA VAL D 232 11.48 37.04 14.89
C VAL D 232 10.51 38.17 15.23
N TYR D 233 9.52 37.85 16.05
CA TYR D 233 8.46 38.80 16.40
C TYR D 233 8.09 38.65 17.87
N SER D 234 7.39 39.63 18.39
CA SER D 234 6.93 39.63 19.76
C SER D 234 5.75 38.68 19.93
N GLU D 235 5.45 38.35 21.19
CA GLU D 235 4.41 37.37 21.48
C GLU D 235 3.02 37.89 21.14
N ALA D 236 2.78 39.21 21.32
CA ALA D 236 1.44 39.75 21.16
C ALA D 236 0.94 39.65 19.73
N ILE D 237 1.84 39.62 18.76
CA ILE D 237 1.49 39.54 17.34
C ILE D 237 1.95 38.23 16.72
N SER D 238 2.41 37.28 17.53
CA SER D 238 3.04 36.08 16.98
C SER D 238 2.04 35.21 16.23
N SER D 239 0.85 35.00 16.78
CA SER D 239 -0.10 34.07 16.17
C SER D 239 -0.56 34.56 14.81
N THR D 240 -0.75 35.88 14.66
CA THR D 240 -1.14 36.42 13.35
C THR D 240 0.02 36.41 12.37
N MET D 241 1.22 36.72 12.86
CA MET D 241 2.40 36.68 12.00
C MET D 241 2.59 35.24 11.54
N ARG D 242 2.51 34.28 12.46
CA ARG D 242 2.63 32.88 12.08
C ARG D 242 1.51 32.45 11.14
N LEU D 243 0.32 33.04 11.29
CA LEU D 243 -0.77 32.72 10.37
C LEU D 243 -0.44 33.16 8.96
N LEU D 244 0.09 34.37 8.80
CA LEU D 244 0.43 34.87 7.47
C LEU D 244 1.58 34.06 6.87
N TYR D 245 2.61 33.76 7.66
CA TYR D 245 3.70 32.94 7.17
C TYR D 245 3.21 31.59 6.68
N GLU D 246 2.29 30.97 7.41
CA GLU D 246 1.85 29.63 7.05
C GLU D 246 0.95 29.61 5.83
N GLU D 247 0.42 30.76 5.41
CA GLU D 247 -0.31 30.81 4.16
C GLU D 247 0.60 30.55 2.97
N ILE D 248 1.87 30.94 3.09
CA ILE D 248 2.85 30.76 2.03
C ILE D 248 3.72 29.53 2.26
N PHE D 249 4.34 29.42 3.44
CA PHE D 249 5.34 28.39 3.70
C PHE D 249 4.86 27.43 4.78
N LEU D 250 5.15 26.14 4.57
CA LEU D 250 5.14 25.18 5.67
C LEU D 250 6.47 25.20 6.41
N CYS D 251 7.57 25.22 5.67
CA CYS D 251 8.90 25.16 6.24
C CYS D 251 9.86 25.83 5.27
N SER D 252 11.10 25.98 5.72
CA SER D 252 12.21 26.12 4.79
C SER D 252 12.83 24.74 4.57
N SER D 253 14.08 24.71 4.11
CA SER D 253 14.74 23.45 3.78
C SER D 253 15.70 23.09 4.90
N ASN D 254 15.54 21.90 5.48
CA ASN D 254 16.45 21.47 6.53
C ASN D 254 17.87 21.43 6.01
N PHE D 255 18.06 21.07 4.74
CA PHE D 255 19.40 21.05 4.16
C PHE D 255 19.99 22.46 4.10
N ALA D 256 19.16 23.45 3.75
CA ALA D 256 19.63 24.83 3.77
C ALA D 256 19.96 25.29 5.18
N LEU D 257 19.14 24.89 6.15
CA LEU D 257 19.41 25.25 7.54
C LEU D 257 20.73 24.63 8.02
N ALA D 258 20.90 23.32 7.80
CA ALA D 258 22.11 22.65 8.26
C ALA D 258 23.34 23.15 7.53
N LEU D 259 23.20 23.52 6.26
CA LEU D 259 24.35 24.01 5.50
C LEU D 259 24.81 25.37 6.02
N LEU D 260 23.88 26.31 6.18
CA LEU D 260 24.23 27.65 6.63
C LEU D 260 24.49 27.71 8.13
N LYS D 261 24.02 26.73 8.90
CA LYS D 261 24.34 26.70 10.32
C LYS D 261 25.84 26.53 10.52
N GLN D 262 26.47 25.69 9.70
CA GLN D 262 27.92 25.54 9.78
C GLN D 262 28.64 26.80 9.31
N PHE D 263 28.08 27.51 8.33
CA PHE D 263 28.62 28.81 7.95
C PHE D 263 28.59 29.78 9.14
N VAL D 264 27.47 29.80 9.86
CA VAL D 264 27.38 30.64 11.06
C VAL D 264 28.31 30.11 12.14
N ALA D 265 28.50 28.79 12.22
CA ALA D 265 29.34 28.22 13.26
C ALA D 265 30.81 28.53 13.02
N VAL D 266 31.24 28.51 11.75
CA VAL D 266 32.64 28.79 11.44
C VAL D 266 32.96 30.26 11.69
N THR D 267 32.04 31.16 11.32
CA THR D 267 32.22 32.58 11.57
C THR D 267 32.39 32.87 13.06
N ALA D 268 31.68 32.14 13.90
CA ALA D 268 31.76 32.36 15.33
C ALA D 268 33.11 31.93 15.89
N LYS D 269 33.59 30.75 15.51
CA LYS D 269 34.81 30.21 16.12
C LYS D 269 36.05 30.94 15.63
N PHE D 270 36.08 31.33 14.35
CA PHE D 270 37.24 31.98 13.76
C PHE D 270 37.14 33.50 13.80
N GLY D 271 35.99 34.06 14.11
CA GLY D 271 35.82 35.49 14.16
C GLY D 271 35.27 36.05 12.85
N VAL D 272 34.49 37.12 12.96
CA VAL D 272 33.90 37.75 11.78
C VAL D 272 34.94 38.46 10.94
N ASP D 273 36.06 38.88 11.53
CA ASP D 273 37.07 39.62 10.80
C ASP D 273 37.84 38.72 9.84
N ALA D 274 38.43 37.63 10.36
CA ALA D 274 39.24 36.76 9.52
C ALA D 274 38.43 35.99 8.48
N THR D 275 37.10 35.98 8.59
CA THR D 275 36.27 35.20 7.67
C THR D 275 35.48 36.06 6.70
N ILE D 276 35.09 37.28 7.07
CA ILE D 276 34.24 38.08 6.20
C ILE D 276 34.78 39.50 6.04
N LYS D 277 35.15 40.12 7.16
CA LYS D 277 35.49 41.54 7.13
C LYS D 277 36.90 41.82 6.63
N ASN D 278 37.81 40.84 6.70
CA ASN D 278 39.16 41.08 6.19
C ASN D 278 39.17 41.20 4.67
N GLU D 279 38.25 40.51 3.99
CA GLU D 279 38.18 40.61 2.55
C GLU D 279 37.44 41.86 2.08
N VAL D 280 36.42 42.31 2.84
CA VAL D 280 35.68 43.50 2.46
C VAL D 280 36.59 44.73 2.54
N ARG D 281 37.52 44.74 3.49
CA ARG D 281 38.45 45.87 3.59
C ARG D 281 39.42 45.88 2.41
N ARG D 282 39.90 44.71 2.01
CA ARG D 282 40.77 44.63 0.83
C ARG D 282 40.01 45.06 -0.43
N ARG D 283 38.73 44.75 -0.51
CA ARG D 283 37.93 45.13 -1.67
C ARG D 283 37.49 46.58 -1.58
N SER D 284 37.22 47.09 -0.38
CA SER D 284 36.88 48.51 -0.23
C SER D 284 38.08 49.39 -0.52
N GLU D 285 39.26 49.01 -0.03
CA GLU D 285 40.46 49.79 -0.28
C GLU D 285 40.89 49.70 -1.74
N THR D 286 40.60 48.57 -2.40
CA THR D 286 40.99 48.41 -3.79
C THR D 286 40.22 49.36 -4.70
N ILE D 287 38.89 49.41 -4.55
CA ILE D 287 38.09 50.31 -5.38
C ILE D 287 38.33 51.76 -4.97
N ASN D 288 38.58 52.02 -3.69
CA ASN D 288 38.85 53.39 -3.26
C ASN D 288 40.15 53.90 -3.86
N ASP D 289 41.16 53.04 -3.98
CA ASP D 289 42.41 53.44 -4.61
C ASP D 289 42.25 53.57 -6.13
N ALA D 290 41.42 52.73 -6.73
CA ALA D 290 41.20 52.79 -8.17
C ALA D 290 40.39 54.00 -8.60
N LEU D 291 39.80 54.75 -7.67
CA LEU D 291 39.01 55.92 -7.98
C LEU D 291 39.64 57.19 -7.41
N ALA D 292 40.92 57.17 -7.09
CA ALA D 292 41.61 58.33 -6.55
C ALA D 292 41.79 59.40 -7.63
N GLY D 295 37.88 61.66 -10.08
CA GLY D 295 36.78 62.60 -10.14
C GLY D 295 35.53 62.16 -9.39
N LEU D 296 35.37 60.86 -9.21
CA LEU D 296 34.23 60.31 -8.49
C LEU D 296 34.59 60.12 -7.01
N LYS D 297 33.73 60.63 -6.14
CA LYS D 297 33.97 60.58 -4.70
C LYS D 297 33.16 59.46 -4.08
N VAL D 298 33.83 58.63 -3.28
CA VAL D 298 33.16 57.54 -2.57
C VAL D 298 32.53 58.10 -1.30
N PHE D 299 31.25 57.75 -1.09
CA PHE D 299 30.53 58.20 0.10
C PHE D 299 31.16 57.60 1.35
N ASP D 300 31.57 58.46 2.28
CA ASP D 300 32.26 58.01 3.48
C ASP D 300 32.02 59.02 4.60
N ASN D 301 32.02 58.52 5.83
CA ASN D 301 31.83 59.37 7.00
C ASN D 301 32.28 58.66 8.28
N LYS D 304 29.21 54.79 10.84
CA LYS D 304 29.89 54.77 9.51
C LYS D 304 30.35 53.34 9.20
N CYS D 305 29.42 52.41 9.25
CA CYS D 305 29.72 50.99 9.00
C CYS D 305 30.11 50.79 7.54
N GLN D 306 31.05 49.89 7.26
CA GLN D 306 31.51 49.64 5.88
C GLN D 306 30.84 48.40 5.30
N LEU D 307 29.72 48.62 4.62
CA LEU D 307 28.93 47.57 3.98
C LEU D 307 29.73 46.94 2.83
N PRO D 308 29.31 45.76 2.35
CA PRO D 308 29.96 45.17 1.18
C PRO D 308 29.58 45.86 -0.12
N LEU D 309 29.33 47.16 -0.05
CA LEU D 309 28.95 47.99 -1.19
C LEU D 309 29.80 49.25 -1.16
N CYS D 310 29.71 50.03 -2.24
CA CYS D 310 30.41 51.30 -2.35
C CYS D 310 29.44 52.34 -2.89
N TRP D 311 29.13 53.34 -2.07
CA TRP D 311 28.28 54.46 -2.45
C TRP D 311 29.16 55.56 -3.03
N ILE D 312 28.90 55.96 -4.27
CA ILE D 312 29.80 56.82 -5.03
C ILE D 312 29.04 58.06 -5.48
N ASP D 313 29.53 59.23 -5.10
CA ASP D 313 29.03 60.49 -5.64
C ASP D 313 29.72 60.80 -6.96
N ILE D 314 28.94 61.01 -8.01
CA ILE D 314 29.48 61.26 -9.33
C ILE D 314 28.96 62.58 -9.88
N SER D 315 28.54 63.47 -8.99
CA SER D 315 28.05 64.78 -9.43
C SER D 315 29.12 65.57 -10.18
N ALA D 316 30.40 65.35 -9.83
CA ALA D 316 31.48 66.04 -10.51
C ALA D 316 31.66 65.57 -11.95
N THR D 317 31.08 64.45 -12.31
CA THR D 317 31.24 63.95 -13.69
C THR D 317 30.28 64.64 -14.64
N GLY D 318 29.31 65.38 -14.12
CA GLY D 318 28.31 65.99 -14.96
C GLY D 318 27.26 65.05 -15.48
N TYR D 319 27.22 63.82 -14.97
CA TYR D 319 26.28 62.79 -15.41
C TYR D 319 25.27 62.52 -14.31
N ASP D 320 24.17 61.93 -14.76
CA ASP D 320 23.11 61.37 -13.90
C ASP D 320 23.38 59.88 -13.77
N ASP D 321 22.88 59.26 -12.71
CA ASP D 321 23.19 57.86 -12.45
C ASP D 321 22.86 56.97 -13.65
N VAL D 322 21.67 57.07 -14.18
CA VAL D 322 21.28 56.17 -15.30
C VAL D 322 22.15 56.41 -16.52
N SER D 323 22.40 57.65 -16.90
CA SER D 323 23.22 57.83 -18.12
C SER D 323 24.64 57.33 -17.89
N PHE D 324 25.23 57.59 -16.72
CA PHE D 324 26.60 57.10 -16.49
C PHE D 324 26.61 55.57 -16.49
N ALA D 325 25.67 54.95 -15.80
CA ALA D 325 25.61 53.49 -15.83
C ALA D 325 25.41 52.93 -17.24
N ALA D 326 24.77 53.69 -18.11
CA ALA D 326 24.59 53.19 -19.49
C ALA D 326 25.92 53.31 -20.22
N ARG D 327 26.69 54.34 -19.88
CA ARG D 327 28.02 54.57 -20.51
C ARG D 327 28.96 53.48 -20.04
N LEU D 328 28.82 53.05 -18.79
CA LEU D 328 29.67 51.98 -18.22
C LEU D 328 29.25 50.62 -18.78
N LYS D 329 28.02 50.48 -19.28
CA LYS D 329 27.54 49.21 -19.85
C LYS D 329 28.20 48.91 -21.20
N GLU D 330 28.81 49.89 -21.86
CA GLU D 330 29.47 49.66 -23.15
C GLU D 330 30.70 48.79 -22.93
N HIS D 331 31.38 48.99 -21.80
CA HIS D 331 32.63 48.26 -21.49
C HIS D 331 32.38 46.92 -20.77
N ASP D 332 31.14 46.46 -20.70
CA ASP D 332 30.78 45.24 -20.00
C ASP D 332 30.81 45.41 -18.49
N ILE D 333 30.49 46.61 -18.00
CA ILE D 333 30.47 46.91 -16.57
C ILE D 333 29.06 47.36 -16.20
N ALA D 334 28.42 46.62 -15.31
CA ALA D 334 27.05 46.90 -14.88
C ALA D 334 27.08 47.36 -13.43
N VAL D 335 26.51 48.54 -13.17
CA VAL D 335 26.43 49.12 -11.85
C VAL D 335 24.97 49.49 -11.56
N LEU D 336 24.75 50.06 -10.37
CA LEU D 336 23.41 50.35 -9.89
C LEU D 336 23.18 51.85 -9.85
N PRO D 337 22.21 52.39 -10.59
CA PRO D 337 21.83 53.80 -10.42
C PRO D 337 21.15 54.01 -9.09
N GLY D 338 21.55 55.08 -8.40
CA GLY D 338 21.14 55.30 -7.03
C GLY D 338 19.83 56.01 -6.82
N ARG D 339 19.13 56.44 -7.87
CA ARG D 339 17.91 57.22 -7.67
C ARG D 339 16.80 56.39 -7.07
N PHE D 340 16.76 55.08 -7.37
CA PHE D 340 15.67 54.25 -6.90
C PHE D 340 15.77 53.94 -5.41
N PHE D 341 16.95 54.13 -4.80
CA PHE D 341 17.07 54.00 -3.36
C PHE D 341 16.27 55.08 -2.63
N TYR D 342 16.03 56.21 -3.28
CA TYR D 342 15.19 57.28 -2.71
C TYR D 342 13.80 57.14 -3.34
N TRP D 343 13.08 56.13 -2.85
CA TRP D 343 11.81 55.72 -3.48
C TRP D 343 10.77 56.83 -3.46
N ASN D 344 10.83 57.72 -2.48
CA ASN D 344 9.87 58.82 -2.38
C ASN D 344 10.34 60.10 -3.06
N SER D 345 11.59 60.14 -3.53
CA SER D 345 12.17 61.37 -4.05
C SER D 345 13.26 61.05 -5.06
N LYS D 346 12.94 60.22 -6.05
CA LYS D 346 13.93 59.84 -7.06
C LYS D 346 14.49 61.06 -7.78
N SER D 347 13.63 62.01 -8.14
CA SER D 347 14.06 63.12 -8.99
C SER D 347 15.19 63.92 -8.35
N GLN D 348 15.20 64.02 -7.02
CA GLN D 348 16.17 64.86 -6.32
C GLN D 348 17.46 64.12 -5.98
N HIS D 349 17.60 62.85 -6.36
CA HIS D 349 18.77 62.05 -5.99
C HIS D 349 19.26 61.28 -7.22
N THR D 350 19.82 62.01 -8.17
CA THR D 350 20.36 61.43 -9.40
C THR D 350 21.88 61.41 -9.41
N GLN D 351 22.52 61.69 -8.27
CA GLN D 351 23.95 61.99 -8.22
C GLN D 351 24.78 60.86 -7.62
N PHE D 352 24.24 59.65 -7.52
CA PHE D 352 24.94 58.56 -6.84
C PHE D 352 24.92 57.30 -7.68
N ILE D 353 25.92 56.45 -7.42
CA ILE D 353 26.03 55.13 -8.04
C ILE D 353 26.45 54.15 -6.97
N ARG D 354 26.10 52.88 -7.17
CA ARG D 354 26.42 51.82 -6.22
C ARG D 354 27.16 50.70 -6.92
N VAL D 355 28.21 50.21 -6.28
CA VAL D 355 29.02 49.07 -6.81
C VAL D 355 29.10 48.00 -5.73
N SER D 356 28.93 46.75 -6.12
CA SER D 356 28.92 45.59 -5.19
C SER D 356 30.30 44.97 -5.13
N LEU D 357 30.78 44.69 -3.92
CA LEU D 357 32.14 44.14 -3.69
C LEU D 357 32.15 42.62 -3.53
N MET D 358 31.05 42.02 -3.13
CA MET D 358 31.08 40.58 -2.89
C MET D 358 30.73 39.79 -4.16
N LYS D 359 31.55 39.98 -5.16
CA LYS D 359 31.54 39.23 -6.41
C LYS D 359 32.65 38.20 -6.40
N PRO D 360 32.67 37.27 -7.35
CA PRO D 360 33.80 36.33 -7.45
C PRO D 360 35.13 37.06 -7.48
N ASP D 361 36.14 36.43 -6.88
CA ASP D 361 37.42 37.11 -6.63
C ASP D 361 38.06 37.57 -7.93
N ALA D 362 38.30 36.63 -8.85
CA ALA D 362 38.96 36.99 -10.11
C ALA D 362 38.14 37.98 -10.91
N GLU D 363 36.81 37.91 -10.83
CA GLU D 363 35.95 38.83 -11.57
C GLU D 363 35.94 40.22 -10.94
N PHE D 364 36.16 40.30 -9.62
CA PHE D 364 36.10 41.59 -8.94
C PHE D 364 37.36 42.42 -9.19
N TYR D 365 38.50 41.78 -8.94
CA TYR D 365 39.83 42.44 -9.08
C TYR D 365 40.04 42.87 -10.52
N GLU D 366 39.72 42.00 -11.46
CA GLU D 366 39.84 42.35 -12.89
C GLU D 366 38.83 43.46 -13.21
N GLY D 367 37.60 43.31 -12.72
CA GLY D 367 36.52 44.26 -12.99
C GLY D 367 36.84 45.63 -12.45
N ILE D 368 37.43 45.74 -11.28
CA ILE D 368 37.76 47.09 -10.77
C ILE D 368 38.80 47.75 -11.67
N GLY D 369 39.78 46.99 -12.12
CA GLY D 369 40.77 47.59 -13.02
C GLY D 369 40.10 48.02 -14.29
N LYS D 370 39.28 47.15 -14.84
CA LYS D 370 38.51 47.51 -16.03
C LYS D 370 37.60 48.69 -15.76
N LEU D 371 37.20 48.90 -14.50
CA LEU D 371 36.44 50.09 -14.14
C LEU D 371 37.27 51.35 -14.32
N LYS D 372 38.43 51.41 -13.65
CA LYS D 372 39.26 52.61 -13.71
C LYS D 372 39.63 52.96 -15.15
N GLU D 373 39.88 51.95 -15.98
CA GLU D 373 40.17 52.22 -17.39
C GLU D 373 38.95 52.80 -18.11
N ALA D 374 37.77 52.30 -17.79
CA ALA D 374 36.56 52.84 -18.40
C ALA D 374 36.24 54.23 -17.85
N VAL D 375 36.43 54.44 -16.57
CA VAL D 375 36.12 55.77 -15.99
C VAL D 375 37.14 56.77 -16.54
N THR D 376 38.36 56.31 -16.74
CA THR D 376 39.40 57.18 -17.31
C THR D 376 39.02 57.48 -18.76
N ARG D 377 38.59 56.48 -19.50
CA ARG D 377 38.22 56.65 -20.94
C ARG D 377 37.01 57.58 -21.12
N ILE D 378 35.99 57.44 -20.30
CA ILE D 378 34.72 58.22 -20.44
C ILE D 378 34.95 59.70 -20.12
N LEU D 379 35.93 60.01 -19.28
CA LEU D 379 36.23 61.39 -18.82
C LEU D 379 37.10 62.14 -19.83
N GLU D 380 37.57 61.45 -20.87
CA GLU D 380 38.41 62.11 -21.90
C GLU D 380 37.51 62.67 -23.00
#